data_4IVF
#
_entry.id   4IVF
#
_cell.length_a   90.598
_cell.length_b   112.476
_cell.length_c   194.384
_cell.angle_alpha   90.000
_cell.angle_beta   90.000
_cell.angle_gamma   90.000
#
_symmetry.space_group_name_H-M   'P 21 21 21'
#
loop_
_entity.id
_entity.type
_entity.pdbx_description
1 polymer 'Putative uncharacterized protein'
2 non-polymer GLUTATHIONE
3 non-polymer 'CITRIC ACID'
4 water water
#
_entity_poly.entity_id   1
_entity_poly.type   'polypeptide(L)'
_entity_poly.pdbx_seq_one_letter_code
;MVMALKPIKLYTAPTPNGYKISIFLEVLGLDYEVQKFDLSKNETKEDWFVKLNPNGRIPTINDPNFKGVDGGLVLSQTGA
ILQYLADTYDKEHKFSYPAGTAEYYKTLEYLIFQVAENGPIQGQANHFVFAAKEKVPYGINRYITDTKRIYGVFEDILSR
NKANDSKYLVGDRYTVADFALLGWAYRLSRLEIDINQWPLLGKWYDSLLKLPAVQKGFEVPPKNAENLYFQ
;
_entity_poly.pdbx_strand_id   A,B,C,D,E,F,G,H
#
# COMPACT_ATOMS: atom_id res chain seq x y z
N LEU A 5 13.04 -27.44 40.09
CA LEU A 5 12.57 -26.07 40.33
C LEU A 5 12.52 -25.73 41.82
N LYS A 6 13.32 -24.76 42.25
CA LYS A 6 13.35 -24.36 43.66
C LYS A 6 12.13 -23.50 44.04
N PRO A 7 11.72 -23.55 45.33
CA PRO A 7 10.64 -22.70 45.84
C PRO A 7 10.84 -21.21 45.53
N ILE A 8 9.80 -20.54 45.07
CA ILE A 8 9.87 -19.09 44.91
C ILE A 8 9.64 -18.42 46.27
N LYS A 9 10.42 -17.38 46.56
CA LYS A 9 10.32 -16.70 47.83
C LYS A 9 9.32 -15.53 47.73
N LEU A 10 8.24 -15.57 48.51
CA LEU A 10 7.21 -14.54 48.43
C LEU A 10 7.11 -13.65 49.68
N TYR A 11 7.43 -12.37 49.53
CA TYR A 11 7.27 -11.42 50.63
C TYR A 11 5.89 -10.82 50.49
N THR A 12 5.02 -11.08 51.46
CA THR A 12 3.61 -10.78 51.28
C THR A 12 2.86 -10.45 52.57
N ALA A 13 1.57 -10.17 52.40
CA ALA A 13 0.67 -9.84 53.49
C ALA A 13 -0.75 -10.18 53.00
N PRO A 14 -1.70 -10.39 53.93
CA PRO A 14 -3.04 -10.78 53.49
C PRO A 14 -3.84 -9.60 52.92
N THR A 15 -3.54 -9.25 51.67
CA THR A 15 -4.06 -8.03 51.05
C THR A 15 -4.33 -8.38 49.58
N PRO A 16 -5.14 -7.56 48.90
CA PRO A 16 -5.49 -7.83 47.49
C PRO A 16 -4.26 -7.98 46.61
N ASN A 17 -3.27 -7.11 46.82
CA ASN A 17 -2.02 -7.19 46.07
C ASN A 17 -1.23 -8.46 46.36
N GLY A 18 -1.19 -8.85 47.63
CA GLY A 18 -0.59 -10.12 47.98
C GLY A 18 -1.32 -11.29 47.34
N TYR A 19 -2.65 -11.27 47.41
CA TYR A 19 -3.48 -12.35 46.88
C TYR A 19 -3.29 -12.61 45.38
N LYS A 20 -3.02 -11.55 44.61
CA LYS A 20 -2.80 -11.68 43.18
C LYS A 20 -1.69 -12.69 42.94
N ILE A 21 -0.61 -12.54 43.69
CA ILE A 21 0.59 -13.31 43.47
C ILE A 21 0.43 -14.72 44.02
N SER A 22 -0.11 -14.84 45.22
CA SER A 22 -0.30 -16.17 45.78
C SER A 22 -1.27 -17.00 44.95
N ILE A 23 -2.32 -16.35 44.44
CA ILE A 23 -3.27 -17.03 43.56
C ILE A 23 -2.61 -17.50 42.26
N PHE A 24 -1.86 -16.62 41.61
CA PHE A 24 -1.27 -16.95 40.31
C PHE A 24 -0.19 -18.03 40.42
N LEU A 25 0.57 -18.01 41.52
CA LEU A 25 1.55 -19.07 41.82
C LEU A 25 0.87 -20.43 42.00
N GLU A 26 -0.27 -20.45 42.69
CA GLU A 26 -1.06 -21.68 42.84
C GLU A 26 -1.62 -22.14 41.49
N VAL A 27 -2.07 -21.19 40.67
CA VAL A 27 -2.65 -21.51 39.37
C VAL A 27 -1.62 -22.13 38.43
N LEU A 28 -0.39 -21.63 38.47
CA LEU A 28 0.71 -22.18 37.68
C LEU A 28 1.27 -23.46 38.30
N GLY A 29 0.83 -23.78 39.51
CA GLY A 29 1.31 -24.98 40.18
C GLY A 29 2.76 -24.85 40.63
N LEU A 30 3.16 -23.65 41.04
CA LEU A 30 4.56 -23.43 41.46
C LEU A 30 4.76 -23.57 42.97
N ASP A 31 5.86 -24.21 43.35
CA ASP A 31 6.23 -24.27 44.77
C ASP A 31 6.67 -22.89 45.18
N TYR A 32 6.34 -22.50 46.41
CA TYR A 32 6.82 -21.24 46.93
C TYR A 32 6.84 -21.21 48.45
N GLU A 33 7.68 -20.33 48.99
CA GLU A 33 7.71 -20.08 50.42
C GLU A 33 7.31 -18.63 50.66
N VAL A 34 6.71 -18.37 51.83
CA VAL A 34 6.30 -17.01 52.14
C VAL A 34 7.00 -16.43 53.36
N GLN A 35 7.26 -15.12 53.27
CA GLN A 35 7.56 -14.32 54.46
C GLN A 35 6.43 -13.30 54.65
N LYS A 36 5.85 -13.31 55.83
CA LYS A 36 4.62 -12.55 56.10
C LYS A 36 4.93 -11.23 56.83
N PHE A 37 4.22 -10.18 56.44
CA PHE A 37 4.45 -8.83 56.97
C PHE A 37 3.23 -8.28 57.69
N ASP A 38 3.46 -7.59 58.79
CA ASP A 38 2.40 -6.86 59.51
C ASP A 38 2.42 -5.40 59.07
N LEU A 39 1.47 -5.02 58.21
CA LEU A 39 1.45 -3.66 57.67
C LEU A 39 1.22 -2.61 58.76
N SER A 40 0.45 -2.97 59.78
CA SER A 40 0.14 -2.02 60.83
C SER A 40 1.37 -1.62 61.64
N LYS A 41 2.46 -2.37 61.49
CA LYS A 41 3.69 -2.07 62.21
C LYS A 41 4.79 -1.53 61.29
N ASN A 42 4.41 -1.08 60.10
CA ASN A 42 5.34 -0.42 59.19
C ASN A 42 6.55 -1.28 58.83
N GLU A 43 6.36 -2.60 58.84
CA GLU A 43 7.44 -3.56 58.63
C GLU A 43 8.00 -3.54 57.20
N THR A 44 7.21 -3.09 56.23
CA THR A 44 7.72 -3.02 54.86
C THR A 44 8.65 -1.82 54.65
N LYS A 45 8.75 -0.96 55.66
CA LYS A 45 9.65 0.20 55.57
C LYS A 45 10.98 -0.08 56.27
N GLU A 46 11.10 -1.28 56.86
CA GLU A 46 12.38 -1.69 57.46
C GLU A 46 13.51 -1.77 56.43
N ASP A 47 14.69 -1.36 56.88
CA ASP A 47 15.88 -1.19 56.06
C ASP A 47 16.21 -2.39 55.18
N TRP A 48 16.22 -3.58 55.78
CA TRP A 48 16.67 -4.78 55.09
C TRP A 48 15.72 -5.12 53.92
N PHE A 49 14.45 -4.76 54.08
CA PHE A 49 13.49 -5.07 53.03
C PHE A 49 13.50 -4.02 51.92
N VAL A 50 13.78 -2.77 52.28
CA VAL A 50 13.91 -1.69 51.31
C VAL A 50 15.12 -1.89 50.39
N LYS A 51 16.17 -2.53 50.90
CA LYS A 51 17.28 -2.96 50.03
C LYS A 51 16.81 -3.89 48.90
N LEU A 52 15.84 -4.75 49.19
CA LEU A 52 15.27 -5.63 48.17
C LEU A 52 14.29 -4.86 47.26
N ASN A 53 13.49 -3.99 47.88
CA ASN A 53 12.46 -3.21 47.18
C ASN A 53 12.47 -1.78 47.68
N PRO A 54 13.06 -0.86 46.89
CA PRO A 54 13.19 0.57 47.22
C PRO A 54 11.86 1.21 47.63
N ASN A 55 10.76 0.75 47.03
CA ASN A 55 9.44 1.32 47.31
C ASN A 55 8.94 0.95 48.70
N GLY A 56 9.47 -0.11 49.27
CA GLY A 56 9.11 -0.49 50.63
C GLY A 56 7.67 -0.94 50.84
N ARG A 57 7.16 -1.75 49.92
CA ARG A 57 5.79 -2.27 49.99
C ARG A 57 5.78 -3.73 49.53
N ILE A 58 4.84 -4.52 50.02
CA ILE A 58 4.66 -5.89 49.51
C ILE A 58 3.68 -5.82 48.34
N PRO A 59 3.68 -6.85 47.46
CA PRO A 59 4.52 -8.05 47.48
C PRO A 59 5.81 -7.89 46.68
N THR A 60 6.78 -8.74 46.98
CA THR A 60 8.03 -8.83 46.26
C THR A 60 8.29 -10.32 46.17
N ILE A 61 8.89 -10.79 45.08
CA ILE A 61 9.37 -12.16 44.99
C ILE A 61 10.89 -12.24 44.78
N ASN A 62 11.47 -13.36 45.21
CA ASN A 62 12.81 -13.74 44.81
C ASN A 62 12.73 -15.11 44.15
N ASP A 63 13.04 -15.17 42.86
CA ASP A 63 13.07 -16.43 42.16
C ASP A 63 14.50 -16.95 42.00
N PRO A 64 14.89 -17.93 42.84
CA PRO A 64 16.25 -18.50 42.79
C PRO A 64 16.53 -19.31 41.52
N ASN A 65 15.49 -19.62 40.74
CA ASN A 65 15.64 -20.33 39.47
C ASN A 65 16.15 -19.46 38.33
N PHE A 66 16.06 -18.14 38.51
CA PHE A 66 16.60 -17.20 37.53
C PHE A 66 18.13 -17.20 37.65
N LYS A 67 18.80 -17.83 36.69
CA LYS A 67 20.22 -18.16 36.86
C LYS A 67 21.16 -16.96 36.73
N GLY A 68 20.87 -16.07 35.78
CA GLY A 68 21.69 -14.91 35.52
C GLY A 68 21.91 -13.95 36.68
N VAL A 69 21.13 -14.06 37.74
CA VAL A 69 21.32 -13.19 38.90
C VAL A 69 21.70 -13.97 40.13
N ASP A 70 22.81 -13.58 40.74
CA ASP A 70 23.31 -14.26 41.92
C ASP A 70 22.39 -14.05 43.11
N GLY A 71 21.83 -15.14 43.63
CA GLY A 71 20.90 -15.04 44.73
C GLY A 71 19.46 -14.98 44.25
N GLY A 72 19.28 -15.01 42.93
CA GLY A 72 17.95 -15.01 42.35
C GLY A 72 17.44 -13.64 41.98
N LEU A 73 16.56 -13.59 40.97
CA LEU A 73 15.90 -12.36 40.57
C LEU A 73 14.98 -11.85 41.69
N VAL A 74 15.19 -10.62 42.11
CA VAL A 74 14.28 -9.96 43.04
C VAL A 74 13.37 -9.03 42.25
N LEU A 75 12.07 -9.15 42.43
CA LEU A 75 11.13 -8.41 41.60
C LEU A 75 9.94 -7.90 42.41
N SER A 76 9.61 -6.63 42.24
CA SER A 76 8.43 -6.05 42.91
C SER A 76 7.42 -5.50 41.89
N GLN A 77 6.31 -4.96 42.39
CA GLN A 77 5.16 -4.49 41.57
C GLN A 77 4.34 -5.64 41.01
N THR A 78 3.14 -5.84 41.55
CA THR A 78 2.29 -6.94 41.08
C THR A 78 2.18 -6.99 39.55
N GLY A 79 2.14 -5.83 38.91
CA GLY A 79 2.11 -5.80 37.46
C GLY A 79 3.29 -6.53 36.84
N ALA A 80 4.49 -6.28 37.36
CA ALA A 80 5.71 -6.87 36.80
C ALA A 80 5.86 -8.34 37.19
N ILE A 81 5.56 -8.66 38.44
CA ILE A 81 5.69 -10.04 38.92
C ILE A 81 4.77 -10.97 38.14
N LEU A 82 3.53 -10.55 37.94
CA LEU A 82 2.56 -11.35 37.21
C LEU A 82 3.04 -11.62 35.79
N GLN A 83 3.51 -10.58 35.13
CA GLN A 83 4.03 -10.72 33.79
C GLN A 83 5.23 -11.67 33.75
N TYR A 84 6.17 -11.45 34.68
CA TYR A 84 7.32 -12.33 34.81
C TYR A 84 6.93 -13.80 35.00
N LEU A 85 5.98 -14.07 35.90
CA LEU A 85 5.52 -15.44 36.13
C LEU A 85 4.91 -16.08 34.88
N ALA A 86 4.08 -15.30 34.18
CA ALA A 86 3.41 -15.77 32.98
C ALA A 86 4.44 -16.05 31.88
N ASP A 87 5.36 -15.12 31.68
CA ASP A 87 6.39 -15.27 30.64
C ASP A 87 7.23 -16.50 30.89
N THR A 88 7.57 -16.74 32.15
CA THR A 88 8.58 -17.73 32.52
C THR A 88 7.96 -19.10 32.76
N TYR A 89 6.80 -19.12 33.39
CA TYR A 89 6.24 -20.39 33.86
C TYR A 89 4.93 -20.82 33.18
N ASP A 90 4.46 -20.04 32.21
CA ASP A 90 3.29 -20.47 31.44
C ASP A 90 3.60 -20.49 29.96
N LYS A 91 4.65 -21.21 29.58
CA LYS A 91 5.02 -21.33 28.18
C LYS A 91 4.04 -22.15 27.35
N GLU A 92 3.21 -22.95 28.00
CA GLU A 92 2.15 -23.70 27.33
C GLU A 92 0.99 -22.78 26.95
N HIS A 93 0.99 -21.57 27.52
CA HIS A 93 -0.04 -20.56 27.23
C HIS A 93 -1.42 -21.01 27.66
N LYS A 94 -1.50 -21.59 28.86
CA LYS A 94 -2.77 -21.92 29.48
C LYS A 94 -3.45 -20.69 30.06
N PHE A 95 -2.65 -19.69 30.42
CA PHE A 95 -3.16 -18.51 31.12
C PHE A 95 -2.55 -17.23 30.58
N SER A 96 -2.21 -17.27 29.31
CA SER A 96 -1.45 -16.19 28.68
C SER A 96 -1.46 -16.45 27.19
N TYR A 97 -1.11 -15.43 26.41
CA TYR A 97 -1.07 -15.56 24.97
C TYR A 97 0.35 -15.41 24.46
N PRO A 98 0.63 -15.96 23.26
CA PRO A 98 1.98 -15.86 22.69
C PRO A 98 2.43 -14.41 22.56
N ALA A 99 3.71 -14.15 22.83
CA ALA A 99 4.25 -12.79 22.81
C ALA A 99 4.00 -12.11 21.48
N GLY A 100 3.69 -10.82 21.54
CA GLY A 100 3.54 -10.03 20.32
C GLY A 100 2.23 -10.23 19.58
N THR A 101 1.33 -11.04 20.13
CA THR A 101 -0.02 -11.12 19.57
C THR A 101 -0.92 -10.02 20.13
N ALA A 102 -2.02 -9.75 19.43
CA ALA A 102 -3.01 -8.76 19.86
C ALA A 102 -3.54 -9.12 21.23
N GLU A 103 -3.88 -10.39 21.42
CA GLU A 103 -4.42 -10.84 22.71
C GLU A 103 -3.39 -10.67 23.83
N TYR A 104 -2.12 -10.80 23.49
CA TYR A 104 -1.07 -10.56 24.48
C TYR A 104 -1.07 -9.09 24.92
N TYR A 105 -1.13 -8.18 23.96
CA TYR A 105 -1.14 -6.76 24.27
C TYR A 105 -2.44 -6.28 24.91
N LYS A 106 -3.56 -6.90 24.58
CA LYS A 106 -4.81 -6.56 25.26
C LYS A 106 -4.74 -7.00 26.71
N THR A 107 -4.09 -8.14 26.95
CA THR A 107 -3.84 -8.59 28.32
C THR A 107 -3.06 -7.54 29.11
N LEU A 108 -1.98 -7.06 28.50
CA LEU A 108 -1.20 -5.97 29.08
C LEU A 108 -2.07 -4.75 29.36
N GLU A 109 -2.92 -4.37 28.39
CA GLU A 109 -3.77 -3.20 28.56
C GLU A 109 -4.63 -3.30 29.83
N TYR A 110 -5.34 -4.41 29.98
CA TYR A 110 -6.24 -4.61 31.10
C TYR A 110 -5.53 -4.92 32.42
N LEU A 111 -4.35 -5.55 32.34
CA LEU A 111 -3.54 -5.74 33.55
C LEU A 111 -3.09 -4.38 34.05
N ILE A 112 -2.54 -3.58 33.14
CA ILE A 112 -2.06 -2.26 33.53
C ILE A 112 -3.19 -1.34 33.96
N PHE A 113 -4.36 -1.47 33.33
CA PHE A 113 -5.56 -0.75 33.76
C PHE A 113 -5.88 -1.11 35.20
N GLN A 114 -5.79 -2.39 35.52
CA GLN A 114 -6.00 -2.83 36.89
C GLN A 114 -4.98 -2.21 37.86
N VAL A 115 -3.69 -2.28 37.56
CA VAL A 115 -2.67 -1.80 38.52
C VAL A 115 -2.59 -0.28 38.55
N ALA A 116 -2.89 0.36 37.44
CA ALA A 116 -2.83 1.83 37.37
C ALA A 116 -4.09 2.54 37.84
N GLU A 117 -5.24 1.86 37.84
CA GLU A 117 -6.49 2.54 38.18
C GLU A 117 -7.34 1.80 39.24
N ASN A 118 -7.73 0.57 38.97
CA ASN A 118 -8.47 -0.23 39.95
C ASN A 118 -7.85 -0.22 41.37
N GLY A 119 -6.66 -0.80 41.49
CA GLY A 119 -5.94 -0.84 42.75
C GLY A 119 -5.76 0.48 43.51
N PRO A 120 -5.09 1.47 42.88
CA PRO A 120 -4.89 2.80 43.49
C PRO A 120 -6.20 3.46 43.90
N ILE A 121 -7.23 3.46 43.05
CA ILE A 121 -8.51 4.11 43.37
C ILE A 121 -9.28 3.39 44.48
N GLN A 122 -9.48 2.07 44.35
CA GLN A 122 -10.14 1.30 45.41
C GLN A 122 -9.36 1.37 46.74
N GLY A 123 -8.03 1.44 46.64
CA GLY A 123 -7.18 1.64 47.79
C GLY A 123 -7.43 2.95 48.51
N GLN A 124 -7.60 4.03 47.76
CA GLN A 124 -7.93 5.33 48.34
C GLN A 124 -9.29 5.29 49.00
N ALA A 125 -10.23 4.63 48.34
CA ALA A 125 -11.54 4.44 48.94
C ALA A 125 -11.40 3.72 50.29
N ASN A 126 -10.62 2.64 50.32
CA ASN A 126 -10.41 1.94 51.59
C ASN A 126 -9.78 2.85 52.65
N HIS A 127 -8.86 3.70 52.24
CA HIS A 127 -8.25 4.63 53.19
C HIS A 127 -9.26 5.63 53.80
N PHE A 128 -10.03 6.31 52.96
CA PHE A 128 -10.99 7.28 53.49
C PHE A 128 -12.09 6.62 54.29
N VAL A 129 -12.44 5.38 53.95
CA VAL A 129 -13.50 4.70 54.70
C VAL A 129 -13.00 4.07 56.00
N PHE A 130 -11.85 3.40 55.97
CA PHE A 130 -11.41 2.64 57.15
C PHE A 130 -10.25 3.23 57.94
N ALA A 131 -9.31 3.86 57.26
CA ALA A 131 -8.02 4.20 57.87
C ALA A 131 -7.88 5.65 58.36
N ALA A 132 -8.38 6.59 57.55
CA ALA A 132 -8.21 8.02 57.81
C ALA A 132 -8.62 8.41 59.22
N LYS A 133 -7.77 9.21 59.88
CA LYS A 133 -8.01 9.59 61.26
C LYS A 133 -9.19 10.53 61.41
N GLU A 134 -9.57 11.17 60.30
CA GLU A 134 -10.76 12.00 60.28
C GLU A 134 -11.69 11.59 59.15
N LYS A 135 -12.98 11.88 59.33
CA LYS A 135 -13.97 11.63 58.31
C LYS A 135 -13.91 12.74 57.28
N VAL A 136 -13.66 12.38 56.03
CA VAL A 136 -13.58 13.36 54.94
C VAL A 136 -14.52 12.93 53.80
N PRO A 137 -15.79 13.39 53.84
CA PRO A 137 -16.83 12.94 52.88
C PRO A 137 -16.45 13.16 51.42
N TYR A 138 -15.82 14.29 51.13
CA TYR A 138 -15.36 14.56 49.78
C TYR A 138 -14.54 13.39 49.25
N GLY A 139 -13.60 12.90 50.07
CA GLY A 139 -12.72 11.83 49.64
C GLY A 139 -13.42 10.48 49.56
N ILE A 140 -14.27 10.21 50.54
CA ILE A 140 -15.08 9.00 50.58
C ILE A 140 -15.93 8.94 49.33
N ASN A 141 -16.58 10.06 49.02
CA ASN A 141 -17.41 10.14 47.83
C ASN A 141 -16.62 10.06 46.52
N ARG A 142 -15.52 10.79 46.43
CA ARG A 142 -14.72 10.76 45.20
C ARG A 142 -14.23 9.34 44.83
N TYR A 143 -13.77 8.60 45.83
CA TYR A 143 -13.15 7.30 45.55
C TYR A 143 -14.13 6.12 45.50
N ILE A 144 -15.21 6.18 46.27
CA ILE A 144 -16.29 5.21 46.11
C ILE A 144 -16.86 5.33 44.69
N THR A 145 -17.07 6.55 44.25
CA THR A 145 -17.70 6.79 42.96
C THR A 145 -16.78 6.33 41.85
N ASP A 146 -15.50 6.67 41.96
CA ASP A 146 -14.57 6.29 40.91
C ASP A 146 -14.29 4.78 40.91
N THR A 147 -14.37 4.15 42.07
CA THR A 147 -14.30 2.69 42.15
C THR A 147 -15.43 2.07 41.31
N LYS A 148 -16.65 2.56 41.49
CA LYS A 148 -17.79 2.06 40.71
C LYS A 148 -17.61 2.31 39.21
N ARG A 149 -17.02 3.45 38.85
CA ARG A 149 -16.81 3.79 37.46
C ARG A 149 -15.93 2.73 36.81
N ILE A 150 -14.88 2.35 37.54
CA ILE A 150 -13.89 1.41 37.05
C ILE A 150 -14.42 -0.01 36.86
N TYR A 151 -15.17 -0.52 37.83
CA TYR A 151 -15.82 -1.81 37.66
C TYR A 151 -16.88 -1.79 36.56
N GLY A 152 -17.44 -0.62 36.29
CA GLY A 152 -18.33 -0.47 35.16
C GLY A 152 -17.55 -0.63 33.87
N VAL A 153 -16.28 -0.20 33.87
CA VAL A 153 -15.45 -0.33 32.67
C VAL A 153 -15.11 -1.80 32.45
N PHE A 154 -14.77 -2.50 33.54
CA PHE A 154 -14.48 -3.94 33.45
C PHE A 154 -15.72 -4.74 33.02
N GLU A 155 -16.90 -4.30 33.45
CA GLU A 155 -18.12 -4.96 33.02
C GLU A 155 -18.25 -4.79 31.52
N ASP A 156 -17.90 -3.61 31.02
CA ASP A 156 -17.98 -3.34 29.59
C ASP A 156 -16.98 -4.21 28.82
N ILE A 157 -15.76 -4.26 29.31
CA ILE A 157 -14.72 -5.07 28.69
C ILE A 157 -15.20 -6.53 28.53
N LEU A 158 -15.76 -7.10 29.60
CA LEU A 158 -16.28 -8.44 29.55
C LEU A 158 -17.37 -8.53 28.49
N SER A 159 -18.23 -7.52 28.44
CA SER A 159 -19.36 -7.55 27.49
C SER A 159 -18.86 -7.61 26.04
N ARG A 160 -17.65 -7.11 25.82
CA ARG A 160 -17.08 -7.12 24.48
C ARG A 160 -16.56 -8.49 24.05
N ASN A 161 -16.34 -9.38 25.02
CA ASN A 161 -15.83 -10.72 24.74
C ASN A 161 -16.96 -11.71 24.43
N LYS A 162 -17.78 -11.35 23.44
CA LYS A 162 -19.00 -12.06 23.11
C LYS A 162 -18.75 -13.49 22.66
N ALA A 163 -17.74 -13.67 21.82
CA ALA A 163 -17.40 -14.99 21.26
C ALA A 163 -17.00 -16.03 22.31
N ASN A 164 -16.66 -15.58 23.52
CA ASN A 164 -16.36 -16.48 24.62
C ASN A 164 -17.29 -16.21 25.78
N ASP A 165 -18.49 -15.74 25.45
CA ASP A 165 -19.55 -15.45 26.40
C ASP A 165 -19.10 -14.69 27.65
N SER A 166 -18.33 -13.63 27.46
CA SER A 166 -17.95 -12.73 28.55
C SER A 166 -17.45 -13.46 29.78
N LYS A 167 -16.77 -14.59 29.58
CA LYS A 167 -16.26 -15.38 30.69
C LYS A 167 -14.86 -14.91 31.08
N TYR A 168 -14.16 -14.29 30.13
CA TYR A 168 -12.77 -13.86 30.31
C TYR A 168 -12.57 -12.43 29.83
N LEU A 169 -11.60 -11.72 30.40
CA LEU A 169 -11.27 -10.37 29.98
C LEU A 169 -10.69 -10.30 28.57
N VAL A 170 -9.91 -11.33 28.21
CA VAL A 170 -9.31 -11.40 26.90
C VAL A 170 -9.46 -12.82 26.35
N GLY A 171 -10.21 -12.96 25.26
CA GLY A 171 -10.28 -14.22 24.55
C GLY A 171 -10.87 -15.40 25.29
N ASP A 172 -10.24 -16.56 25.16
CA ASP A 172 -10.79 -17.81 25.66
C ASP A 172 -10.04 -18.40 26.86
N ARG A 173 -9.48 -17.55 27.71
CA ARG A 173 -8.75 -18.02 28.88
C ARG A 173 -8.55 -16.90 29.89
N TYR A 174 -8.50 -17.25 31.18
CA TYR A 174 -8.09 -16.28 32.20
C TYR A 174 -6.64 -15.89 31.96
N THR A 175 -6.32 -14.61 32.14
CA THR A 175 -4.95 -14.16 32.02
C THR A 175 -4.53 -13.49 33.31
N VAL A 176 -3.32 -12.93 33.36
CA VAL A 176 -2.88 -12.23 34.56
C VAL A 176 -3.79 -11.05 34.88
N ALA A 177 -4.43 -10.49 33.84
CA ALA A 177 -5.39 -9.42 34.01
C ALA A 177 -6.56 -9.82 34.92
N ASP A 178 -7.17 -10.98 34.64
CA ASP A 178 -8.25 -11.49 35.47
C ASP A 178 -7.78 -11.68 36.90
N PHE A 179 -6.63 -12.33 37.03
CA PHE A 179 -6.12 -12.63 38.37
C PHE A 179 -5.77 -11.37 39.16
N ALA A 180 -5.29 -10.33 38.46
CA ALA A 180 -4.99 -9.05 39.13
C ALA A 180 -6.27 -8.39 39.65
N LEU A 181 -7.30 -8.32 38.81
CA LEU A 181 -8.59 -7.76 39.23
C LEU A 181 -9.20 -8.56 40.38
N LEU A 182 -9.05 -9.88 40.29
CA LEU A 182 -9.60 -10.81 41.26
C LEU A 182 -9.21 -10.47 42.68
N GLY A 183 -7.93 -10.10 42.86
CA GLY A 183 -7.43 -9.72 44.16
C GLY A 183 -8.25 -8.62 44.81
N TRP A 184 -8.60 -7.61 44.04
CA TRP A 184 -9.34 -6.46 44.55
C TRP A 184 -10.85 -6.67 44.55
N ALA A 185 -11.35 -7.33 43.53
CA ALA A 185 -12.76 -7.70 43.48
C ALA A 185 -13.18 -8.38 44.79
N TYR A 186 -12.24 -9.12 45.37
CA TYR A 186 -12.46 -9.88 46.60
C TYR A 186 -12.68 -8.95 47.79
N ARG A 187 -12.24 -7.70 47.68
CA ARG A 187 -12.36 -6.76 48.79
C ARG A 187 -13.51 -5.78 48.65
N LEU A 188 -14.23 -5.84 47.52
CA LEU A 188 -15.34 -4.92 47.27
C LEU A 188 -16.37 -4.89 48.40
N SER A 189 -16.71 -6.08 48.90
CA SER A 189 -17.73 -6.19 49.94
C SER A 189 -17.43 -5.34 51.18
N ARG A 190 -16.16 -5.10 51.45
CA ARG A 190 -15.74 -4.24 52.55
C ARG A 190 -16.26 -2.82 52.40
N LEU A 191 -16.37 -2.34 51.16
CA LEU A 191 -16.92 -1.02 50.91
C LEU A 191 -18.43 -1.06 50.70
N GLU A 192 -19.07 -2.17 51.08
CA GLU A 192 -20.50 -2.38 50.87
C GLU A 192 -20.90 -2.22 49.42
N ILE A 193 -20.01 -2.64 48.53
CA ILE A 193 -20.28 -2.64 47.10
C ILE A 193 -20.47 -4.08 46.65
N ASP A 194 -21.68 -4.39 46.20
CA ASP A 194 -22.04 -5.74 45.75
C ASP A 194 -21.61 -5.89 44.29
N ILE A 195 -20.63 -6.76 44.07
CA ILE A 195 -20.11 -6.99 42.72
C ILE A 195 -21.18 -7.55 41.76
N ASN A 196 -22.22 -8.20 42.30
CA ASN A 196 -23.30 -8.74 41.47
C ASN A 196 -24.11 -7.69 40.70
N GLN A 197 -23.96 -6.41 41.07
CA GLN A 197 -24.66 -5.35 40.35
C GLN A 197 -24.14 -5.21 38.92
N TRP A 198 -22.96 -5.75 38.67
CA TRP A 198 -22.42 -5.89 37.33
C TRP A 198 -22.50 -7.36 36.99
N PRO A 199 -23.55 -7.75 36.23
CA PRO A 199 -23.93 -9.16 36.05
C PRO A 199 -22.83 -10.04 35.47
N LEU A 200 -22.12 -9.57 34.45
CA LEU A 200 -21.07 -10.39 33.86
C LEU A 200 -19.92 -10.55 34.84
N LEU A 201 -19.59 -9.48 35.57
CA LEU A 201 -18.52 -9.55 36.57
C LEU A 201 -18.93 -10.48 37.70
N GLY A 202 -20.22 -10.51 38.02
CA GLY A 202 -20.72 -11.45 39.00
C GLY A 202 -20.48 -12.90 38.63
N LYS A 203 -20.71 -13.23 37.37
CA LYS A 203 -20.50 -14.60 36.88
C LYS A 203 -19.00 -14.93 36.84
N TRP A 204 -18.22 -13.98 36.32
CA TRP A 204 -16.77 -14.09 36.25
C TRP A 204 -16.15 -14.31 37.63
N TYR A 205 -16.62 -13.56 38.62
CA TYR A 205 -16.15 -13.72 39.99
C TYR A 205 -16.50 -15.09 40.55
N ASP A 206 -17.78 -15.48 40.44
CA ASP A 206 -18.23 -16.78 40.90
C ASP A 206 -17.44 -17.95 40.29
N SER A 207 -17.15 -17.87 38.99
CA SER A 207 -16.41 -18.90 38.29
C SER A 207 -15.01 -19.07 38.91
N LEU A 208 -14.29 -17.96 38.99
CA LEU A 208 -12.94 -17.96 39.56
C LEU A 208 -12.94 -18.47 40.99
N LEU A 209 -13.94 -18.10 41.79
CA LEU A 209 -13.97 -18.49 43.19
C LEU A 209 -14.27 -19.98 43.38
N LYS A 210 -14.57 -20.67 42.27
CA LYS A 210 -14.75 -22.11 42.32
C LYS A 210 -13.43 -22.89 42.09
N LEU A 211 -12.44 -22.26 41.47
CA LEU A 211 -11.15 -22.94 41.24
C LEU A 211 -10.36 -23.16 42.55
N PRO A 212 -9.95 -24.40 42.82
CA PRO A 212 -9.21 -24.69 44.06
C PRO A 212 -7.93 -23.86 44.22
N ALA A 213 -7.28 -23.52 43.12
CA ALA A 213 -6.06 -22.74 43.21
C ALA A 213 -6.36 -21.30 43.65
N VAL A 214 -7.53 -20.80 43.27
CA VAL A 214 -7.97 -19.47 43.70
C VAL A 214 -8.29 -19.52 45.19
N GLN A 215 -9.07 -20.51 45.60
CA GLN A 215 -9.45 -20.68 47.00
C GLN A 215 -8.20 -20.83 47.87
N LYS A 216 -7.23 -21.58 47.39
CA LYS A 216 -5.96 -21.72 48.11
C LYS A 216 -5.17 -20.41 48.18
N GLY A 217 -5.12 -19.66 47.07
CA GLY A 217 -4.36 -18.42 47.03
C GLY A 217 -4.84 -17.39 48.03
N PHE A 218 -6.16 -17.29 48.15
CA PHE A 218 -6.81 -16.41 49.12
C PHE A 218 -6.52 -16.79 50.56
N GLU A 219 -5.91 -17.95 50.78
CA GLU A 219 -5.60 -18.36 52.14
C GLU A 219 -4.15 -18.05 52.52
N VAL A 220 -3.40 -17.44 51.59
CA VAL A 220 -1.96 -17.25 51.75
C VAL A 220 -1.54 -15.79 51.61
N PRO A 221 -1.00 -15.20 52.68
CA PRO A 221 -0.82 -15.80 54.01
C PRO A 221 -2.14 -15.71 54.76
N PRO A 222 -2.27 -16.40 55.90
CA PRO A 222 -3.56 -16.34 56.61
C PRO A 222 -3.81 -14.96 57.21
N LYS A 223 -5.06 -14.65 57.51
CA LYS A 223 -5.39 -13.39 58.18
C LYS A 223 -5.02 -13.46 59.66
N ASN A 224 -4.65 -14.66 60.12
CA ASN A 224 -4.36 -14.92 61.54
C ASN A 224 -3.06 -14.30 62.08
N ALA A 225 -2.19 -15.15 62.60
CA ALA A 225 -0.98 -14.73 63.29
C ALA A 225 -0.08 -13.83 62.42
N LEU B 5 -30.23 -17.23 6.36
CA LEU B 5 -30.15 -15.88 5.82
C LEU B 5 -31.28 -15.03 6.37
N LYS B 6 -30.95 -13.88 6.95
CA LYS B 6 -31.92 -13.08 7.68
C LYS B 6 -32.57 -12.00 6.80
N PRO B 7 -33.79 -11.58 7.16
CA PRO B 7 -34.50 -10.55 6.39
C PRO B 7 -33.71 -9.24 6.27
N ILE B 8 -33.73 -8.65 5.08
CA ILE B 8 -33.12 -7.34 4.85
C ILE B 8 -34.13 -6.24 5.15
N LYS B 9 -33.72 -5.26 5.95
CA LYS B 9 -34.62 -4.18 6.33
C LYS B 9 -34.70 -3.13 5.21
N LEU B 10 -35.89 -2.93 4.66
CA LEU B 10 -36.06 -1.99 3.55
C LEU B 10 -36.87 -0.76 3.97
N TYR B 11 -36.17 0.37 4.08
CA TYR B 11 -36.82 1.64 4.40
C TYR B 11 -37.22 2.28 3.10
N THR B 12 -38.52 2.38 2.85
CA THR B 12 -38.97 2.73 1.52
C THR B 12 -40.34 3.40 1.44
N ALA B 13 -40.84 3.53 0.23
CA ALA B 13 -42.10 4.19 -0.08
C ALA B 13 -42.46 3.77 -1.51
N PRO B 14 -43.73 3.92 -1.91
CA PRO B 14 -44.06 3.56 -3.29
C PRO B 14 -43.70 4.65 -4.31
N THR B 15 -42.43 4.65 -4.72
CA THR B 15 -41.89 5.61 -5.67
C THR B 15 -40.99 4.83 -6.63
N PRO B 16 -40.59 5.45 -7.75
CA PRO B 16 -39.66 4.80 -8.69
C PRO B 16 -38.41 4.24 -8.00
N ASN B 17 -37.81 5.04 -7.12
CA ASN B 17 -36.58 4.64 -6.44
C ASN B 17 -36.80 3.50 -5.44
N GLY B 18 -37.97 3.48 -4.80
CA GLY B 18 -38.32 2.40 -3.90
C GLY B 18 -38.44 1.12 -4.70
N TYR B 19 -39.11 1.23 -5.85
CA TYR B 19 -39.39 0.10 -6.72
C TYR B 19 -38.12 -0.59 -7.24
N LYS B 20 -37.12 0.21 -7.61
CA LYS B 20 -35.81 -0.30 -8.02
C LYS B 20 -35.32 -1.40 -7.08
N ILE B 21 -35.40 -1.12 -5.78
CA ILE B 21 -34.86 -1.99 -4.75
C ILE B 21 -35.79 -3.14 -4.39
N SER B 22 -37.09 -2.86 -4.28
CA SER B 22 -38.04 -3.95 -4.03
C SER B 22 -38.02 -4.95 -5.18
N ILE B 23 -37.92 -4.45 -6.41
CA ILE B 23 -37.85 -5.33 -7.57
C ILE B 23 -36.60 -6.21 -7.56
N PHE B 24 -35.42 -5.61 -7.40
CA PHE B 24 -34.20 -6.39 -7.46
C PHE B 24 -34.11 -7.44 -6.32
N LEU B 25 -34.67 -7.13 -5.15
CA LEU B 25 -34.73 -8.10 -4.06
C LEU B 25 -35.61 -9.30 -4.42
N GLU B 26 -36.68 -9.05 -5.18
CA GLU B 26 -37.55 -10.12 -5.64
C GLU B 26 -36.89 -10.94 -6.73
N VAL B 27 -36.14 -10.27 -7.59
CA VAL B 27 -35.41 -10.92 -8.68
C VAL B 27 -34.32 -11.85 -8.15
N LEU B 28 -33.66 -11.45 -7.06
CA LEU B 28 -32.61 -12.26 -6.46
C LEU B 28 -33.16 -13.31 -5.47
N GLY B 29 -34.46 -13.24 -5.18
CA GLY B 29 -35.08 -14.17 -4.26
C GLY B 29 -34.79 -13.92 -2.79
N LEU B 30 -34.50 -12.68 -2.44
CA LEU B 30 -34.14 -12.33 -1.07
C LEU B 30 -35.34 -11.98 -0.21
N ASP B 31 -35.25 -12.34 1.07
CA ASP B 31 -36.28 -12.03 2.05
C ASP B 31 -36.07 -10.64 2.62
N TYR B 32 -37.13 -9.86 2.68
CA TYR B 32 -36.99 -8.53 3.28
C TYR B 32 -38.20 -8.11 4.09
N GLU B 33 -38.00 -7.08 4.91
CA GLU B 33 -39.09 -6.45 5.67
C GLU B 33 -39.18 -5.00 5.25
N VAL B 34 -40.40 -4.55 5.00
CA VAL B 34 -40.63 -3.19 4.54
C VAL B 34 -41.07 -2.28 5.67
N GLN B 35 -40.38 -1.17 5.81
CA GLN B 35 -40.86 -0.10 6.67
C GLN B 35 -41.30 1.09 5.83
N LYS B 36 -42.61 1.27 5.75
CA LYS B 36 -43.25 2.28 4.93
C LYS B 36 -42.97 3.70 5.42
N PHE B 37 -42.74 4.62 4.48
CA PHE B 37 -42.60 6.03 4.82
C PHE B 37 -43.68 6.86 4.12
N ASP B 38 -44.28 7.79 4.86
CA ASP B 38 -45.23 8.71 4.26
C ASP B 38 -44.51 10.02 3.92
N LEU B 39 -44.21 10.20 2.65
CA LEU B 39 -43.45 11.36 2.19
C LEU B 39 -44.20 12.68 2.36
N SER B 40 -45.53 12.61 2.41
CA SER B 40 -46.34 13.82 2.55
C SER B 40 -46.25 14.42 3.96
N LYS B 41 -45.66 13.68 4.89
CA LYS B 41 -45.49 14.13 6.27
C LYS B 41 -44.02 14.36 6.64
N ASN B 42 -43.14 14.35 5.64
CA ASN B 42 -41.71 14.59 5.85
C ASN B 42 -41.07 13.58 6.80
N GLU B 43 -41.52 12.33 6.71
CA GLU B 43 -41.08 11.28 7.61
C GLU B 43 -39.60 10.92 7.46
N THR B 44 -39.05 11.12 6.28
CA THR B 44 -37.65 10.79 6.03
C THR B 44 -36.69 11.82 6.62
N LYS B 45 -37.25 12.94 7.09
CA LYS B 45 -36.45 13.99 7.73
C LYS B 45 -36.36 13.84 9.25
N GLU B 46 -37.05 12.84 9.78
CA GLU B 46 -37.05 12.60 11.22
C GLU B 46 -35.66 12.21 11.69
N ASP B 47 -35.33 12.60 12.92
CA ASP B 47 -33.97 12.49 13.46
C ASP B 47 -33.43 11.07 13.53
N TRP B 48 -34.26 10.12 13.98
CA TRP B 48 -33.86 8.72 14.05
C TRP B 48 -33.43 8.21 12.68
N PHE B 49 -34.12 8.64 11.62
CA PHE B 49 -33.81 8.14 10.29
C PHE B 49 -32.61 8.83 9.67
N VAL B 50 -32.47 10.13 9.92
CA VAL B 50 -31.29 10.86 9.50
C VAL B 50 -30.01 10.22 10.07
N LYS B 51 -30.12 9.65 11.27
CA LYS B 51 -29.02 8.89 11.89
C LYS B 51 -28.52 7.78 10.97
N LEU B 52 -29.46 7.05 10.36
CA LEU B 52 -29.13 5.96 9.46
C LEU B 52 -28.71 6.50 8.09
N ASN B 53 -29.41 7.53 7.63
CA ASN B 53 -29.16 8.13 6.33
C ASN B 53 -29.10 9.65 6.43
N PRO B 54 -27.88 10.22 6.39
CA PRO B 54 -27.68 11.67 6.46
C PRO B 54 -28.53 12.45 5.44
N ASN B 55 -28.81 11.83 4.30
CA ASN B 55 -29.52 12.48 3.21
C ASN B 55 -31.01 12.70 3.51
N GLY B 56 -31.54 11.91 4.45
CA GLY B 56 -32.94 11.99 4.82
C GLY B 56 -33.86 11.73 3.64
N ARG B 57 -33.59 10.65 2.92
CA ARG B 57 -34.38 10.23 1.77
C ARG B 57 -34.40 8.69 1.70
N ILE B 58 -35.47 8.13 1.16
CA ILE B 58 -35.54 6.69 0.92
C ILE B 58 -35.13 6.40 -0.53
N PRO B 59 -34.73 5.15 -0.86
CA PRO B 59 -34.62 4.00 0.03
C PRO B 59 -33.28 3.92 0.73
N THR B 60 -33.25 3.10 1.78
CA THR B 60 -32.06 2.82 2.55
C THR B 60 -32.29 1.39 3.01
N ILE B 61 -31.23 0.58 3.09
CA ILE B 61 -31.40 -0.79 3.57
C ILE B 61 -30.52 -1.10 4.76
N ASN B 62 -30.91 -2.13 5.49
CA ASN B 62 -30.06 -2.69 6.50
C ASN B 62 -29.89 -4.16 6.22
N ASP B 63 -28.65 -4.59 6.02
CA ASP B 63 -28.39 -5.98 5.82
C ASP B 63 -27.70 -6.55 7.05
N PRO B 64 -28.46 -7.29 7.86
CA PRO B 64 -27.95 -7.92 9.09
C PRO B 64 -26.98 -9.06 8.78
N ASN B 65 -26.97 -9.52 7.54
CA ASN B 65 -26.10 -10.61 7.14
C ASN B 65 -24.66 -10.18 6.80
N PHE B 66 -24.43 -8.86 6.75
CA PHE B 66 -23.08 -8.34 6.53
C PHE B 66 -22.28 -8.43 7.82
N LYS B 67 -21.16 -9.14 7.77
CA LYS B 67 -20.35 -9.32 8.96
C LYS B 67 -19.31 -8.21 9.10
N GLY B 68 -19.10 -7.77 10.34
CA GLY B 68 -18.08 -6.77 10.63
C GLY B 68 -18.65 -5.48 11.17
N VAL B 69 -19.93 -5.25 10.90
CA VAL B 69 -20.61 -4.07 11.40
C VAL B 69 -21.68 -4.50 12.40
N ASP B 70 -21.65 -3.98 13.62
CA ASP B 70 -22.70 -4.32 14.57
C ASP B 70 -24.07 -3.77 14.15
N GLY B 71 -25.07 -4.63 14.17
CA GLY B 71 -26.40 -4.25 13.77
C GLY B 71 -26.62 -4.29 12.27
N GLY B 72 -25.59 -4.72 11.54
CA GLY B 72 -25.68 -4.87 10.10
C GLY B 72 -25.27 -3.64 9.31
N LEU B 73 -25.05 -3.83 8.01
CA LEU B 73 -24.66 -2.75 7.11
C LEU B 73 -25.85 -1.86 6.78
N VAL B 74 -25.65 -0.55 6.87
CA VAL B 74 -26.69 0.42 6.51
C VAL B 74 -26.25 1.17 5.28
N LEU B 75 -27.03 1.06 4.22
CA LEU B 75 -26.63 1.60 2.93
C LEU B 75 -27.75 2.41 2.25
N SER B 76 -27.38 3.60 1.76
CA SER B 76 -28.32 4.44 1.03
C SER B 76 -27.87 4.66 -0.40
N GLN B 77 -28.72 5.34 -1.18
CA GLN B 77 -28.58 5.53 -2.63
C GLN B 77 -28.88 4.24 -3.39
N THR B 78 -29.89 4.29 -4.26
CA THR B 78 -30.29 3.14 -5.06
C THR B 78 -29.13 2.57 -5.87
N GLY B 79 -28.34 3.46 -6.45
CA GLY B 79 -27.17 3.04 -7.22
C GLY B 79 -26.22 2.21 -6.37
N ALA B 80 -25.99 2.64 -5.14
CA ALA B 80 -25.04 1.93 -4.29
C ALA B 80 -25.67 0.64 -3.75
N ILE B 81 -26.95 0.71 -3.43
CA ILE B 81 -27.68 -0.45 -2.92
C ILE B 81 -27.81 -1.57 -3.97
N LEU B 82 -28.08 -1.20 -5.20
CA LEU B 82 -28.15 -2.16 -6.29
C LEU B 82 -26.79 -2.84 -6.48
N GLN B 83 -25.75 -2.04 -6.64
CA GLN B 83 -24.40 -2.56 -6.80
C GLN B 83 -24.03 -3.54 -5.68
N TYR B 84 -24.33 -3.14 -4.43
CA TYR B 84 -24.07 -3.99 -3.28
C TYR B 84 -24.84 -5.32 -3.36
N LEU B 85 -26.12 -5.24 -3.70
CA LEU B 85 -26.95 -6.44 -3.79
C LEU B 85 -26.46 -7.42 -4.87
N ALA B 86 -26.08 -6.90 -6.04
CA ALA B 86 -25.55 -7.75 -7.10
C ALA B 86 -24.18 -8.37 -6.71
N ASP B 87 -23.29 -7.57 -6.11
CA ASP B 87 -22.00 -8.06 -5.62
C ASP B 87 -22.15 -9.17 -4.60
N THR B 88 -23.15 -9.03 -3.73
CA THR B 88 -23.29 -9.92 -2.59
C THR B 88 -24.15 -11.15 -2.85
N TYR B 89 -25.29 -10.98 -3.52
CA TYR B 89 -26.25 -12.07 -3.65
C TYR B 89 -26.50 -12.58 -5.07
N ASP B 90 -25.68 -12.16 -6.02
CA ASP B 90 -25.73 -12.69 -7.38
C ASP B 90 -24.35 -13.21 -7.77
N LYS B 91 -23.72 -14.03 -6.92
CA LYS B 91 -22.38 -14.54 -7.23
C LYS B 91 -22.40 -15.48 -8.42
N GLU B 92 -23.57 -15.99 -8.78
CA GLU B 92 -23.70 -16.84 -9.96
C GLU B 92 -23.76 -16.02 -11.26
N HIS B 93 -23.82 -14.70 -11.13
CA HIS B 93 -23.86 -13.79 -12.29
C HIS B 93 -25.05 -14.03 -13.24
N LYS B 94 -26.23 -14.20 -12.66
CA LYS B 94 -27.46 -14.31 -13.46
C LYS B 94 -27.97 -12.93 -13.89
N PHE B 95 -27.64 -11.91 -13.09
CA PHE B 95 -28.08 -10.55 -13.39
C PHE B 95 -26.93 -9.53 -13.23
N SER B 96 -25.73 -10.00 -13.48
CA SER B 96 -24.53 -9.20 -13.33
C SER B 96 -23.38 -9.89 -14.03
N TYR B 97 -22.29 -9.17 -14.22
CA TYR B 97 -21.09 -9.69 -14.87
C TYR B 97 -19.94 -9.74 -13.87
N PRO B 98 -18.94 -10.62 -14.13
CA PRO B 98 -17.77 -10.73 -13.26
C PRO B 98 -17.11 -9.40 -12.95
N ALA B 99 -16.76 -9.20 -11.68
CA ALA B 99 -15.95 -8.09 -11.23
C ALA B 99 -14.83 -7.78 -12.21
N GLY B 100 -14.77 -6.53 -12.66
CA GLY B 100 -13.63 -6.05 -13.41
C GLY B 100 -13.72 -6.19 -14.92
N THR B 101 -14.71 -6.94 -15.39
CA THR B 101 -14.86 -7.13 -16.83
C THR B 101 -15.40 -5.87 -17.51
N ALA B 102 -15.26 -5.85 -18.82
CA ALA B 102 -15.76 -4.76 -19.65
C ALA B 102 -17.27 -4.56 -19.44
N GLU B 103 -18.02 -5.66 -19.40
CA GLU B 103 -19.48 -5.56 -19.29
C GLU B 103 -19.90 -5.13 -17.90
N TYR B 104 -19.08 -5.47 -16.91
CA TYR B 104 -19.28 -5.02 -15.55
C TYR B 104 -19.18 -3.49 -15.48
N TYR B 105 -18.21 -2.91 -16.18
CA TYR B 105 -18.03 -1.47 -16.08
C TYR B 105 -19.05 -0.71 -16.93
N LYS B 106 -19.46 -1.32 -18.04
CA LYS B 106 -20.51 -0.77 -18.87
C LYS B 106 -21.86 -0.81 -18.16
N THR B 107 -22.07 -1.84 -17.35
CA THR B 107 -23.23 -1.92 -16.47
C THR B 107 -23.24 -0.75 -15.49
N LEU B 108 -22.09 -0.53 -14.86
CA LEU B 108 -21.91 0.58 -13.95
C LEU B 108 -22.16 1.93 -14.63
N GLU B 109 -21.68 2.06 -15.86
CA GLU B 109 -21.85 3.30 -16.60
C GLU B 109 -23.34 3.60 -16.80
N TYR B 110 -24.13 2.59 -17.15
CA TYR B 110 -25.55 2.82 -17.43
C TYR B 110 -26.39 2.94 -16.14
N LEU B 111 -25.97 2.24 -15.10
CA LEU B 111 -26.55 2.41 -13.76
C LEU B 111 -26.37 3.85 -13.30
N ILE B 112 -25.13 4.34 -13.38
CA ILE B 112 -24.82 5.68 -12.92
C ILE B 112 -25.60 6.69 -13.75
N PHE B 113 -25.62 6.46 -15.06
CA PHE B 113 -26.32 7.33 -15.99
C PHE B 113 -27.76 7.43 -15.55
N GLN B 114 -28.32 6.28 -15.16
CA GLN B 114 -29.68 6.28 -14.65
C GLN B 114 -29.81 7.14 -13.39
N VAL B 115 -28.94 6.91 -12.41
CA VAL B 115 -29.10 7.61 -11.14
C VAL B 115 -28.62 9.04 -11.19
N ALA B 116 -27.81 9.38 -12.18
CA ALA B 116 -27.26 10.74 -12.26
C ALA B 116 -28.04 11.64 -13.18
N GLU B 117 -28.81 11.06 -14.11
CA GLU B 117 -29.47 11.87 -15.12
C GLU B 117 -30.94 11.55 -15.29
N ASN B 118 -31.25 10.30 -15.65
CA ASN B 118 -32.66 9.91 -15.83
C ASN B 118 -33.49 10.18 -14.57
N GLY B 119 -33.05 9.64 -13.44
CA GLY B 119 -33.71 9.87 -12.17
C GLY B 119 -33.89 11.33 -11.78
N PRO B 120 -32.78 12.07 -11.66
CA PRO B 120 -32.84 13.49 -11.28
C PRO B 120 -33.67 14.35 -12.23
N ILE B 121 -33.56 14.11 -13.53
CA ILE B 121 -34.29 14.90 -14.51
C ILE B 121 -35.78 14.57 -14.59
N GLN B 122 -36.14 13.30 -14.54
CA GLN B 122 -37.55 12.96 -14.64
C GLN B 122 -38.24 13.37 -13.34
N GLY B 123 -37.46 13.36 -12.26
CA GLY B 123 -37.94 13.81 -10.95
C GLY B 123 -38.27 15.29 -10.96
N GLN B 124 -37.45 16.08 -11.65
CA GLN B 124 -37.71 17.51 -11.76
C GLN B 124 -38.97 17.74 -12.58
N ALA B 125 -39.11 17.00 -13.68
CA ALA B 125 -40.34 17.05 -14.48
C ALA B 125 -41.57 16.76 -13.62
N ASN B 126 -41.50 15.69 -12.82
CA ASN B 126 -42.63 15.35 -11.95
C ASN B 126 -42.92 16.47 -10.96
N HIS B 127 -41.88 17.13 -10.46
CA HIS B 127 -42.08 18.24 -9.54
C HIS B 127 -42.74 19.46 -10.20
N PHE B 128 -42.32 19.81 -11.41
CA PHE B 128 -42.89 20.98 -12.05
C PHE B 128 -44.32 20.70 -12.56
N VAL B 129 -44.56 19.49 -13.04
CA VAL B 129 -45.87 19.13 -13.55
C VAL B 129 -46.87 18.86 -12.42
N PHE B 130 -46.38 18.34 -11.29
CA PHE B 130 -47.30 17.91 -10.23
C PHE B 130 -47.23 18.66 -8.89
N ALA B 131 -46.03 18.74 -8.31
CA ALA B 131 -45.89 19.10 -6.90
C ALA B 131 -45.77 20.60 -6.64
N ALA B 132 -45.32 21.35 -7.63
CA ALA B 132 -45.01 22.76 -7.43
C ALA B 132 -46.26 23.58 -7.10
N LYS B 133 -46.17 24.41 -6.07
CA LYS B 133 -47.28 25.25 -5.64
C LYS B 133 -47.67 26.26 -6.73
N GLU B 134 -46.69 26.72 -7.49
CA GLU B 134 -46.97 27.56 -8.63
C GLU B 134 -46.55 26.89 -9.94
N LYS B 135 -47.22 27.28 -11.02
CA LYS B 135 -46.95 26.71 -12.35
C LYS B 135 -45.80 27.49 -13.00
N VAL B 136 -44.79 26.76 -13.45
CA VAL B 136 -43.60 27.36 -14.02
C VAL B 136 -43.32 26.68 -15.35
N PRO B 137 -44.01 27.13 -16.42
CA PRO B 137 -43.91 26.52 -17.75
C PRO B 137 -42.47 26.39 -18.25
N TYR B 138 -41.59 27.29 -17.85
CA TYR B 138 -40.18 27.19 -18.24
C TYR B 138 -39.62 25.88 -17.68
N GLY B 139 -39.91 25.62 -16.42
CA GLY B 139 -39.43 24.40 -15.78
C GLY B 139 -39.98 23.18 -16.47
N ILE B 140 -41.28 23.18 -16.72
CA ILE B 140 -41.97 22.07 -17.34
C ILE B 140 -41.36 21.75 -18.70
N ASN B 141 -41.20 22.78 -19.52
CA ASN B 141 -40.58 22.59 -20.82
C ASN B 141 -39.17 22.03 -20.71
N ARG B 142 -38.32 22.68 -19.92
CA ARG B 142 -36.94 22.25 -19.72
C ARG B 142 -36.82 20.76 -19.37
N TYR B 143 -37.57 20.29 -18.38
CA TYR B 143 -37.36 18.93 -17.86
C TYR B 143 -38.06 17.80 -18.64
N ILE B 144 -39.25 18.09 -19.15
CA ILE B 144 -39.91 17.16 -20.06
C ILE B 144 -39.03 16.92 -21.29
N THR B 145 -38.52 18.01 -21.86
CA THR B 145 -37.68 17.90 -23.05
C THR B 145 -36.39 17.10 -22.76
N ASP B 146 -35.81 17.29 -21.59
CA ASP B 146 -34.57 16.61 -21.27
C ASP B 146 -34.84 15.16 -20.81
N THR B 147 -36.02 14.93 -20.24
CA THR B 147 -36.42 13.57 -19.91
C THR B 147 -36.52 12.75 -21.20
N LYS B 148 -37.05 13.36 -22.25
CA LYS B 148 -37.19 12.69 -23.52
C LYS B 148 -35.85 12.47 -24.22
N ARG B 149 -34.93 13.41 -24.03
CA ARG B 149 -33.57 13.25 -24.53
C ARG B 149 -32.94 12.00 -23.97
N ILE B 150 -33.11 11.80 -22.68
CA ILE B 150 -32.46 10.71 -21.97
C ILE B 150 -33.03 9.36 -22.39
N TYR B 151 -34.34 9.29 -22.60
CA TYR B 151 -34.93 8.03 -23.04
C TYR B 151 -34.49 7.72 -24.46
N GLY B 152 -34.21 8.77 -25.23
CA GLY B 152 -33.72 8.58 -26.58
C GLY B 152 -32.30 8.02 -26.57
N VAL B 153 -31.53 8.36 -25.53
CA VAL B 153 -30.17 7.83 -25.33
C VAL B 153 -30.22 6.35 -24.92
N PHE B 154 -31.12 6.03 -24.00
CA PHE B 154 -31.34 4.64 -23.59
C PHE B 154 -31.80 3.76 -24.76
N GLU B 155 -32.60 4.36 -25.66
CA GLU B 155 -33.00 3.68 -26.87
C GLU B 155 -31.81 3.43 -27.78
N ASP B 156 -30.96 4.43 -27.94
CA ASP B 156 -29.72 4.29 -28.72
C ASP B 156 -28.87 3.14 -28.14
N ILE B 157 -28.74 3.13 -26.81
CA ILE B 157 -28.03 2.07 -26.13
C ILE B 157 -28.54 0.66 -26.50
N LEU B 158 -29.85 0.48 -26.52
CA LEU B 158 -30.44 -0.81 -26.89
C LEU B 158 -30.10 -1.19 -28.32
N SER B 159 -30.18 -0.23 -29.25
CA SER B 159 -29.81 -0.48 -30.64
C SER B 159 -28.34 -0.87 -30.83
N ARG B 160 -27.53 -0.72 -29.79
CA ARG B 160 -26.13 -1.12 -29.88
C ARG B 160 -25.93 -2.57 -29.41
N ASN B 161 -26.97 -3.12 -28.78
CA ASN B 161 -26.93 -4.51 -28.36
C ASN B 161 -27.68 -5.37 -29.37
N LYS B 162 -27.38 -5.14 -30.65
CA LYS B 162 -27.94 -5.92 -31.75
C LYS B 162 -27.70 -7.44 -31.62
N ALA B 163 -26.55 -7.81 -31.05
CA ALA B 163 -26.17 -9.21 -30.94
C ALA B 163 -27.11 -9.97 -30.03
N ASN B 164 -27.80 -9.24 -29.17
CA ASN B 164 -28.73 -9.85 -28.23
C ASN B 164 -30.11 -9.31 -28.48
N ASP B 165 -30.33 -8.92 -29.74
CA ASP B 165 -31.60 -8.45 -30.25
C ASP B 165 -32.19 -7.30 -29.41
N SER B 166 -31.28 -6.41 -29.00
CA SER B 166 -31.61 -5.23 -28.21
C SER B 166 -32.54 -5.52 -27.03
N LYS B 167 -32.34 -6.66 -26.38
CA LYS B 167 -33.21 -7.09 -25.27
C LYS B 167 -32.78 -6.49 -23.93
N TYR B 168 -31.51 -6.13 -23.82
CA TYR B 168 -30.91 -5.75 -22.54
C TYR B 168 -29.98 -4.57 -22.75
N LEU B 169 -29.81 -3.75 -21.72
CA LEU B 169 -28.87 -2.63 -21.83
C LEU B 169 -27.45 -3.13 -22.09
N VAL B 170 -27.09 -4.25 -21.48
CA VAL B 170 -25.72 -4.76 -21.54
C VAL B 170 -25.68 -6.27 -21.80
N GLY B 171 -25.15 -6.67 -22.95
CA GLY B 171 -24.91 -8.08 -23.22
C GLY B 171 -26.16 -8.95 -23.22
N ASP B 172 -26.08 -10.13 -22.59
CA ASP B 172 -27.14 -11.13 -22.73
C ASP B 172 -28.03 -11.31 -21.50
N ARG B 173 -28.07 -10.32 -20.61
CA ARG B 173 -28.83 -10.48 -19.38
C ARG B 173 -29.30 -9.14 -18.83
N TYR B 174 -30.38 -9.17 -18.07
CA TYR B 174 -30.80 -8.02 -17.27
C TYR B 174 -29.75 -7.76 -16.17
N THR B 175 -29.39 -6.50 -15.99
CA THR B 175 -28.49 -6.08 -14.90
C THR B 175 -29.17 -5.01 -14.05
N VAL B 176 -28.47 -4.55 -13.02
CA VAL B 176 -29.00 -3.51 -12.15
C VAL B 176 -29.31 -2.22 -12.93
N ALA B 177 -28.63 -2.01 -14.06
CA ALA B 177 -28.92 -0.89 -14.95
C ALA B 177 -30.35 -0.96 -15.50
N ASP B 178 -30.76 -2.14 -15.94
CA ASP B 178 -32.11 -2.34 -16.46
C ASP B 178 -33.15 -2.07 -15.37
N PHE B 179 -32.94 -2.68 -14.21
CA PHE B 179 -33.88 -2.55 -13.11
C PHE B 179 -33.97 -1.13 -12.55
N ALA B 180 -32.85 -0.40 -12.57
CA ALA B 180 -32.87 1.00 -12.15
C ALA B 180 -33.74 1.83 -13.10
N LEU B 181 -33.50 1.70 -14.40
CA LEU B 181 -34.26 2.43 -15.40
C LEU B 181 -35.76 2.07 -15.34
N LEU B 182 -36.06 0.80 -15.12
CA LEU B 182 -37.43 0.30 -15.10
C LEU B 182 -38.34 1.01 -14.09
N GLY B 183 -37.78 1.25 -12.90
CA GLY B 183 -38.47 1.97 -11.86
C GLY B 183 -38.98 3.33 -12.29
N TRP B 184 -38.19 4.04 -13.09
CA TRP B 184 -38.64 5.33 -13.58
C TRP B 184 -39.47 5.24 -14.88
N ALA B 185 -39.15 4.25 -15.71
CA ALA B 185 -39.90 4.02 -16.96
C ALA B 185 -41.35 3.77 -16.60
N TYR B 186 -41.56 3.04 -15.51
CA TYR B 186 -42.88 2.80 -14.95
C TYR B 186 -43.70 4.08 -14.73
N ARG B 187 -43.00 5.21 -14.62
CA ARG B 187 -43.63 6.49 -14.31
C ARG B 187 -43.81 7.45 -15.48
N LEU B 188 -43.21 7.16 -16.63
CA LEU B 188 -43.32 8.02 -17.80
C LEU B 188 -44.77 8.36 -18.16
N SER B 189 -45.67 7.40 -17.98
CA SER B 189 -47.06 7.59 -18.34
C SER B 189 -47.71 8.74 -17.55
N ARG B 190 -47.21 8.99 -16.34
CA ARG B 190 -47.72 10.09 -15.53
C ARG B 190 -47.47 11.42 -16.22
N LEU B 191 -46.41 11.49 -17.02
CA LEU B 191 -46.12 12.72 -17.77
C LEU B 191 -46.88 12.74 -19.10
N GLU B 192 -47.72 11.74 -19.33
CA GLU B 192 -48.42 11.56 -20.60
C GLU B 192 -47.46 11.35 -21.77
N ILE B 193 -46.30 10.77 -21.46
CA ILE B 193 -45.33 10.39 -22.47
C ILE B 193 -45.37 8.87 -22.68
N ASP B 194 -45.71 8.47 -23.90
CA ASP B 194 -45.79 7.04 -24.25
C ASP B 194 -44.41 6.47 -24.54
N ILE B 195 -43.96 5.54 -23.70
CA ILE B 195 -42.65 4.89 -23.89
C ILE B 195 -42.56 4.13 -25.22
N ASN B 196 -43.71 3.73 -25.77
CA ASN B 196 -43.73 3.00 -27.03
C ASN B 196 -43.25 3.80 -28.26
N GLN B 197 -43.10 5.12 -28.10
CA GLN B 197 -42.52 5.93 -29.17
C GLN B 197 -41.05 5.59 -29.43
N TRP B 198 -40.40 4.94 -28.46
CA TRP B 198 -39.09 4.34 -28.63
C TRP B 198 -39.26 2.82 -28.69
N PRO B 199 -39.35 2.27 -29.90
CA PRO B 199 -39.78 0.87 -30.10
C PRO B 199 -38.93 -0.21 -29.38
N LEU B 200 -37.61 -0.05 -29.34
CA LEU B 200 -36.76 -0.98 -28.60
C LEU B 200 -37.05 -0.93 -27.11
N LEU B 201 -37.10 0.28 -26.55
CA LEU B 201 -37.50 0.48 -25.14
C LEU B 201 -38.88 -0.08 -24.82
N GLY B 202 -39.81 0.08 -25.76
CA GLY B 202 -41.17 -0.41 -25.58
C GLY B 202 -41.16 -1.92 -25.41
N LYS B 203 -40.44 -2.60 -26.30
CA LYS B 203 -40.29 -4.05 -26.23
C LYS B 203 -39.59 -4.48 -24.94
N TRP B 204 -38.54 -3.74 -24.61
CA TRP B 204 -37.75 -3.99 -23.40
C TRP B 204 -38.63 -3.88 -22.17
N TYR B 205 -39.43 -2.84 -22.13
CA TYR B 205 -40.32 -2.60 -21.00
C TYR B 205 -41.44 -3.65 -20.95
N ASP B 206 -42.00 -4.02 -22.10
CA ASP B 206 -43.06 -5.03 -22.13
C ASP B 206 -42.55 -6.39 -21.63
N SER B 207 -41.30 -6.71 -21.94
CA SER B 207 -40.74 -7.98 -21.51
C SER B 207 -40.52 -8.02 -20.01
N LEU B 208 -40.11 -6.90 -19.45
CA LEU B 208 -39.81 -6.83 -18.02
C LEU B 208 -41.07 -6.91 -17.16
N LEU B 209 -42.14 -6.27 -17.63
CA LEU B 209 -43.43 -6.32 -16.93
C LEU B 209 -44.04 -7.73 -16.88
N LYS B 210 -43.58 -8.62 -17.74
CA LYS B 210 -44.07 -10.00 -17.78
C LYS B 210 -43.46 -10.91 -16.71
N LEU B 211 -42.44 -10.42 -16.02
CA LEU B 211 -41.79 -11.20 -14.96
C LEU B 211 -42.53 -11.06 -13.64
N PRO B 212 -42.76 -12.18 -12.95
CA PRO B 212 -43.40 -12.20 -11.63
C PRO B 212 -42.67 -11.32 -10.61
N ALA B 213 -41.35 -11.38 -10.56
CA ALA B 213 -40.59 -10.58 -9.61
C ALA B 213 -40.80 -9.09 -9.82
N VAL B 214 -40.82 -8.67 -11.08
CA VAL B 214 -41.10 -7.28 -11.43
C VAL B 214 -42.49 -6.83 -10.97
N GLN B 215 -43.52 -7.59 -11.32
CA GLN B 215 -44.89 -7.34 -10.86
C GLN B 215 -44.94 -7.29 -9.33
N LYS B 216 -44.33 -8.27 -8.69
CA LYS B 216 -44.30 -8.35 -7.23
C LYS B 216 -43.54 -7.19 -6.60
N GLY B 217 -42.49 -6.72 -7.28
CA GLY B 217 -41.72 -5.60 -6.78
C GLY B 217 -42.50 -4.31 -6.86
N PHE B 218 -43.23 -4.14 -7.96
CA PHE B 218 -44.03 -2.94 -8.19
C PHE B 218 -45.21 -2.79 -7.21
N GLU B 219 -45.49 -3.85 -6.48
CA GLU B 219 -46.56 -3.82 -5.48
C GLU B 219 -46.03 -3.52 -4.09
N VAL B 220 -44.72 -3.29 -3.98
CA VAL B 220 -44.07 -3.13 -2.68
C VAL B 220 -43.41 -1.76 -2.50
N PRO B 221 -43.94 -0.95 -1.56
CA PRO B 221 -45.19 -1.19 -0.83
C PRO B 221 -46.39 -0.72 -1.67
N PRO B 222 -47.61 -1.14 -1.33
CA PRO B 222 -48.80 -0.82 -2.15
C PRO B 222 -48.98 0.66 -2.50
N LEU C 5 32.73 19.88 -38.10
CA LEU C 5 32.15 19.79 -36.76
C LEU C 5 31.09 20.87 -36.56
N LYS C 6 29.86 20.45 -36.22
CA LYS C 6 28.72 21.36 -36.09
C LYS C 6 28.81 22.24 -34.84
N PRO C 7 28.30 23.49 -34.92
CA PRO C 7 28.41 24.42 -33.79
C PRO C 7 27.55 23.96 -32.62
N ILE C 8 28.07 24.12 -31.41
CA ILE C 8 27.31 23.78 -30.21
C ILE C 8 26.38 24.92 -29.84
N LYS C 9 25.14 24.60 -29.52
CA LYS C 9 24.19 25.63 -29.13
C LYS C 9 24.28 25.86 -27.62
N LEU C 10 24.51 27.11 -27.23
CA LEU C 10 24.65 27.46 -25.83
C LEU C 10 23.56 28.41 -25.35
N TYR C 11 22.68 27.90 -24.52
CA TYR C 11 21.63 28.72 -23.92
C TYR C 11 22.20 29.36 -22.65
N THR C 12 22.44 30.67 -22.70
CA THR C 12 23.13 31.32 -21.59
C THR C 12 22.78 32.79 -21.36
N ALA C 13 23.50 33.40 -20.41
CA ALA C 13 23.28 34.78 -19.99
C ALA C 13 24.57 35.26 -19.30
N PRO C 14 24.74 36.58 -19.11
CA PRO C 14 25.99 37.06 -18.52
C PRO C 14 26.03 36.88 -17.00
N THR C 15 26.36 35.68 -16.57
CA THR C 15 26.35 35.28 -15.17
C THR C 15 27.54 34.35 -14.89
N PRO C 16 27.92 34.17 -13.61
CA PRO C 16 29.05 33.29 -13.28
C PRO C 16 28.97 31.90 -13.93
N ASN C 17 27.78 31.31 -13.91
CA ASN C 17 27.58 29.96 -14.43
C ASN C 17 27.64 29.91 -15.94
N GLY C 18 27.07 30.92 -16.57
CA GLY C 18 27.11 31.02 -18.01
C GLY C 18 28.54 31.19 -18.47
N TYR C 19 29.33 31.93 -17.68
CA TYR C 19 30.74 32.18 -18.01
C TYR C 19 31.58 30.93 -18.01
N LYS C 20 31.26 30.01 -17.09
CA LYS C 20 31.99 28.74 -17.00
C LYS C 20 32.05 28.08 -18.37
N ILE C 21 30.88 27.98 -19.00
CA ILE C 21 30.76 27.24 -20.25
C ILE C 21 31.34 28.01 -21.43
N SER C 22 31.12 29.32 -21.47
CA SER C 22 31.65 30.11 -22.58
C SER C 22 33.18 30.10 -22.55
N ILE C 23 33.75 30.17 -21.35
CA ILE C 23 35.19 30.09 -21.20
C ILE C 23 35.74 28.73 -21.63
N PHE C 24 35.17 27.65 -21.11
CA PHE C 24 35.72 26.34 -21.43
C PHE C 24 35.59 25.98 -22.91
N LEU C 25 34.53 26.46 -23.55
CA LEU C 25 34.33 26.28 -24.99
C LEU C 25 35.43 26.99 -25.78
N GLU C 26 35.72 28.23 -25.39
CA GLU C 26 36.80 29.00 -26.01
C GLU C 26 38.15 28.32 -25.81
N VAL C 27 38.37 27.80 -24.60
CA VAL C 27 39.57 27.07 -24.26
C VAL C 27 39.75 25.83 -25.15
N LEU C 28 38.65 25.14 -25.38
CA LEU C 28 38.65 23.94 -26.22
C LEU C 28 38.74 24.31 -27.71
N GLY C 29 38.37 25.53 -28.06
CA GLY C 29 38.44 26.00 -29.44
C GLY C 29 37.27 25.55 -30.29
N LEU C 30 36.17 25.20 -29.64
CA LEU C 30 34.99 24.68 -30.32
C LEU C 30 34.11 25.80 -30.84
N ASP C 31 33.53 25.60 -32.02
CA ASP C 31 32.56 26.54 -32.58
C ASP C 31 31.24 26.42 -31.82
N TYR C 32 30.64 27.56 -31.51
CA TYR C 32 29.36 27.54 -30.81
C TYR C 32 28.50 28.78 -31.11
N GLU C 33 27.19 28.57 -31.19
CA GLU C 33 26.24 29.68 -31.31
C GLU C 33 25.61 29.95 -29.94
N VAL C 34 25.30 31.21 -29.68
CA VAL C 34 24.75 31.60 -28.39
C VAL C 34 23.30 32.07 -28.50
N GLN C 35 22.47 31.65 -27.54
CA GLN C 35 21.12 32.21 -27.39
C GLN C 35 20.99 32.83 -26.01
N LYS C 36 20.81 34.14 -25.95
CA LYS C 36 20.83 34.83 -24.66
C LYS C 36 19.45 35.00 -24.03
N PHE C 37 19.43 34.94 -22.70
CA PHE C 37 18.21 35.03 -21.93
C PHE C 37 18.21 36.26 -21.03
N ASP C 38 17.06 36.94 -20.97
CA ASP C 38 16.87 38.02 -20.03
C ASP C 38 16.24 37.47 -18.76
N LEU C 39 17.06 37.35 -17.72
CA LEU C 39 16.65 36.73 -16.45
C LEU C 39 15.64 37.56 -15.67
N SER C 40 15.65 38.88 -15.86
CA SER C 40 14.73 39.75 -15.15
C SER C 40 13.35 39.68 -15.77
N LYS C 41 13.26 38.98 -16.89
CA LYS C 41 11.99 38.76 -17.56
C LYS C 41 11.55 37.30 -17.43
N ASN C 42 12.27 36.55 -16.59
CA ASN C 42 11.96 35.14 -16.35
C ASN C 42 11.92 34.28 -17.61
N GLU C 43 12.81 34.55 -18.55
CA GLU C 43 12.78 33.84 -19.83
C GLU C 43 13.16 32.37 -19.70
N THR C 44 13.89 32.01 -18.65
CA THR C 44 14.28 30.61 -18.46
C THR C 44 13.12 29.79 -17.94
N LYS C 45 12.05 30.47 -17.53
CA LYS C 45 10.85 29.76 -17.08
C LYS C 45 9.79 29.63 -18.18
N GLU C 46 10.13 29.99 -19.41
CA GLU C 46 9.19 29.83 -20.52
C GLU C 46 9.06 28.35 -20.89
N ASP C 47 7.85 27.95 -21.28
CA ASP C 47 7.50 26.57 -21.55
C ASP C 47 8.47 25.83 -22.48
N TRP C 48 8.85 26.48 -23.58
CA TRP C 48 9.73 25.84 -24.56
C TRP C 48 11.08 25.49 -23.97
N PHE C 49 11.57 26.31 -23.05
CA PHE C 49 12.88 26.04 -22.48
C PHE C 49 12.81 24.98 -21.39
N VAL C 50 11.76 25.04 -20.59
CA VAL C 50 11.54 24.07 -19.53
C VAL C 50 11.43 22.65 -20.13
N LYS C 51 10.92 22.58 -21.36
CA LYS C 51 10.92 21.33 -22.12
C LYS C 51 12.34 20.80 -22.28
N LEU C 52 13.25 21.69 -22.63
CA LEU C 52 14.66 21.34 -22.77
C LEU C 52 15.34 21.13 -21.43
N ASN C 53 15.00 21.96 -20.45
CA ASN C 53 15.61 21.89 -19.13
C ASN C 53 14.57 22.08 -18.03
N PRO C 54 14.11 20.97 -17.42
CA PRO C 54 13.05 20.96 -16.41
C PRO C 54 13.26 21.98 -15.28
N ASN C 55 14.53 22.21 -14.92
CA ASN C 55 14.92 23.17 -13.87
C ASN C 55 14.64 24.63 -14.26
N GLY C 56 14.57 24.90 -15.55
CA GLY C 56 14.32 26.23 -16.05
C GLY C 56 15.39 27.23 -15.62
N ARG C 57 16.64 26.90 -15.90
CA ARG C 57 17.76 27.79 -15.61
C ARG C 57 18.81 27.65 -16.69
N ILE C 58 19.61 28.69 -16.88
CA ILE C 58 20.78 28.58 -17.74
C ILE C 58 22.02 28.25 -16.89
N PRO C 59 23.07 27.66 -17.49
CA PRO C 59 23.17 27.33 -18.91
C PRO C 59 22.72 25.91 -19.28
N THR C 60 22.49 25.76 -20.58
CA THR C 60 22.10 24.48 -21.17
C THR C 60 22.83 24.46 -22.51
N ILE C 61 23.24 23.29 -22.95
CA ILE C 61 23.83 23.17 -24.28
C ILE C 61 23.10 22.15 -25.14
N ASN C 62 23.13 22.38 -26.44
CA ASN C 62 22.78 21.35 -27.40
C ASN C 62 23.97 21.06 -28.29
N ASP C 63 24.48 19.84 -28.18
CA ASP C 63 25.52 19.39 -29.08
C ASP C 63 24.83 18.55 -30.12
N PRO C 64 24.75 19.06 -31.35
CA PRO C 64 24.15 18.26 -32.43
C PRO C 64 25.09 17.15 -32.90
N ASN C 65 26.34 17.18 -32.44
CA ASN C 65 27.34 16.21 -32.90
C ASN C 65 27.25 14.87 -32.19
N PHE C 66 26.56 14.84 -31.05
CA PHE C 66 26.35 13.60 -30.32
C PHE C 66 25.45 12.72 -31.17
N LYS C 67 25.92 11.53 -31.50
CA LYS C 67 25.28 10.74 -32.55
C LYS C 67 24.09 9.91 -32.08
N GLY C 68 24.08 9.52 -30.81
CA GLY C 68 22.98 8.71 -30.30
C GLY C 68 21.59 9.33 -30.44
N VAL C 69 21.51 10.64 -30.24
CA VAL C 69 20.22 11.31 -30.00
C VAL C 69 19.77 12.21 -31.15
N ASP C 70 18.60 11.90 -31.70
CA ASP C 70 18.01 12.74 -32.74
C ASP C 70 17.76 14.15 -32.22
N GLY C 71 18.30 15.14 -32.93
CA GLY C 71 18.21 16.52 -32.49
C GLY C 71 19.46 16.94 -31.73
N GLY C 72 20.32 15.96 -31.43
CA GLY C 72 21.52 16.24 -30.70
C GLY C 72 21.28 16.17 -29.20
N LEU C 73 22.36 16.16 -28.43
CA LEU C 73 22.30 16.02 -26.99
C LEU C 73 22.01 17.33 -26.28
N VAL C 74 20.96 17.32 -25.44
CA VAL C 74 20.60 18.48 -24.64
C VAL C 74 21.03 18.27 -23.20
N LEU C 75 21.85 19.17 -22.68
CA LEU C 75 22.47 18.96 -21.38
C LEU C 75 22.53 20.22 -20.52
N SER C 76 22.09 20.09 -19.26
CA SER C 76 22.06 21.19 -18.32
C SER C 76 22.98 20.87 -17.13
N GLN C 77 23.12 21.83 -16.21
CA GLN C 77 24.11 21.83 -15.10
C GLN C 77 25.55 22.05 -15.57
N THR C 78 26.14 23.18 -15.19
CA THR C 78 27.51 23.47 -15.56
C THR C 78 28.43 22.32 -15.20
N GLY C 79 28.22 21.72 -14.04
CA GLY C 79 29.00 20.57 -13.61
C GLY C 79 28.99 19.42 -14.62
N ALA C 80 27.80 19.06 -15.09
CA ALA C 80 27.69 17.96 -16.05
C ALA C 80 28.19 18.40 -17.42
N ILE C 81 27.80 19.61 -17.82
CA ILE C 81 28.21 20.17 -19.11
C ILE C 81 29.73 20.20 -19.25
N LEU C 82 30.40 20.73 -18.22
CA LEU C 82 31.86 20.82 -18.19
C LEU C 82 32.50 19.45 -18.37
N GLN C 83 32.05 18.48 -17.59
CA GLN C 83 32.56 17.12 -17.67
C GLN C 83 32.35 16.49 -19.05
N TYR C 84 31.23 16.81 -19.70
CA TYR C 84 30.94 16.26 -21.01
C TYR C 84 31.85 16.85 -22.08
N LEU C 85 32.10 18.15 -21.98
CA LEU C 85 32.96 18.84 -22.94
C LEU C 85 34.40 18.33 -22.84
N ALA C 86 34.86 18.10 -21.61
CA ALA C 86 36.19 17.55 -21.39
C ALA C 86 36.31 16.10 -21.90
N ASP C 87 35.32 15.26 -21.56
CA ASP C 87 35.31 13.85 -22.01
C ASP C 87 35.34 13.75 -23.53
N THR C 88 34.56 14.60 -24.19
CA THR C 88 34.36 14.51 -25.63
C THR C 88 35.40 15.28 -26.44
N TYR C 89 35.78 16.48 -26.00
CA TYR C 89 36.61 17.34 -26.84
C TYR C 89 38.01 17.67 -26.30
N ASP C 90 38.41 17.00 -25.22
CA ASP C 90 39.79 17.10 -24.75
C ASP C 90 40.40 15.70 -24.59
N LYS C 91 40.34 14.90 -25.66
CA LYS C 91 40.87 13.53 -25.61
C LYS C 91 42.40 13.48 -25.60
N GLU C 92 43.04 14.62 -25.90
CA GLU C 92 44.49 14.75 -25.88
C GLU C 92 44.97 15.16 -24.48
N HIS C 93 43.99 15.49 -23.62
CA HIS C 93 44.21 15.72 -22.18
C HIS C 93 45.02 16.96 -21.82
N LYS C 94 44.79 18.05 -22.54
CA LYS C 94 45.40 19.34 -22.25
C LYS C 94 44.77 20.01 -21.03
N PHE C 95 43.53 19.64 -20.73
CA PHE C 95 42.78 20.27 -19.67
C PHE C 95 42.01 19.23 -18.86
N SER C 96 42.60 18.04 -18.75
CA SER C 96 41.99 16.95 -18.03
C SER C 96 42.94 15.76 -17.93
N TYR C 97 42.61 14.84 -17.05
CA TYR C 97 43.42 13.66 -16.85
C TYR C 97 42.66 12.44 -17.38
N PRO C 98 43.39 11.38 -17.76
CA PRO C 98 42.73 10.20 -18.34
C PRO C 98 41.73 9.61 -17.36
N ALA C 99 40.65 9.06 -17.89
CA ALA C 99 39.59 8.48 -17.08
C ALA C 99 40.15 7.40 -16.17
N GLY C 100 39.64 7.35 -14.94
CA GLY C 100 40.04 6.31 -14.02
C GLY C 100 41.26 6.66 -13.18
N THR C 101 42.04 7.65 -13.60
CA THR C 101 43.23 8.04 -12.86
C THR C 101 42.90 8.90 -11.62
N ALA C 102 43.81 8.90 -10.66
CA ALA C 102 43.58 9.59 -9.40
C ALA C 102 43.33 11.09 -9.61
N GLU C 103 44.07 11.69 -10.52
CA GLU C 103 43.91 13.10 -10.82
C GLU C 103 42.54 13.39 -11.42
N TYR C 104 42.05 12.47 -12.24
CA TYR C 104 40.73 12.62 -12.85
C TYR C 104 39.68 12.69 -11.75
N TYR C 105 39.81 11.83 -10.74
CA TYR C 105 38.84 11.82 -9.64
C TYR C 105 38.97 13.02 -8.69
N LYS C 106 40.20 13.50 -8.48
CA LYS C 106 40.37 14.71 -7.69
C LYS C 106 39.81 15.91 -8.44
N THR C 107 39.92 15.90 -9.76
CA THR C 107 39.38 16.97 -10.57
C THR C 107 37.88 17.01 -10.36
N LEU C 108 37.27 15.83 -10.42
CA LEU C 108 35.85 15.66 -10.17
C LEU C 108 35.45 16.11 -8.76
N GLU C 109 36.27 15.74 -7.77
CA GLU C 109 36.02 16.18 -6.40
C GLU C 109 35.97 17.71 -6.30
N TYR C 110 36.96 18.38 -6.91
CA TYR C 110 37.01 19.83 -6.81
C TYR C 110 35.96 20.54 -7.68
N LEU C 111 35.66 19.96 -8.84
CA LEU C 111 34.59 20.49 -9.68
C LEU C 111 33.28 20.43 -8.91
N ILE C 112 33.00 19.28 -8.31
CA ILE C 112 31.73 19.12 -7.62
C ILE C 112 31.68 19.99 -6.37
N PHE C 113 32.80 20.11 -5.67
CA PHE C 113 32.93 21.07 -4.57
C PHE C 113 32.53 22.49 -5.02
N GLN C 114 33.01 22.91 -6.18
CA GLN C 114 32.60 24.20 -6.74
C GLN C 114 31.08 24.28 -6.98
N VAL C 115 30.52 23.36 -7.76
CA VAL C 115 29.10 23.47 -8.09
C VAL C 115 28.21 23.25 -6.88
N ALA C 116 28.67 22.49 -5.89
CA ALA C 116 27.84 22.13 -4.75
C ALA C 116 27.97 23.06 -3.54
N GLU C 117 29.05 23.84 -3.48
CA GLU C 117 29.20 24.75 -2.35
C GLU C 117 29.54 26.19 -2.74
N ASN C 118 30.58 26.37 -3.54
CA ASN C 118 30.97 27.71 -3.94
C ASN C 118 29.82 28.48 -4.65
N GLY C 119 29.25 27.87 -5.67
CA GLY C 119 28.15 28.47 -6.40
C GLY C 119 26.91 28.73 -5.56
N PRO C 120 26.35 27.67 -4.95
CA PRO C 120 25.14 27.88 -4.15
C PRO C 120 25.35 28.91 -3.04
N ILE C 121 26.50 28.87 -2.37
CA ILE C 121 26.70 29.74 -1.21
C ILE C 121 26.96 31.20 -1.63
N GLN C 122 27.85 31.41 -2.60
CA GLN C 122 28.12 32.76 -3.06
C GLN C 122 26.89 33.32 -3.77
N GLY C 123 26.06 32.42 -4.30
CA GLY C 123 24.80 32.82 -4.91
C GLY C 123 23.83 33.35 -3.86
N GLN C 124 23.85 32.76 -2.67
CA GLN C 124 22.96 33.23 -1.61
C GLN C 124 23.45 34.58 -1.10
N ALA C 125 24.76 34.74 -1.03
CA ALA C 125 25.33 36.00 -0.59
C ALA C 125 24.90 37.09 -1.57
N ASN C 126 24.96 36.78 -2.85
CA ASN C 126 24.52 37.72 -3.86
C ASN C 126 23.04 38.05 -3.73
N HIS C 127 22.23 37.06 -3.37
CA HIS C 127 20.80 37.32 -3.20
C HIS C 127 20.49 38.25 -2.02
N PHE C 128 21.14 38.03 -0.89
CA PHE C 128 20.85 38.86 0.27
C PHE C 128 21.39 40.29 0.16
N VAL C 129 22.43 40.47 -0.64
CA VAL C 129 23.02 41.78 -0.80
C VAL C 129 22.31 42.59 -1.88
N PHE C 130 22.00 41.95 -3.01
CA PHE C 130 21.51 42.67 -4.18
C PHE C 130 20.04 42.49 -4.51
N ALA C 131 19.48 41.30 -4.26
CA ALA C 131 18.12 40.99 -4.76
C ALA C 131 17.00 41.04 -3.71
N ALA C 132 17.31 40.68 -2.46
CA ALA C 132 16.29 40.57 -1.42
C ALA C 132 15.51 41.87 -1.25
N LYS C 133 14.19 41.80 -1.30
CA LYS C 133 13.34 42.98 -1.18
C LYS C 133 13.44 43.63 0.20
N GLU C 134 14.00 42.91 1.16
CA GLU C 134 14.28 43.48 2.48
C GLU C 134 15.68 43.13 2.97
N LYS C 135 16.21 43.96 3.87
CA LYS C 135 17.53 43.75 4.43
C LYS C 135 17.46 42.70 5.53
N VAL C 136 18.14 41.58 5.33
CA VAL C 136 18.17 40.53 6.32
C VAL C 136 19.61 40.35 6.78
N PRO C 137 20.04 41.11 7.81
CA PRO C 137 21.44 41.06 8.22
C PRO C 137 21.93 39.64 8.47
N TYR C 138 21.07 38.79 9.03
CA TYR C 138 21.44 37.41 9.29
C TYR C 138 21.84 36.67 8.01
N GLY C 139 21.09 36.87 6.93
CA GLY C 139 21.38 36.24 5.66
C GLY C 139 22.68 36.76 5.08
N ILE C 140 22.84 38.07 5.11
CA ILE C 140 24.04 38.72 4.59
C ILE C 140 25.29 38.22 5.32
N ASN C 141 25.24 38.14 6.64
CA ASN C 141 26.42 37.73 7.39
C ASN C 141 26.70 36.24 7.28
N ARG C 142 25.65 35.42 7.23
CA ARG C 142 25.82 33.98 7.08
C ARG C 142 26.56 33.62 5.78
N TYR C 143 26.11 34.20 4.67
CA TYR C 143 26.61 33.76 3.37
C TYR C 143 27.92 34.42 2.92
N ILE C 144 28.18 35.64 3.38
CA ILE C 144 29.48 36.26 3.16
C ILE C 144 30.56 35.49 3.94
N THR C 145 30.30 35.23 5.23
CA THR C 145 31.21 34.40 6.04
C THR C 145 31.49 33.04 5.41
N ASP C 146 30.44 32.35 4.98
CA ASP C 146 30.64 31.02 4.39
C ASP C 146 31.31 31.10 3.02
N THR C 147 31.02 32.14 2.25
CA THR C 147 31.70 32.34 0.97
C THR C 147 33.20 32.45 1.16
N LYS C 148 33.59 33.18 2.21
CA LYS C 148 34.99 33.34 2.58
C LYS C 148 35.61 32.03 3.07
N ARG C 149 34.83 31.20 3.75
CA ARG C 149 35.33 29.91 4.21
C ARG C 149 35.73 29.08 3.00
N ILE C 150 34.84 29.07 2.03
CA ILE C 150 35.01 28.29 0.81
C ILE C 150 36.26 28.67 0.02
N TYR C 151 36.51 29.96 -0.18
CA TYR C 151 37.74 30.36 -0.88
C TYR C 151 38.99 30.06 -0.06
N GLY C 152 38.84 30.00 1.26
CA GLY C 152 39.95 29.58 2.11
C GLY C 152 40.30 28.13 1.83
N VAL C 153 39.27 27.32 1.60
CA VAL C 153 39.47 25.90 1.28
C VAL C 153 40.18 25.76 -0.07
N PHE C 154 39.74 26.53 -1.05
CA PHE C 154 40.39 26.51 -2.36
C PHE C 154 41.85 26.96 -2.25
N GLU C 155 42.10 27.89 -1.34
CA GLU C 155 43.45 28.38 -1.08
C GLU C 155 44.30 27.28 -0.48
N ASP C 156 43.71 26.50 0.41
CA ASP C 156 44.41 25.35 0.98
C ASP C 156 44.74 24.36 -0.15
N ILE C 157 43.75 24.09 -0.98
CA ILE C 157 43.89 23.14 -2.08
C ILE C 157 45.10 23.47 -2.97
N LEU C 158 45.24 24.75 -3.33
CA LEU C 158 46.37 25.20 -4.13
C LEU C 158 47.69 25.04 -3.38
N SER C 159 47.66 25.28 -2.08
CA SER C 159 48.87 25.20 -1.25
C SER C 159 49.42 23.77 -1.20
N ARG C 160 48.56 22.79 -1.45
CA ARG C 160 48.95 21.38 -1.45
C ARG C 160 49.55 20.95 -2.78
N ASN C 161 49.51 21.83 -3.76
CA ASN C 161 50.07 21.54 -5.07
C ASN C 161 51.43 22.22 -5.20
N LYS C 162 52.34 21.87 -4.30
CA LYS C 162 53.66 22.47 -4.25
C LYS C 162 54.51 22.10 -5.46
N ALA C 163 54.42 20.85 -5.90
CA ALA C 163 55.22 20.37 -7.02
C ALA C 163 54.92 21.14 -8.31
N ASN C 164 53.78 21.83 -8.34
CA ASN C 164 53.45 22.67 -9.48
C ASN C 164 53.24 24.15 -9.13
N ASP C 165 53.94 24.60 -8.08
CA ASP C 165 53.94 26.00 -7.66
C ASP C 165 52.55 26.59 -7.33
N SER C 166 51.62 25.71 -6.98
CA SER C 166 50.26 26.15 -6.59
C SER C 166 49.56 26.92 -7.71
N LYS C 167 49.84 26.55 -8.95
CA LYS C 167 49.31 27.26 -10.09
C LYS C 167 48.00 26.64 -10.58
N TYR C 168 47.77 25.39 -10.23
CA TYR C 168 46.58 24.67 -10.66
C TYR C 168 45.97 23.93 -9.48
N LEU C 169 44.66 23.73 -9.50
CA LEU C 169 43.96 22.95 -8.48
C LEU C 169 44.38 21.49 -8.49
N VAL C 170 44.60 20.94 -9.68
CA VAL C 170 45.03 19.54 -9.82
C VAL C 170 46.26 19.42 -10.73
N GLY C 171 47.34 18.92 -10.16
CA GLY C 171 48.55 18.63 -10.92
C GLY C 171 49.17 19.75 -11.73
N ASP C 172 49.43 19.46 -13.01
CA ASP C 172 50.20 20.34 -13.88
C ASP C 172 49.38 20.98 -15.01
N ARG C 173 48.07 21.07 -14.82
CA ARG C 173 47.25 21.71 -15.83
C ARG C 173 45.94 22.27 -15.26
N TYR C 174 45.39 23.28 -15.91
CA TYR C 174 44.06 23.74 -15.62
C TYR C 174 43.06 22.64 -16.00
N THR C 175 42.10 22.38 -15.13
CA THR C 175 41.06 21.39 -15.43
C THR C 175 39.69 22.09 -15.37
N VAL C 176 38.61 21.36 -15.60
CA VAL C 176 37.26 21.95 -15.51
C VAL C 176 37.02 22.55 -14.13
N ALA C 177 37.70 22.00 -13.12
CA ALA C 177 37.56 22.48 -11.76
C ALA C 177 38.02 23.94 -11.64
N ASP C 178 39.12 24.27 -12.32
CA ASP C 178 39.62 25.63 -12.29
C ASP C 178 38.67 26.60 -12.96
N PHE C 179 38.20 26.22 -14.14
CA PHE C 179 37.39 27.14 -14.93
C PHE C 179 36.03 27.36 -14.27
N ALA C 180 35.52 26.35 -13.60
CA ALA C 180 34.27 26.47 -12.87
C ALA C 180 34.38 27.51 -11.75
N LEU C 181 35.43 27.42 -10.95
CA LEU C 181 35.67 28.37 -9.88
C LEU C 181 35.86 29.79 -10.44
N LEU C 182 36.60 29.87 -11.54
CA LEU C 182 36.89 31.15 -12.22
C LEU C 182 35.64 31.96 -12.57
N GLY C 183 34.56 31.26 -12.89
CA GLY C 183 33.30 31.95 -13.18
C GLY C 183 32.84 32.74 -11.97
N TRP C 184 32.87 32.09 -10.81
CA TRP C 184 32.38 32.70 -9.58
C TRP C 184 33.35 33.65 -8.90
N ALA C 185 34.64 33.34 -8.96
CA ALA C 185 35.68 34.22 -8.40
C ALA C 185 35.62 35.61 -9.03
N TYR C 186 35.24 35.66 -10.31
CA TYR C 186 35.09 36.92 -11.04
C TYR C 186 33.98 37.82 -10.44
N ARG C 187 33.02 37.21 -9.75
CA ARG C 187 31.94 37.95 -9.10
C ARG C 187 32.28 38.49 -7.69
N LEU C 188 33.42 38.06 -7.15
CA LEU C 188 33.80 38.43 -5.79
C LEU C 188 33.87 39.93 -5.55
N SER C 189 34.40 40.67 -6.52
CA SER C 189 34.53 42.10 -6.40
C SER C 189 33.18 42.81 -6.17
N ARG C 190 32.08 42.22 -6.63
CA ARG C 190 30.74 42.76 -6.37
C ARG C 190 30.40 42.77 -4.89
N LEU C 191 30.92 41.80 -4.15
CA LEU C 191 30.74 41.75 -2.71
C LEU C 191 31.87 42.51 -1.97
N GLU C 192 32.67 43.25 -2.72
CA GLU C 192 33.84 43.92 -2.17
C GLU C 192 34.77 42.94 -1.43
N ILE C 193 34.87 41.73 -1.95
CA ILE C 193 35.81 40.75 -1.42
C ILE C 193 37.01 40.69 -2.35
N ASP C 194 38.12 41.25 -1.89
CA ASP C 194 39.37 41.22 -2.63
C ASP C 194 39.94 39.78 -2.57
N ILE C 195 40.02 39.13 -3.73
CA ILE C 195 40.49 37.75 -3.80
C ILE C 195 41.99 37.64 -3.48
N ASN C 196 42.71 38.77 -3.56
CA ASN C 196 44.14 38.79 -3.26
C ASN C 196 44.46 38.53 -1.79
N GLN C 197 43.44 38.62 -0.94
CA GLN C 197 43.62 38.27 0.47
C GLN C 197 43.98 36.81 0.63
N TRP C 198 43.72 36.02 -0.41
CA TRP C 198 44.23 34.65 -0.54
C TRP C 198 45.30 34.65 -1.62
N PRO C 199 46.58 34.81 -1.23
CA PRO C 199 47.65 35.12 -2.18
C PRO C 199 47.86 34.08 -3.29
N LEU C 200 47.74 32.80 -2.96
CA LEU C 200 47.81 31.75 -3.99
C LEU C 200 46.66 31.86 -4.98
N LEU C 201 45.46 32.13 -4.48
CA LEU C 201 44.30 32.34 -5.34
C LEU C 201 44.48 33.56 -6.24
N GLY C 202 45.01 34.64 -5.66
CA GLY C 202 45.22 35.87 -6.41
C GLY C 202 46.11 35.65 -7.61
N LYS C 203 47.16 34.87 -7.43
CA LYS C 203 48.07 34.56 -8.53
C LYS C 203 47.41 33.66 -9.57
N TRP C 204 46.77 32.59 -9.09
CA TRP C 204 45.93 31.71 -9.90
C TRP C 204 44.97 32.50 -10.80
N TYR C 205 44.26 33.45 -10.21
CA TYR C 205 43.27 34.27 -10.91
C TYR C 205 43.94 35.21 -11.92
N ASP C 206 45.01 35.87 -11.50
CA ASP C 206 45.77 36.72 -12.40
C ASP C 206 46.28 35.95 -13.63
N SER C 207 46.81 34.75 -13.42
CA SER C 207 47.28 33.92 -14.54
C SER C 207 46.14 33.60 -15.53
N LEU C 208 44.98 33.26 -14.99
CA LEU C 208 43.84 32.90 -15.83
C LEU C 208 43.24 34.08 -16.60
N LEU C 209 43.17 35.24 -15.95
CA LEU C 209 42.69 36.45 -16.62
C LEU C 209 43.58 36.91 -17.76
N LYS C 210 44.80 36.38 -17.81
CA LYS C 210 45.74 36.74 -18.88
C LYS C 210 45.50 35.97 -20.17
N LEU C 211 44.90 34.77 -20.05
CA LEU C 211 44.66 33.92 -21.21
C LEU C 211 43.51 34.48 -22.05
N PRO C 212 43.74 34.64 -23.35
CA PRO C 212 42.76 35.22 -24.28
C PRO C 212 41.45 34.45 -24.34
N ALA C 213 41.49 33.12 -24.19
CA ALA C 213 40.25 32.33 -24.19
C ALA C 213 39.38 32.72 -23.01
N VAL C 214 40.01 32.97 -21.86
CA VAL C 214 39.32 33.39 -20.65
C VAL C 214 38.70 34.78 -20.80
N GLN C 215 39.44 35.68 -21.41
CA GLN C 215 38.95 37.05 -21.61
C GLN C 215 37.78 37.07 -22.57
N LYS C 216 37.87 36.24 -23.60
CA LYS C 216 36.83 36.17 -24.63
C LYS C 216 35.57 35.50 -24.08
N GLY C 217 35.76 34.46 -23.27
CA GLY C 217 34.65 33.78 -22.63
C GLY C 217 33.87 34.70 -21.71
N PHE C 218 34.59 35.64 -21.09
CA PHE C 218 33.98 36.60 -20.17
C PHE C 218 33.20 37.70 -20.91
N GLU C 219 33.25 37.69 -22.24
CA GLU C 219 32.49 38.64 -23.04
C GLU C 219 31.32 37.96 -23.75
N VAL C 220 30.92 36.80 -23.27
CA VAL C 220 29.84 36.03 -23.90
C VAL C 220 28.74 35.64 -22.90
N PRO C 221 27.50 36.11 -23.12
CA PRO C 221 27.13 37.13 -24.11
C PRO C 221 27.75 38.48 -23.77
N PRO C 222 27.78 39.41 -24.74
CA PRO C 222 28.44 40.71 -24.53
C PRO C 222 27.96 41.43 -23.28
N LYS C 223 28.90 41.81 -22.43
CA LYS C 223 28.60 42.65 -21.29
C LYS C 223 28.05 43.95 -21.84
N ASN C 224 26.83 44.28 -21.43
CA ASN C 224 26.09 45.36 -22.03
C ASN C 224 25.53 46.28 -20.97
N ALA C 225 25.04 47.45 -21.40
CA ALA C 225 24.33 48.34 -20.50
C ALA C 225 23.03 47.67 -20.07
N GLU C 226 22.61 46.69 -20.85
CA GLU C 226 21.37 45.96 -20.60
C GLU C 226 21.46 45.03 -19.38
N ASN C 227 22.68 44.71 -18.94
CA ASN C 227 22.85 43.88 -17.75
C ASN C 227 24.12 44.12 -16.93
N LEU C 228 24.56 45.37 -16.83
CA LEU C 228 25.51 45.72 -15.79
C LEU C 228 24.71 46.29 -14.62
N TYR C 229 23.66 45.57 -14.25
CA TYR C 229 22.77 45.98 -13.18
C TYR C 229 22.70 44.83 -12.18
N PHE C 230 23.20 45.05 -10.96
CA PHE C 230 23.40 43.97 -10.00
C PHE C 230 22.11 43.39 -9.44
N LEU D 5 38.72 -7.82 -2.61
CA LEU D 5 38.64 -6.39 -2.29
C LEU D 5 38.74 -6.14 -0.79
N LYS D 6 39.66 -5.26 -0.41
CA LYS D 6 39.75 -4.75 0.96
C LYS D 6 38.53 -3.85 1.26
N PRO D 7 38.18 -3.70 2.55
CA PRO D 7 37.06 -2.81 2.83
C PRO D 7 37.41 -1.37 2.49
N ILE D 8 36.44 -0.61 1.99
CA ILE D 8 36.60 0.82 1.78
C ILE D 8 36.40 1.50 3.13
N LYS D 9 37.15 2.57 3.39
CA LYS D 9 36.99 3.31 4.63
C LYS D 9 36.02 4.47 4.45
N LEU D 10 34.99 4.56 5.27
CA LEU D 10 34.00 5.63 5.15
C LEU D 10 33.94 6.56 6.35
N TYR D 11 34.31 7.83 6.15
CA TYR D 11 34.22 8.83 7.19
C TYR D 11 32.86 9.51 7.04
N THR D 12 31.98 9.33 8.02
CA THR D 12 30.59 9.66 7.82
C THR D 12 29.85 10.01 9.11
N ALA D 13 28.56 10.24 8.96
CA ALA D 13 27.71 10.65 10.06
C ALA D 13 26.27 10.40 9.62
N PRO D 14 25.35 10.25 10.58
CA PRO D 14 23.96 9.92 10.23
C PRO D 14 23.22 11.14 9.67
N THR D 15 23.49 11.43 8.40
CA THR D 15 23.02 12.62 7.72
C THR D 15 22.68 12.22 6.28
N PRO D 16 21.84 13.00 5.58
CA PRO D 16 21.46 12.61 4.22
C PRO D 16 22.67 12.33 3.36
N ASN D 17 23.69 13.18 3.50
CA ASN D 17 24.90 13.05 2.70
C ASN D 17 25.67 11.78 3.02
N GLY D 18 25.68 11.40 4.29
CA GLY D 18 26.32 10.16 4.69
C GLY D 18 25.53 8.99 4.15
N TYR D 19 24.21 9.14 4.21
CA TYR D 19 23.31 8.08 3.77
C TYR D 19 23.48 7.76 2.28
N LYS D 20 23.67 8.76 1.43
CA LYS D 20 23.89 8.49 0.00
C LYS D 20 24.98 7.43 -0.21
N ILE D 21 26.07 7.53 0.56
CA ILE D 21 27.23 6.70 0.37
C ILE D 21 27.06 5.29 0.96
N SER D 22 26.59 5.22 2.21
CA SER D 22 26.44 3.91 2.85
C SER D 22 25.41 3.07 2.11
N ILE D 23 24.34 3.71 1.66
CA ILE D 23 23.34 3.05 0.82
C ILE D 23 23.96 2.53 -0.47
N PHE D 24 24.70 3.38 -1.18
CA PHE D 24 25.22 2.96 -2.46
C PHE D 24 26.27 1.86 -2.32
N LEU D 25 26.99 1.85 -1.20
CA LEU D 25 27.89 0.76 -0.88
C LEU D 25 27.12 -0.53 -0.66
N GLU D 26 26.01 -0.44 0.09
CA GLU D 26 25.16 -1.60 0.32
C GLU D 26 24.53 -2.09 -0.98
N VAL D 27 24.12 -1.14 -1.82
CA VAL D 27 23.58 -1.47 -3.13
C VAL D 27 24.61 -2.21 -4.01
N LEU D 28 25.88 -1.82 -3.92
CA LEU D 28 26.87 -2.45 -4.77
C LEU D 28 27.43 -3.71 -4.12
N GLY D 29 27.03 -3.95 -2.87
CA GLY D 29 27.51 -5.08 -2.09
C GLY D 29 28.97 -5.00 -1.69
N LEU D 30 29.48 -3.79 -1.41
CA LEU D 30 30.90 -3.62 -1.08
C LEU D 30 31.19 -3.64 0.41
N ASP D 31 32.24 -4.36 0.82
CA ASP D 31 32.70 -4.31 2.21
C ASP D 31 33.25 -2.91 2.52
N TYR D 32 32.96 -2.44 3.73
CA TYR D 32 33.44 -1.14 4.17
C TYR D 32 33.41 -1.00 5.68
N GLU D 33 34.19 -0.05 6.18
CA GLU D 33 34.31 0.19 7.61
C GLU D 33 34.04 1.66 7.83
N VAL D 34 33.57 2.00 9.02
CA VAL D 34 33.06 3.35 9.24
C VAL D 34 33.77 4.10 10.37
N GLN D 35 34.18 5.33 10.12
CA GLN D 35 34.47 6.24 11.24
C GLN D 35 33.38 7.31 11.40
N LYS D 36 32.81 7.35 12.59
CA LYS D 36 31.64 8.17 12.88
C LYS D 36 32.08 9.52 13.46
N PHE D 37 31.45 10.59 13.00
CA PHE D 37 31.73 11.95 13.47
C PHE D 37 30.51 12.56 14.16
N ASP D 38 30.77 13.33 15.21
CA ASP D 38 29.74 14.10 15.90
C ASP D 38 29.79 15.55 15.42
N LEU D 39 28.85 15.90 14.55
CA LEU D 39 28.83 17.22 13.93
C LEU D 39 28.62 18.35 14.94
N SER D 40 27.92 18.07 16.03
CA SER D 40 27.67 19.08 17.06
C SER D 40 28.94 19.48 17.81
N LYS D 41 29.97 18.63 17.74
CA LYS D 41 31.24 18.94 18.40
C LYS D 41 32.30 19.52 17.45
N ASN D 42 31.93 19.75 16.19
CA ASN D 42 32.83 20.37 15.21
C ASN D 42 34.03 19.50 14.81
N GLU D 43 33.85 18.19 14.89
CA GLU D 43 34.95 17.26 14.71
C GLU D 43 35.51 17.20 13.28
N THR D 44 34.69 17.55 12.29
CA THR D 44 35.17 17.52 10.91
C THR D 44 36.15 18.65 10.60
N LYS D 45 36.32 19.57 11.53
CA LYS D 45 37.24 20.69 11.31
C LYS D 45 38.60 20.45 11.93
N GLU D 46 38.74 19.30 12.59
CA GLU D 46 40.03 18.93 13.21
C GLU D 46 41.10 18.77 12.14
N ASP D 47 42.33 19.15 12.45
CA ASP D 47 43.39 19.20 11.45
C ASP D 47 43.67 17.89 10.73
N TRP D 48 43.63 16.78 11.45
CA TRP D 48 43.97 15.51 10.84
C TRP D 48 42.95 15.15 9.74
N PHE D 49 41.70 15.54 9.92
CA PHE D 49 40.68 15.22 8.91
C PHE D 49 40.75 16.20 7.74
N VAL D 50 41.13 17.44 8.04
CA VAL D 50 41.26 18.47 7.00
C VAL D 50 42.39 18.10 6.03
N LYS D 51 43.43 17.46 6.54
CA LYS D 51 44.45 16.85 5.68
C LYS D 51 43.90 15.87 4.64
N LEU D 52 42.95 15.02 5.05
CA LEU D 52 42.26 14.15 4.10
C LEU D 52 41.29 14.93 3.19
N ASN D 53 40.56 15.85 3.81
CA ASN D 53 39.51 16.59 3.13
C ASN D 53 39.56 18.05 3.53
N PRO D 54 40.08 18.89 2.64
CA PRO D 54 40.29 20.33 2.88
C PRO D 54 39.00 21.06 3.27
N ASN D 55 37.86 20.61 2.73
CA ASN D 55 36.54 21.17 3.01
C ASN D 55 36.10 20.93 4.47
N GLY D 56 36.68 19.93 5.11
CA GLY D 56 36.36 19.64 6.49
C GLY D 56 34.89 19.31 6.73
N ARG D 57 34.36 18.46 5.86
CA ARG D 57 33.00 17.98 5.99
C ARG D 57 32.95 16.50 5.58
N ILE D 58 31.94 15.79 6.05
CA ILE D 58 31.74 14.40 5.65
C ILE D 58 30.72 14.34 4.50
N PRO D 59 30.68 13.23 3.74
CA PRO D 59 31.53 12.04 3.87
C PRO D 59 32.80 12.09 3.02
N THR D 60 33.71 11.18 3.36
CA THR D 60 34.97 11.04 2.65
C THR D 60 35.21 9.54 2.63
N ILE D 61 35.77 9.04 1.55
CA ILE D 61 36.19 7.65 1.57
C ILE D 61 37.68 7.51 1.34
N ASN D 62 38.20 6.39 1.82
CA ASN D 62 39.54 5.95 1.46
C ASN D 62 39.33 4.55 0.92
N ASP D 63 39.60 4.38 -0.37
CA ASP D 63 39.55 3.08 -1.01
C ASP D 63 40.97 2.53 -1.19
N PRO D 64 41.36 1.55 -0.36
CA PRO D 64 42.72 0.99 -0.39
C PRO D 64 42.93 0.12 -1.61
N ASN D 65 41.83 -0.25 -2.26
CA ASN D 65 41.92 -1.10 -3.44
C ASN D 65 42.44 -0.34 -4.64
N PHE D 66 42.37 0.99 -4.58
CA PHE D 66 42.90 1.83 -5.66
C PHE D 66 44.42 1.76 -5.72
N LYS D 67 44.95 1.08 -6.73
CA LYS D 67 46.39 0.97 -6.91
C LYS D 67 46.95 2.22 -7.57
N GLY D 68 48.11 2.65 -7.11
CA GLY D 68 48.76 3.80 -7.71
C GLY D 68 48.94 4.89 -6.69
N VAL D 69 47.94 5.02 -5.82
CA VAL D 69 48.00 5.93 -4.70
C VAL D 69 48.36 5.16 -3.45
N ASP D 70 49.52 5.44 -2.89
CA ASP D 70 49.94 4.82 -1.65
C ASP D 70 49.01 5.24 -0.52
N GLY D 71 48.57 4.28 0.28
CA GLY D 71 47.63 4.56 1.35
C GLY D 71 46.18 4.43 0.92
N GLY D 72 45.96 4.41 -0.40
CA GLY D 72 44.63 4.28 -0.97
C GLY D 72 44.11 5.63 -1.43
N LEU D 73 43.11 5.61 -2.33
CA LEU D 73 42.53 6.85 -2.83
C LEU D 73 41.65 7.50 -1.77
N VAL D 74 41.90 8.78 -1.50
CA VAL D 74 41.04 9.55 -0.62
C VAL D 74 40.17 10.47 -1.47
N LEU D 75 38.86 10.42 -1.25
CA LEU D 75 37.93 11.15 -2.10
C LEU D 75 36.79 11.79 -1.31
N SER D 76 36.52 13.06 -1.56
CA SER D 76 35.38 13.71 -0.92
C SER D 76 34.32 14.19 -1.91
N GLN D 77 33.23 14.77 -1.40
CA GLN D 77 32.03 15.17 -2.18
C GLN D 77 31.15 13.97 -2.57
N THR D 78 29.94 13.91 -2.04
CA THR D 78 29.03 12.79 -2.37
C THR D 78 28.91 12.59 -3.89
N GLY D 79 28.91 13.67 -4.66
CA GLY D 79 28.88 13.56 -6.10
C GLY D 79 30.10 12.85 -6.71
N ALA D 80 31.29 13.25 -6.28
CA ALA D 80 32.51 12.64 -6.78
C ALA D 80 32.56 11.19 -6.35
N ILE D 81 32.21 10.95 -5.09
CA ILE D 81 32.26 9.61 -4.54
C ILE D 81 31.30 8.65 -5.24
N LEU D 82 30.06 9.09 -5.44
CA LEU D 82 29.06 8.23 -6.10
C LEU D 82 29.52 7.85 -7.50
N GLN D 83 30.05 8.84 -8.22
CA GLN D 83 30.55 8.63 -9.59
C GLN D 83 31.71 7.64 -9.62
N TYR D 84 32.66 7.85 -8.71
CA TYR D 84 33.80 6.94 -8.59
C TYR D 84 33.33 5.53 -8.29
N LEU D 85 32.36 5.40 -7.37
CA LEU D 85 31.91 4.07 -6.95
C LEU D 85 31.19 3.35 -8.06
N ALA D 86 30.44 4.09 -8.88
CA ALA D 86 29.73 3.47 -10.00
C ALA D 86 30.70 3.11 -11.14
N ASP D 87 31.65 3.99 -11.43
CA ASP D 87 32.66 3.71 -12.46
C ASP D 87 33.43 2.44 -12.11
N THR D 88 33.85 2.33 -10.85
CA THR D 88 34.80 1.30 -10.42
C THR D 88 34.13 -0.02 -10.14
N TYR D 89 32.95 0.02 -9.51
CA TYR D 89 32.34 -1.20 -9.01
C TYR D 89 30.99 -1.57 -9.61
N ASP D 90 30.60 -0.88 -10.68
CA ASP D 90 29.36 -1.21 -11.38
C ASP D 90 29.63 -1.35 -12.87
N LYS D 91 30.68 -2.09 -13.20
CA LYS D 91 31.00 -2.35 -14.59
C LYS D 91 29.95 -3.22 -15.27
N GLU D 92 29.12 -3.89 -14.45
CA GLU D 92 28.03 -4.71 -14.96
C GLU D 92 26.82 -3.84 -15.34
N HIS D 93 26.85 -2.59 -14.90
CA HIS D 93 25.85 -1.60 -15.28
C HIS D 93 24.45 -1.92 -14.78
N LYS D 94 24.36 -2.47 -13.57
CA LYS D 94 23.08 -2.67 -12.91
C LYS D 94 22.50 -1.34 -12.43
N PHE D 95 23.37 -0.39 -12.11
CA PHE D 95 22.93 0.90 -11.55
C PHE D 95 23.64 2.08 -12.20
N SER D 96 23.94 1.96 -13.49
CA SER D 96 24.69 2.97 -14.22
C SER D 96 24.66 2.63 -15.69
N TYR D 97 24.93 3.63 -16.52
CA TYR D 97 24.96 3.42 -17.96
C TYR D 97 26.38 3.47 -18.47
N PRO D 98 26.64 2.81 -19.60
CA PRO D 98 28.01 2.82 -20.12
C PRO D 98 28.48 4.25 -20.40
N ALA D 99 29.78 4.48 -20.21
CA ALA D 99 30.36 5.81 -20.33
C ALA D 99 30.28 6.35 -21.74
N GLY D 100 30.03 7.65 -21.86
CA GLY D 100 29.92 8.30 -23.16
C GLY D 100 28.54 8.21 -23.77
N THR D 101 27.63 7.49 -23.11
CA THR D 101 26.24 7.39 -23.59
C THR D 101 25.34 8.53 -23.11
N ALA D 102 24.24 8.75 -23.83
CA ALA D 102 23.30 9.82 -23.48
C ALA D 102 22.84 9.66 -22.05
N GLU D 103 22.44 8.44 -21.69
CA GLU D 103 21.91 8.15 -20.37
C GLU D 103 22.95 8.29 -19.27
N TYR D 104 24.20 8.02 -19.60
CA TYR D 104 25.28 8.27 -18.66
C TYR D 104 25.32 9.76 -18.31
N TYR D 105 25.24 10.60 -19.34
CA TYR D 105 25.31 12.04 -19.15
C TYR D 105 24.07 12.66 -18.49
N LYS D 106 22.88 12.12 -18.79
CA LYS D 106 21.68 12.56 -18.06
C LYS D 106 21.77 12.17 -16.59
N THR D 107 22.30 10.99 -16.32
CA THR D 107 22.58 10.61 -14.94
C THR D 107 23.48 11.66 -14.28
N LEU D 108 24.52 12.09 -14.99
CA LEU D 108 25.43 13.09 -14.45
C LEU D 108 24.63 14.37 -14.20
N GLU D 109 23.85 14.80 -15.19
CA GLU D 109 23.03 16.01 -15.08
C GLU D 109 22.19 16.02 -13.81
N TYR D 110 21.46 14.93 -13.57
CA TYR D 110 20.52 14.88 -12.46
C TYR D 110 21.21 14.69 -11.12
N LEU D 111 22.33 13.99 -11.15
CA LEU D 111 23.19 13.82 -9.98
C LEU D 111 23.73 15.18 -9.54
N ILE D 112 24.29 15.93 -10.47
CA ILE D 112 24.79 17.28 -10.19
C ILE D 112 23.66 18.17 -9.69
N PHE D 113 22.51 18.09 -10.36
CA PHE D 113 21.33 18.83 -9.94
C PHE D 113 20.96 18.52 -8.48
N GLN D 114 21.10 17.28 -8.06
CA GLN D 114 20.85 16.96 -6.66
C GLN D 114 21.87 17.65 -5.74
N VAL D 115 23.17 17.55 -6.05
CA VAL D 115 24.20 18.07 -5.13
C VAL D 115 24.39 19.58 -5.19
N ALA D 116 24.01 20.18 -6.31
CA ALA D 116 24.20 21.62 -6.47
C ALA D 116 22.96 22.41 -6.08
N GLU D 117 21.81 21.75 -5.97
CA GLU D 117 20.59 22.51 -5.74
C GLU D 117 19.74 21.85 -4.66
N ASN D 118 19.33 20.60 -4.88
CA ASN D 118 18.58 19.89 -3.86
C ASN D 118 19.28 19.91 -2.48
N GLY D 119 20.52 19.44 -2.44
CA GLY D 119 21.29 19.39 -1.20
C GLY D 119 21.44 20.72 -0.48
N PRO D 120 22.14 21.68 -1.10
CA PRO D 120 22.39 22.99 -0.49
C PRO D 120 21.10 23.71 -0.05
N ILE D 121 20.05 23.63 -0.87
CA ILE D 121 18.81 24.36 -0.58
C ILE D 121 18.00 23.77 0.58
N GLN D 122 17.77 22.46 0.56
CA GLN D 122 17.06 21.80 1.66
C GLN D 122 17.87 21.95 2.97
N GLY D 123 19.19 21.90 2.85
CA GLY D 123 20.10 22.16 3.97
C GLY D 123 19.93 23.55 4.56
N GLN D 124 19.88 24.57 3.71
CA GLN D 124 19.61 25.93 4.17
C GLN D 124 18.23 25.99 4.82
N ALA D 125 17.27 25.25 4.30
CA ALA D 125 15.95 25.20 4.95
C ALA D 125 16.06 24.59 6.36
N ASN D 126 16.77 23.46 6.47
CA ASN D 126 17.02 22.85 7.77
C ASN D 126 17.69 23.81 8.76
N HIS D 127 18.65 24.59 8.26
CA HIS D 127 19.33 25.54 9.14
C HIS D 127 18.37 26.58 9.73
N PHE D 128 17.55 27.19 8.87
CA PHE D 128 16.64 28.25 9.32
C PHE D 128 15.53 27.74 10.22
N VAL D 129 15.14 26.49 10.02
CA VAL D 129 14.08 25.91 10.84
C VAL D 129 14.60 25.35 12.17
N PHE D 130 15.78 24.72 12.16
CA PHE D 130 16.24 24.01 13.36
C PHE D 130 17.50 24.59 14.04
N ALA D 131 18.48 25.00 13.25
CA ALA D 131 19.79 25.38 13.79
C ALA D 131 19.95 26.86 14.13
N ALA D 132 19.30 27.74 13.36
CA ALA D 132 19.42 29.19 13.55
C ALA D 132 19.16 29.61 14.99
N LYS D 133 20.06 30.41 15.54
CA LYS D 133 19.93 30.87 16.93
C LYS D 133 18.82 31.90 17.04
N GLU D 134 18.40 32.45 15.90
CA GLU D 134 17.26 33.38 15.87
C GLU D 134 16.29 33.01 14.75
N LYS D 135 15.02 33.33 14.95
CA LYS D 135 14.00 33.05 13.96
C LYS D 135 14.06 34.10 12.86
N VAL D 136 14.27 33.64 11.63
CA VAL D 136 14.32 34.50 10.46
C VAL D 136 13.25 34.05 9.46
N PRO D 137 12.06 34.69 9.50
CA PRO D 137 10.99 34.30 8.58
C PRO D 137 11.39 34.42 7.11
N TYR D 138 12.23 35.40 6.75
CA TYR D 138 12.63 35.52 5.35
C TYR D 138 13.36 34.28 4.84
N GLY D 139 14.26 33.74 5.66
CA GLY D 139 15.05 32.59 5.28
C GLY D 139 14.24 31.30 5.27
N ILE D 140 13.46 31.11 6.32
CA ILE D 140 12.56 29.97 6.42
C ILE D 140 11.69 29.90 5.18
N ASN D 141 11.08 31.02 4.81
CA ASN D 141 10.16 31.04 3.68
C ASN D 141 10.85 30.81 2.33
N ARG D 142 11.95 31.51 2.11
CA ARG D 142 12.73 31.35 0.87
C ARG D 142 13.14 29.90 0.61
N TYR D 143 13.72 29.24 1.60
CA TYR D 143 14.26 27.91 1.37
C TYR D 143 13.23 26.80 1.45
N ILE D 144 12.17 26.99 2.22
CA ILE D 144 11.09 26.01 2.22
C ILE D 144 10.41 26.04 0.85
N THR D 145 10.31 27.25 0.30
CA THR D 145 9.68 27.43 -1.00
C THR D 145 10.54 26.83 -2.08
N ASP D 146 11.81 27.17 -2.07
CA ASP D 146 12.73 26.67 -3.08
C ASP D 146 12.94 25.15 -3.02
N THR D 147 12.79 24.58 -1.82
CA THR D 147 12.89 23.13 -1.68
C THR D 147 11.71 22.47 -2.44
N LYS D 148 10.51 22.98 -2.19
CA LYS D 148 9.33 22.54 -2.94
C LYS D 148 9.53 22.69 -4.43
N ARG D 149 10.09 23.83 -4.86
CA ARG D 149 10.40 24.03 -6.28
C ARG D 149 11.23 22.87 -6.81
N ILE D 150 12.34 22.60 -6.15
CA ILE D 150 13.28 21.58 -6.62
C ILE D 150 12.67 20.17 -6.69
N TYR D 151 11.86 19.80 -5.70
CA TYR D 151 11.17 18.51 -5.75
C TYR D 151 10.12 18.46 -6.86
N GLY D 152 9.49 19.59 -7.13
CA GLY D 152 8.56 19.70 -8.24
C GLY D 152 9.29 19.43 -9.53
N VAL D 153 10.55 19.85 -9.62
CA VAL D 153 11.34 19.62 -10.82
C VAL D 153 11.67 18.14 -10.97
N PHE D 154 12.03 17.50 -9.86
CA PHE D 154 12.28 16.05 -9.88
C PHE D 154 11.03 15.25 -10.27
N GLU D 155 9.87 15.71 -9.80
CA GLU D 155 8.60 15.14 -10.17
C GLU D 155 8.37 15.22 -11.68
N ASP D 156 8.66 16.40 -12.26
CA ASP D 156 8.59 16.59 -13.70
C ASP D 156 9.58 15.65 -14.41
N ILE D 157 10.81 15.58 -13.91
CA ILE D 157 11.82 14.68 -14.47
C ILE D 157 11.33 13.23 -14.54
N LEU D 158 10.78 12.72 -13.44
CA LEU D 158 10.20 11.39 -13.47
C LEU D 158 9.07 11.30 -14.52
N SER D 159 8.26 12.34 -14.64
CA SER D 159 7.11 12.32 -15.55
C SER D 159 7.54 12.20 -17.01
N ARG D 160 8.76 12.65 -17.30
CA ARG D 160 9.30 12.57 -18.66
C ARG D 160 9.76 11.16 -19.02
N ASN D 161 9.98 10.33 -18.01
CA ASN D 161 10.39 8.95 -18.25
C ASN D 161 9.23 7.98 -18.43
N LYS D 162 8.41 8.25 -19.44
CA LYS D 162 7.17 7.50 -19.68
C LYS D 162 7.40 6.09 -20.19
N ALA D 163 8.41 5.93 -21.03
CA ALA D 163 8.80 4.59 -21.50
C ALA D 163 9.19 3.65 -20.36
N ASN D 164 9.40 4.19 -19.15
CA ASN D 164 9.64 3.33 -18.01
C ASN D 164 8.66 3.59 -16.87
N ASP D 165 7.47 4.12 -17.20
CA ASP D 165 6.43 4.37 -16.20
C ASP D 165 6.88 5.27 -15.04
N SER D 166 7.82 6.18 -15.31
CA SER D 166 8.25 7.17 -14.31
C SER D 166 8.80 6.55 -13.04
N LYS D 167 9.44 5.39 -13.17
CA LYS D 167 9.97 4.65 -12.02
C LYS D 167 11.36 5.13 -11.63
N TYR D 168 12.09 5.68 -12.59
CA TYR D 168 13.50 6.03 -12.42
C TYR D 168 13.76 7.39 -13.02
N LEU D 169 14.80 8.08 -12.53
CA LEU D 169 15.13 9.39 -13.06
C LEU D 169 15.68 9.33 -14.49
N VAL D 170 16.39 8.24 -14.81
CA VAL D 170 16.92 8.05 -16.17
C VAL D 170 16.75 6.61 -16.63
N GLY D 171 16.06 6.42 -17.74
CA GLY D 171 15.92 5.11 -18.37
C GLY D 171 15.29 4.06 -17.49
N ASP D 172 15.86 2.85 -17.50
CA ASP D 172 15.23 1.69 -16.87
C ASP D 172 15.91 1.16 -15.61
N ARG D 173 16.61 2.01 -14.89
CA ARG D 173 17.34 1.57 -13.70
C ARG D 173 17.68 2.72 -12.73
N TYR D 174 17.66 2.41 -11.44
CA TYR D 174 18.17 3.32 -10.43
C TYR D 174 19.63 3.63 -10.73
N THR D 175 20.00 4.90 -10.62
CA THR D 175 21.39 5.33 -10.76
C THR D 175 21.82 6.18 -9.56
N VAL D 176 23.07 6.66 -9.60
CA VAL D 176 23.61 7.45 -8.50
C VAL D 176 22.75 8.72 -8.26
N ALA D 177 22.17 9.26 -9.34
CA ALA D 177 21.20 10.35 -9.21
C ALA D 177 20.06 9.99 -8.27
N ASP D 178 19.45 8.83 -8.48
CA ASP D 178 18.33 8.40 -7.64
C ASP D 178 18.77 8.26 -6.18
N PHE D 179 19.89 7.56 -5.99
CA PHE D 179 20.39 7.34 -4.65
C PHE D 179 20.85 8.64 -3.99
N ALA D 180 21.34 9.58 -4.78
CA ALA D 180 21.71 10.88 -4.23
C ALA D 180 20.48 11.65 -3.70
N LEU D 181 19.39 11.66 -4.45
CA LEU D 181 18.16 12.30 -4.02
C LEU D 181 17.56 11.59 -2.80
N LEU D 182 17.68 10.26 -2.80
CA LEU D 182 17.08 9.44 -1.76
C LEU D 182 17.54 9.85 -0.35
N GLY D 183 18.82 10.18 -0.22
CA GLY D 183 19.37 10.58 1.07
C GLY D 183 18.60 11.76 1.66
N TRP D 184 18.28 12.73 0.83
CA TRP D 184 17.66 13.97 1.28
C TRP D 184 16.14 13.86 1.33
N ALA D 185 15.57 13.14 0.38
CA ALA D 185 14.14 12.84 0.37
C ALA D 185 13.73 12.25 1.72
N TYR D 186 14.62 11.44 2.28
CA TYR D 186 14.40 10.75 3.54
C TYR D 186 14.22 11.74 4.68
N ARG D 187 14.81 12.92 4.52
CA ARG D 187 14.74 13.97 5.54
C ARG D 187 13.61 15.00 5.38
N LEU D 188 12.92 14.95 4.24
CA LEU D 188 11.85 15.91 3.93
C LEU D 188 10.80 16.07 5.03
N SER D 189 10.45 14.97 5.68
CA SER D 189 9.42 14.98 6.73
C SER D 189 9.77 15.90 7.92
N ARG D 190 11.06 16.06 8.22
CA ARG D 190 11.49 16.92 9.31
C ARG D 190 11.02 18.36 9.11
N LEU D 191 10.94 18.76 7.84
CA LEU D 191 10.47 20.10 7.46
C LEU D 191 8.95 20.11 7.34
N GLU D 192 8.31 19.02 7.75
CA GLU D 192 6.86 18.84 7.63
C GLU D 192 6.41 18.94 6.17
N ILE D 193 7.22 18.39 5.27
CA ILE D 193 6.89 18.35 3.85
C ILE D 193 6.69 16.88 3.45
N ASP D 194 5.50 16.58 2.94
CA ASP D 194 5.13 15.21 2.60
C ASP D 194 5.50 14.97 1.16
N ILE D 195 6.41 14.03 0.93
CA ILE D 195 6.85 13.70 -0.41
C ILE D 195 5.71 13.07 -1.24
N ASN D 196 4.72 12.48 -0.57
CA ASN D 196 3.55 11.91 -1.25
C ASN D 196 2.69 12.93 -1.97
N GLN D 197 2.92 14.20 -1.67
CA GLN D 197 2.26 15.27 -2.39
C GLN D 197 2.72 15.31 -3.85
N TRP D 198 3.86 14.69 -4.14
CA TRP D 198 4.29 14.53 -5.52
C TRP D 198 4.19 13.05 -5.88
N PRO D 199 3.06 12.66 -6.48
CA PRO D 199 2.68 11.24 -6.60
C PRO D 199 3.72 10.32 -7.26
N LEU D 200 4.44 10.76 -8.29
CA LEU D 200 5.47 9.90 -8.88
C LEU D 200 6.67 9.79 -7.94
N LEU D 201 7.06 10.90 -7.33
CA LEU D 201 8.10 10.87 -6.31
C LEU D 201 7.70 9.92 -5.18
N GLY D 202 6.44 10.00 -4.76
CA GLY D 202 5.94 9.14 -3.69
C GLY D 202 6.08 7.67 -4.05
N LYS D 203 5.70 7.33 -5.28
CA LYS D 203 5.82 5.95 -5.75
C LYS D 203 7.29 5.53 -5.84
N TRP D 204 8.14 6.45 -6.32
CA TRP D 204 9.58 6.28 -6.43
C TRP D 204 10.24 6.07 -5.06
N TYR D 205 9.84 6.85 -4.06
CA TYR D 205 10.38 6.73 -2.71
C TYR D 205 9.92 5.42 -2.06
N ASP D 206 8.66 5.05 -2.28
CA ASP D 206 8.13 3.78 -1.77
C ASP D 206 8.88 2.56 -2.31
N SER D 207 9.17 2.56 -3.62
CA SER D 207 9.92 1.47 -4.23
C SER D 207 11.29 1.32 -3.60
N LEU D 208 12.02 2.43 -3.49
CA LEU D 208 13.39 2.38 -3.01
C LEU D 208 13.48 1.91 -1.57
N LEU D 209 12.48 2.25 -0.77
CA LEU D 209 12.48 1.93 0.64
C LEU D 209 12.14 0.46 0.86
N LYS D 210 11.67 -0.23 -0.18
CA LYS D 210 11.44 -1.67 -0.11
C LYS D 210 12.75 -2.47 -0.26
N LEU D 211 13.77 -1.85 -0.82
CA LEU D 211 15.06 -2.50 -1.04
C LEU D 211 15.84 -2.68 0.24
N PRO D 212 16.20 -3.94 0.58
CA PRO D 212 17.06 -4.23 1.74
C PRO D 212 18.36 -3.41 1.79
N ALA D 213 19.08 -3.26 0.68
CA ALA D 213 20.29 -2.44 0.65
C ALA D 213 20.04 -1.00 1.09
N VAL D 214 18.90 -0.44 0.69
CA VAL D 214 18.50 0.91 1.10
C VAL D 214 18.21 0.95 2.60
N GLN D 215 17.41 0.01 3.06
CA GLN D 215 17.00 -0.03 4.46
C GLN D 215 18.21 -0.14 5.37
N LYS D 216 19.19 -0.93 4.94
CA LYS D 216 20.41 -1.14 5.71
C LYS D 216 21.29 0.11 5.68
N GLY D 217 21.46 0.70 4.49
CA GLY D 217 22.23 1.92 4.35
C GLY D 217 21.78 3.06 5.26
N PHE D 218 20.47 3.19 5.43
CA PHE D 218 19.92 4.22 6.30
C PHE D 218 20.26 4.00 7.77
N GLU D 219 20.79 2.81 8.10
CA GLU D 219 21.16 2.52 9.48
C GLU D 219 22.63 2.80 9.77
N VAL D 220 23.37 3.24 8.76
CA VAL D 220 24.82 3.38 8.91
C VAL D 220 25.28 4.82 8.73
N PRO D 221 25.86 5.40 9.79
CA PRO D 221 25.98 4.86 11.14
C PRO D 221 24.68 5.07 11.94
N PRO D 222 24.56 4.41 13.12
CA PRO D 222 23.38 4.59 13.97
C PRO D 222 23.29 5.99 14.59
N LYS D 223 22.09 6.41 14.97
CA LYS D 223 21.89 7.75 15.53
C LYS D 223 22.19 7.83 17.03
N LEU E 5 -15.34 -10.04 -39.11
CA LEU E 5 -14.56 -11.06 -38.41
C LEU E 5 -13.45 -11.64 -39.31
N LYS E 6 -12.20 -11.50 -38.89
CA LYS E 6 -11.06 -11.88 -39.72
C LYS E 6 -10.66 -13.30 -39.41
N PRO E 7 -9.94 -13.96 -40.35
CA PRO E 7 -9.50 -15.35 -40.11
C PRO E 7 -8.47 -15.43 -38.99
N ILE E 8 -8.65 -16.41 -38.11
CA ILE E 8 -7.68 -16.75 -37.09
C ILE E 8 -6.48 -17.49 -37.69
N LYS E 9 -5.27 -17.08 -37.32
CA LYS E 9 -4.07 -17.78 -37.78
C LYS E 9 -3.77 -18.96 -36.86
N LEU E 10 -3.69 -20.15 -37.46
CA LEU E 10 -3.40 -21.36 -36.71
C LEU E 10 -2.02 -21.91 -37.09
N TYR E 11 -1.08 -21.81 -36.16
CA TYR E 11 0.24 -22.43 -36.35
C TYR E 11 0.14 -23.84 -35.83
N THR E 12 0.36 -24.82 -36.69
CA THR E 12 -0.03 -26.17 -36.33
C THR E 12 0.75 -27.25 -37.07
N ALA E 13 0.37 -28.49 -36.82
CA ALA E 13 0.92 -29.65 -37.54
C ALA E 13 -0.10 -30.79 -37.40
N PRO E 14 -0.03 -31.82 -38.28
CA PRO E 14 -1.05 -32.88 -38.23
C PRO E 14 -0.81 -33.89 -37.12
N THR E 15 -1.16 -33.49 -35.90
CA THR E 15 -0.92 -34.26 -34.70
C THR E 15 -2.18 -34.12 -33.83
N PRO E 16 -2.35 -35.01 -32.84
CA PRO E 16 -3.43 -34.90 -31.84
C PRO E 16 -3.69 -33.49 -31.34
N ASN E 17 -2.63 -32.80 -30.91
CA ASN E 17 -2.74 -31.47 -30.34
C ASN E 17 -3.15 -30.46 -31.40
N GLY E 18 -2.59 -30.58 -32.59
CA GLY E 18 -3.03 -29.74 -33.69
C GLY E 18 -4.51 -30.00 -34.01
N TYR E 19 -4.92 -31.28 -33.95
CA TYR E 19 -6.26 -31.68 -34.34
C TYR E 19 -7.32 -31.11 -33.41
N LYS E 20 -6.97 -30.95 -32.13
CA LYS E 20 -7.90 -30.40 -31.14
C LYS E 20 -8.41 -29.04 -31.58
N ILE E 21 -7.51 -28.22 -32.10
CA ILE E 21 -7.84 -26.84 -32.43
C ILE E 21 -8.50 -26.73 -33.82
N SER E 22 -8.00 -27.47 -34.80
CA SER E 22 -8.62 -27.47 -36.13
C SER E 22 -10.05 -27.97 -36.04
N ILE E 23 -10.26 -29.03 -35.25
CA ILE E 23 -11.60 -29.55 -35.01
C ILE E 23 -12.53 -28.53 -34.36
N PHE E 24 -12.07 -27.92 -33.27
CA PHE E 24 -12.93 -26.99 -32.55
C PHE E 24 -13.22 -25.74 -33.38
N LEU E 25 -12.24 -25.29 -34.16
CA LEU E 25 -12.47 -24.19 -35.08
C LEU E 25 -13.58 -24.50 -36.11
N GLU E 26 -13.65 -25.74 -36.61
CA GLU E 26 -14.69 -26.15 -37.57
C GLU E 26 -16.06 -26.26 -36.89
N VAL E 27 -16.08 -26.85 -35.70
CA VAL E 27 -17.27 -26.99 -34.90
C VAL E 27 -17.95 -25.64 -34.61
N LEU E 28 -17.15 -24.58 -34.41
CA LEU E 28 -17.67 -23.24 -34.16
C LEU E 28 -17.95 -22.46 -35.43
N GLY E 29 -17.56 -23.02 -36.56
CA GLY E 29 -17.77 -22.37 -37.84
C GLY E 29 -16.94 -21.11 -38.05
N LEU E 30 -15.74 -21.11 -37.48
CA LEU E 30 -14.83 -19.98 -37.60
C LEU E 30 -13.95 -20.10 -38.85
N ASP E 31 -13.71 -18.96 -39.48
CA ASP E 31 -12.74 -18.87 -40.56
C ASP E 31 -11.35 -18.91 -39.96
N TYR E 32 -10.45 -19.69 -40.55
CA TYR E 32 -9.07 -19.68 -40.12
C TYR E 32 -8.11 -20.02 -41.26
N GLU E 33 -6.84 -19.65 -41.06
CA GLU E 33 -5.76 -19.93 -42.00
C GLU E 33 -4.70 -20.72 -41.25
N VAL E 34 -3.99 -21.58 -41.97
CA VAL E 34 -3.11 -22.56 -41.33
C VAL E 34 -1.66 -22.32 -41.72
N GLN E 35 -0.77 -22.35 -40.74
CA GLN E 35 0.64 -22.51 -41.07
C GLN E 35 1.15 -23.81 -40.49
N LYS E 36 1.56 -24.72 -41.38
CA LYS E 36 1.98 -26.06 -41.02
C LYS E 36 3.48 -26.06 -40.65
N PHE E 37 3.82 -26.85 -39.64
CA PHE E 37 5.20 -26.99 -39.23
C PHE E 37 5.73 -28.40 -39.49
N ASP E 38 6.91 -28.49 -40.09
CA ASP E 38 7.58 -29.78 -40.21
C ASP E 38 8.33 -30.04 -38.91
N LEU E 39 7.76 -30.90 -38.05
CA LEU E 39 8.40 -31.21 -36.78
C LEU E 39 9.73 -31.96 -36.94
N SER E 40 9.91 -32.66 -38.07
CA SER E 40 11.16 -33.40 -38.28
C SER E 40 12.33 -32.44 -38.50
N LYS E 41 12.03 -31.20 -38.87
CA LYS E 41 13.05 -30.21 -39.12
C LYS E 41 13.23 -29.28 -37.92
N ASN E 42 12.53 -29.56 -36.83
CA ASN E 42 12.54 -28.68 -35.65
C ASN E 42 12.13 -27.24 -35.94
N GLU E 43 11.13 -27.05 -36.79
CA GLU E 43 10.74 -25.70 -37.19
C GLU E 43 10.10 -24.92 -36.04
N THR E 44 9.61 -25.59 -35.02
CA THR E 44 8.98 -24.88 -33.92
C THR E 44 10.02 -24.22 -33.01
N LYS E 45 11.30 -24.48 -33.25
CA LYS E 45 12.34 -23.86 -32.41
C LYS E 45 12.96 -22.66 -33.12
N GLU E 46 12.50 -22.36 -34.33
CA GLU E 46 13.04 -21.22 -35.06
C GLU E 46 12.75 -19.92 -34.31
N ASP E 47 13.69 -18.98 -34.34
CA ASP E 47 13.62 -17.74 -33.56
C ASP E 47 12.33 -16.97 -33.74
N TRP E 48 11.83 -16.89 -34.97
CA TRP E 48 10.64 -16.11 -35.27
C TRP E 48 9.45 -16.69 -34.54
N PHE E 49 9.42 -18.02 -34.38
CA PHE E 49 8.25 -18.63 -33.76
C PHE E 49 8.33 -18.65 -32.23
N VAL E 50 9.53 -18.84 -31.71
CA VAL E 50 9.75 -18.80 -30.27
C VAL E 50 9.46 -17.40 -29.72
N LYS E 51 9.70 -16.38 -30.54
CA LYS E 51 9.28 -15.03 -30.18
C LYS E 51 7.75 -14.98 -29.95
N LEU E 52 6.98 -15.74 -30.72
CA LEU E 52 5.53 -15.84 -30.49
C LEU E 52 5.20 -16.82 -29.37
N ASN E 53 5.84 -17.99 -29.37
CA ASN E 53 5.59 -18.99 -28.34
C ASN E 53 6.91 -19.44 -27.71
N PRO E 54 7.16 -18.96 -26.49
CA PRO E 54 8.38 -19.21 -25.70
C PRO E 54 8.69 -20.72 -25.61
N ASN E 55 7.64 -21.53 -25.53
CA ASN E 55 7.76 -22.98 -25.43
C ASN E 55 8.25 -23.65 -26.73
N GLY E 56 8.16 -22.93 -27.84
CA GLY E 56 8.60 -23.46 -29.12
C GLY E 56 7.94 -24.77 -29.51
N ARG E 57 6.61 -24.81 -29.41
CA ARG E 57 5.81 -25.96 -29.81
C ARG E 57 4.49 -25.51 -30.43
N ILE E 58 3.84 -26.41 -31.16
CA ILE E 58 2.52 -26.13 -31.72
C ILE E 58 1.45 -26.85 -30.90
N PRO E 59 0.20 -26.40 -30.97
CA PRO E 59 -0.31 -25.28 -31.77
C PRO E 59 -0.25 -23.97 -31.02
N THR E 60 -0.28 -22.89 -31.81
CA THR E 60 -0.40 -21.52 -31.34
C THR E 60 -1.42 -20.81 -32.27
N ILE E 61 -2.27 -19.93 -31.72
CA ILE E 61 -3.09 -19.07 -32.57
C ILE E 61 -2.73 -17.61 -32.43
N ASN E 62 -2.94 -16.86 -33.51
CA ASN E 62 -3.04 -15.42 -33.40
C ASN E 62 -4.45 -15.06 -33.81
N ASP E 63 -5.21 -14.47 -32.88
CA ASP E 63 -6.55 -13.99 -33.20
C ASP E 63 -6.53 -12.50 -33.46
N PRO E 64 -6.57 -12.10 -34.73
CA PRO E 64 -6.56 -10.67 -35.03
C PRO E 64 -7.86 -9.97 -34.61
N ASN E 65 -8.90 -10.72 -34.23
CA ASN E 65 -10.16 -10.10 -33.80
C ASN E 65 -10.16 -9.65 -32.35
N PHE E 66 -9.15 -10.07 -31.60
CA PHE E 66 -8.98 -9.60 -30.23
C PHE E 66 -8.25 -8.26 -30.30
N LYS E 67 -9.02 -7.17 -30.29
CA LYS E 67 -8.48 -5.84 -30.54
C LYS E 67 -7.60 -5.29 -29.42
N GLY E 68 -7.75 -5.83 -28.21
CA GLY E 68 -6.99 -5.34 -27.06
C GLY E 68 -5.49 -5.53 -27.16
N VAL E 69 -5.04 -6.29 -28.17
CA VAL E 69 -3.61 -6.52 -28.37
C VAL E 69 -3.27 -6.17 -29.83
N ASP E 70 -2.36 -5.21 -29.99
CA ASP E 70 -1.91 -4.80 -31.33
C ASP E 70 -1.32 -5.97 -32.11
N GLY E 71 -1.86 -6.22 -33.29
CA GLY E 71 -1.45 -7.35 -34.09
C GLY E 71 -2.19 -8.62 -33.71
N GLY E 72 -3.05 -8.56 -32.70
CA GLY E 72 -3.85 -9.73 -32.32
C GLY E 72 -3.33 -10.48 -31.11
N LEU E 73 -4.23 -11.17 -30.42
CA LEU E 73 -3.88 -11.99 -29.27
C LEU E 73 -3.17 -13.26 -29.72
N VAL E 74 -1.95 -13.48 -29.22
CA VAL E 74 -1.18 -14.69 -29.51
C VAL E 74 -1.27 -15.64 -28.31
N LEU E 75 -1.76 -16.85 -28.53
CA LEU E 75 -2.08 -17.75 -27.44
C LEU E 75 -1.65 -19.18 -27.76
N SER E 76 -0.99 -19.82 -26.80
CA SER E 76 -0.52 -21.18 -26.95
C SER E 76 -1.13 -22.04 -25.85
N GLN E 77 -0.79 -23.33 -25.88
CA GLN E 77 -1.34 -24.41 -25.05
C GLN E 77 -2.77 -24.76 -25.48
N THR E 78 -2.97 -26.02 -25.90
CA THR E 78 -4.29 -26.45 -26.36
C THR E 78 -5.39 -26.16 -25.36
N GLY E 79 -5.14 -26.46 -24.09
CA GLY E 79 -6.11 -26.15 -23.05
C GLY E 79 -6.52 -24.68 -23.06
N ALA E 80 -5.54 -23.76 -23.12
CA ALA E 80 -5.85 -22.34 -23.12
C ALA E 80 -6.52 -21.86 -24.39
N ILE E 81 -6.09 -22.42 -25.53
CA ILE E 81 -6.67 -22.03 -26.81
C ILE E 81 -8.14 -22.44 -26.89
N LEU E 82 -8.41 -23.68 -26.49
CA LEU E 82 -9.78 -24.20 -26.48
C LEU E 82 -10.72 -23.39 -25.59
N GLN E 83 -10.21 -23.04 -24.41
CA GLN E 83 -10.98 -22.26 -23.45
C GLN E 83 -11.28 -20.87 -24.00
N TYR E 84 -10.25 -20.22 -24.53
CA TYR E 84 -10.42 -18.93 -25.18
C TYR E 84 -11.46 -18.99 -26.30
N LEU E 85 -11.34 -19.99 -27.16
CA LEU E 85 -12.21 -20.11 -28.33
C LEU E 85 -13.67 -20.22 -27.89
N ALA E 86 -13.92 -21.04 -26.88
CA ALA E 86 -15.23 -21.24 -26.33
C ALA E 86 -15.77 -19.97 -25.66
N ASP E 87 -14.95 -19.31 -24.84
CA ASP E 87 -15.35 -18.07 -24.18
C ASP E 87 -15.73 -17.03 -25.22
N THR E 88 -14.95 -16.97 -26.30
CA THR E 88 -15.01 -15.84 -27.21
C THR E 88 -16.00 -16.09 -28.33
N TYR E 89 -16.10 -17.33 -28.78
CA TYR E 89 -16.91 -17.64 -29.96
C TYR E 89 -18.03 -18.65 -29.74
N ASP E 90 -18.28 -19.03 -28.50
CA ASP E 90 -19.43 -19.88 -28.23
C ASP E 90 -20.36 -19.27 -27.17
N LYS E 91 -20.79 -18.05 -27.42
CA LYS E 91 -21.62 -17.34 -26.46
C LYS E 91 -23.01 -17.98 -26.37
N GLU E 92 -23.39 -18.72 -27.40
CA GLU E 92 -24.65 -19.46 -27.38
C GLU E 92 -24.59 -20.70 -26.49
N HIS E 93 -23.38 -21.09 -26.09
CA HIS E 93 -23.18 -22.29 -25.28
C HIS E 93 -23.75 -23.54 -25.94
N LYS E 94 -23.48 -23.70 -27.23
CA LYS E 94 -23.77 -24.97 -27.92
C LYS E 94 -22.71 -25.99 -27.55
N PHE E 95 -21.51 -25.52 -27.20
CA PHE E 95 -20.41 -26.44 -26.92
C PHE E 95 -19.69 -26.08 -25.63
N SER E 96 -20.43 -25.46 -24.72
CA SER E 96 -19.87 -24.99 -23.47
C SER E 96 -20.98 -24.62 -22.51
N TYR E 97 -20.60 -24.37 -21.27
CA TYR E 97 -21.56 -24.02 -20.24
C TYR E 97 -21.27 -22.61 -19.75
N PRO E 98 -22.30 -21.89 -19.28
CA PRO E 98 -22.11 -20.52 -18.79
C PRO E 98 -21.02 -20.48 -17.72
N ALA E 99 -20.13 -19.51 -17.84
CA ALA E 99 -19.07 -19.30 -16.86
C ALA E 99 -19.60 -19.31 -15.42
N GLY E 100 -18.93 -20.06 -14.57
CA GLY E 100 -19.20 -20.03 -13.15
C GLY E 100 -20.15 -21.11 -12.67
N THR E 101 -20.72 -21.87 -13.60
CA THR E 101 -21.64 -22.94 -13.25
C THR E 101 -20.85 -24.19 -12.89
N ALA E 102 -21.46 -25.09 -12.12
CA ALA E 102 -20.85 -26.37 -11.80
C ALA E 102 -20.35 -27.09 -13.06
N GLU E 103 -21.18 -27.10 -14.11
CA GLU E 103 -20.83 -27.79 -15.37
C GLU E 103 -19.66 -27.13 -16.11
N TYR E 104 -19.57 -25.81 -15.99
CA TYR E 104 -18.44 -25.08 -16.53
C TYR E 104 -17.15 -25.59 -15.90
N TYR E 105 -17.16 -25.79 -14.59
CA TYR E 105 -15.92 -26.15 -13.89
C TYR E 105 -15.57 -27.63 -14.03
N LYS E 106 -16.59 -28.49 -14.14
CA LYS E 106 -16.36 -29.89 -14.46
C LYS E 106 -15.77 -30.05 -15.86
N THR E 107 -16.19 -29.19 -16.78
CA THR E 107 -15.61 -29.16 -18.12
C THR E 107 -14.14 -28.81 -18.02
N LEU E 108 -13.86 -27.81 -17.20
CA LEU E 108 -12.50 -27.34 -16.98
C LEU E 108 -11.66 -28.46 -16.35
N GLU E 109 -12.24 -29.16 -15.38
CA GLU E 109 -11.56 -30.29 -14.74
C GLU E 109 -11.13 -31.37 -15.73
N TYR E 110 -12.06 -31.83 -16.56
CA TYR E 110 -11.82 -32.90 -17.52
C TYR E 110 -10.93 -32.49 -18.69
N LEU E 111 -11.10 -31.25 -19.14
CA LEU E 111 -10.16 -30.62 -20.06
C LEU E 111 -8.73 -30.63 -19.51
N ILE E 112 -8.57 -30.18 -18.26
CA ILE E 112 -7.27 -30.13 -17.61
C ILE E 112 -6.69 -31.54 -17.44
N PHE E 113 -7.54 -32.49 -17.09
CA PHE E 113 -7.12 -33.87 -16.95
C PHE E 113 -6.51 -34.40 -18.26
N GLN E 114 -7.13 -34.02 -19.37
CA GLN E 114 -6.68 -34.42 -20.69
C GLN E 114 -5.31 -33.80 -20.99
N VAL E 115 -5.19 -32.49 -20.81
CA VAL E 115 -3.93 -31.82 -21.13
C VAL E 115 -2.82 -32.16 -20.14
N ALA E 116 -3.17 -32.48 -18.90
CA ALA E 116 -2.16 -32.72 -17.87
C ALA E 116 -1.81 -34.20 -17.73
N GLU E 117 -2.71 -35.07 -18.16
CA GLU E 117 -2.40 -36.50 -18.06
C GLU E 117 -2.51 -37.30 -19.35
N ASN E 118 -3.64 -37.21 -20.04
CA ASN E 118 -3.84 -38.01 -21.26
C ASN E 118 -2.83 -37.67 -22.34
N GLY E 119 -2.76 -36.40 -22.72
CA GLY E 119 -1.81 -35.92 -23.70
C GLY E 119 -0.35 -36.22 -23.38
N PRO E 120 0.12 -35.82 -22.19
CA PRO E 120 1.52 -36.09 -21.83
C PRO E 120 1.86 -37.58 -21.75
N ILE E 121 0.98 -38.38 -21.16
CA ILE E 121 1.26 -39.80 -20.97
C ILE E 121 1.22 -40.59 -22.28
N GLN E 122 0.14 -40.43 -23.06
CA GLN E 122 0.01 -41.08 -24.36
C GLN E 122 1.14 -40.63 -25.28
N GLY E 123 1.52 -39.38 -25.14
CA GLY E 123 2.66 -38.87 -25.89
C GLY E 123 3.94 -39.61 -25.53
N GLN E 124 4.14 -39.96 -24.27
CA GLN E 124 5.34 -40.72 -23.89
C GLN E 124 5.29 -42.15 -24.43
N ALA E 125 4.08 -42.69 -24.51
CA ALA E 125 3.89 -44.03 -25.07
C ALA E 125 4.28 -44.05 -26.54
N ASN E 126 3.77 -43.08 -27.30
CA ASN E 126 4.17 -42.89 -28.69
C ASN E 126 5.69 -42.81 -28.80
N HIS E 127 6.32 -42.01 -27.94
CA HIS E 127 7.77 -41.88 -28.00
C HIS E 127 8.49 -43.22 -27.90
N PHE E 128 8.19 -43.98 -26.85
CA PHE E 128 8.87 -45.25 -26.63
C PHE E 128 8.47 -46.33 -27.63
N VAL E 129 7.21 -46.32 -28.06
CA VAL E 129 6.75 -47.33 -29.01
C VAL E 129 7.32 -47.11 -30.42
N PHE E 130 7.32 -45.87 -30.92
CA PHE E 130 7.79 -45.69 -32.30
C PHE E 130 8.71 -44.51 -32.65
N ALA E 131 9.04 -43.64 -31.70
CA ALA E 131 9.97 -42.54 -32.01
C ALA E 131 11.39 -42.79 -31.51
N ALA E 132 11.49 -43.38 -30.32
CA ALA E 132 12.78 -43.67 -29.69
C ALA E 132 13.73 -44.50 -30.59
N LYS E 133 15.01 -44.14 -30.60
CA LYS E 133 15.97 -44.78 -31.49
C LYS E 133 16.54 -46.08 -30.92
N GLU E 134 16.19 -46.39 -29.69
CA GLU E 134 16.45 -47.71 -29.13
C GLU E 134 15.19 -48.17 -28.45
N LYS E 135 15.10 -49.48 -28.22
CA LYS E 135 13.99 -50.08 -27.51
C LYS E 135 14.22 -50.01 -26.00
N VAL E 136 13.27 -49.45 -25.27
CA VAL E 136 13.37 -49.38 -23.83
C VAL E 136 12.12 -50.01 -23.21
N PRO E 137 12.16 -51.31 -22.95
CA PRO E 137 10.95 -52.01 -22.46
C PRO E 137 10.33 -51.41 -21.19
N TYR E 138 11.14 -50.87 -20.28
CA TYR E 138 10.61 -50.22 -19.08
C TYR E 138 9.68 -49.02 -19.39
N GLY E 139 10.10 -48.15 -20.30
CA GLY E 139 9.30 -47.02 -20.72
C GLY E 139 8.05 -47.46 -21.46
N ILE E 140 8.20 -48.43 -22.36
CA ILE E 140 7.06 -48.93 -23.11
C ILE E 140 5.98 -49.45 -22.17
N ASN E 141 6.37 -50.32 -21.26
CA ASN E 141 5.41 -50.85 -20.30
C ASN E 141 4.82 -49.78 -19.42
N ARG E 142 5.68 -48.91 -18.89
CA ARG E 142 5.22 -47.83 -18.02
C ARG E 142 4.15 -46.96 -18.69
N TYR E 143 4.40 -46.51 -19.92
CA TYR E 143 3.48 -45.55 -20.53
C TYR E 143 2.27 -46.17 -21.23
N ILE E 144 2.43 -47.39 -21.79
CA ILE E 144 1.30 -48.13 -22.32
C ILE E 144 0.29 -48.43 -21.21
N THR E 145 0.78 -48.91 -20.08
CA THR E 145 -0.08 -49.19 -18.91
C THR E 145 -0.83 -47.95 -18.40
N ASP E 146 -0.10 -46.85 -18.25
CA ASP E 146 -0.71 -45.63 -17.70
C ASP E 146 -1.70 -45.00 -18.67
N THR E 147 -1.45 -45.11 -19.98
CA THR E 147 -2.42 -44.68 -20.99
C THR E 147 -3.75 -45.43 -20.87
N LYS E 148 -3.67 -46.74 -20.67
CA LYS E 148 -4.88 -47.55 -20.47
C LYS E 148 -5.60 -47.20 -19.17
N ARG E 149 -4.85 -46.95 -18.10
CA ARG E 149 -5.45 -46.43 -16.87
C ARG E 149 -6.26 -45.17 -17.15
N ILE E 150 -5.70 -44.29 -17.96
CA ILE E 150 -6.27 -42.97 -18.17
C ILE E 150 -7.56 -43.07 -18.98
N TYR E 151 -7.53 -43.83 -20.07
CA TYR E 151 -8.76 -44.10 -20.83
C TYR E 151 -9.81 -44.80 -19.95
N GLY E 152 -9.34 -45.65 -19.03
CA GLY E 152 -10.20 -46.28 -18.05
C GLY E 152 -10.91 -45.26 -17.17
N VAL E 153 -10.20 -44.20 -16.80
CA VAL E 153 -10.80 -43.09 -16.08
C VAL E 153 -11.86 -42.31 -16.88
N PHE E 154 -11.57 -42.00 -18.14
CA PHE E 154 -12.52 -41.32 -19.01
C PHE E 154 -13.76 -42.17 -19.25
N GLU E 155 -13.57 -43.48 -19.29
CA GLU E 155 -14.68 -44.42 -19.42
C GLU E 155 -15.63 -44.29 -18.22
N ASP E 156 -15.02 -44.20 -17.04
CA ASP E 156 -15.74 -43.99 -15.78
C ASP E 156 -16.50 -42.66 -15.78
N ILE E 157 -15.83 -41.60 -16.24
CA ILE E 157 -16.43 -40.29 -16.34
C ILE E 157 -17.70 -40.36 -17.21
N LEU E 158 -17.58 -41.03 -18.35
CA LEU E 158 -18.74 -41.23 -19.23
C LEU E 158 -19.85 -42.00 -18.53
N SER E 159 -19.48 -42.99 -17.72
CA SER E 159 -20.48 -43.82 -17.04
C SER E 159 -21.26 -43.03 -16.00
N ARG E 160 -20.69 -41.91 -15.55
CA ARG E 160 -21.35 -41.12 -14.52
C ARG E 160 -22.31 -40.11 -15.12
N ASN E 161 -22.40 -40.08 -16.44
CA ASN E 161 -23.36 -39.23 -17.13
C ASN E 161 -24.51 -40.07 -17.68
N LYS E 162 -25.21 -40.76 -16.79
CA LYS E 162 -26.26 -41.69 -17.20
C LYS E 162 -27.48 -40.92 -17.69
N ALA E 163 -27.69 -39.74 -17.12
CA ALA E 163 -28.81 -38.90 -17.48
C ALA E 163 -28.77 -38.52 -18.97
N ASN E 164 -27.59 -38.61 -19.57
CA ASN E 164 -27.44 -38.27 -20.98
C ASN E 164 -26.92 -39.43 -21.81
N ASP E 165 -27.25 -40.65 -21.38
CA ASP E 165 -26.90 -41.88 -22.07
C ASP E 165 -25.38 -42.09 -22.28
N SER E 166 -24.58 -41.50 -21.39
CA SER E 166 -23.12 -41.54 -21.47
C SER E 166 -22.55 -41.08 -22.81
N LYS E 167 -23.16 -40.03 -23.37
CA LYS E 167 -22.80 -39.56 -24.71
C LYS E 167 -21.76 -38.45 -24.66
N TYR E 168 -21.69 -37.77 -23.53
CA TYR E 168 -20.77 -36.64 -23.35
C TYR E 168 -20.09 -36.73 -22.01
N LEU E 169 -18.87 -36.22 -21.95
CA LEU E 169 -18.14 -36.13 -20.69
C LEU E 169 -18.93 -35.33 -19.65
N VAL E 170 -19.49 -34.19 -20.05
CA VAL E 170 -20.20 -33.34 -19.12
C VAL E 170 -21.59 -32.93 -19.62
N GLY E 171 -22.62 -33.39 -18.93
CA GLY E 171 -23.98 -32.93 -19.19
C GLY E 171 -24.56 -33.33 -20.53
N ASP E 172 -25.15 -32.38 -21.23
CA ASP E 172 -25.95 -32.72 -22.41
C ASP E 172 -25.39 -32.17 -23.73
N ARG E 173 -24.07 -31.98 -23.78
CA ARG E 173 -23.45 -31.44 -24.98
C ARG E 173 -21.95 -31.74 -25.01
N TYR E 174 -21.37 -31.76 -26.21
CA TYR E 174 -19.93 -31.83 -26.35
C TYR E 174 -19.32 -30.52 -25.87
N THR E 175 -18.17 -30.61 -25.23
CA THR E 175 -17.42 -29.44 -24.76
C THR E 175 -15.94 -29.58 -25.14
N VAL E 176 -15.14 -28.57 -24.81
CA VAL E 176 -13.72 -28.62 -25.12
C VAL E 176 -13.03 -29.87 -24.55
N ALA E 177 -13.57 -30.40 -23.45
CA ALA E 177 -13.05 -31.62 -22.88
C ALA E 177 -13.13 -32.78 -23.90
N ASP E 178 -14.25 -32.88 -24.60
CA ASP E 178 -14.44 -34.00 -25.55
C ASP E 178 -13.52 -33.83 -26.73
N PHE E 179 -13.44 -32.61 -27.23
CA PHE E 179 -12.61 -32.36 -28.41
C PHE E 179 -11.13 -32.54 -28.12
N ALA E 180 -10.70 -32.20 -26.89
CA ALA E 180 -9.31 -32.39 -26.47
C ALA E 180 -8.96 -33.88 -26.49
N LEU E 181 -9.77 -34.70 -25.85
CA LEU E 181 -9.55 -36.15 -25.81
C LEU E 181 -9.57 -36.77 -27.20
N LEU E 182 -10.47 -36.24 -28.05
CA LEU E 182 -10.74 -36.77 -29.37
C LEU E 182 -9.51 -36.77 -30.25
N GLY E 183 -8.75 -35.68 -30.21
CA GLY E 183 -7.50 -35.59 -30.96
C GLY E 183 -6.52 -36.70 -30.63
N TRP E 184 -6.46 -37.12 -29.37
CA TRP E 184 -5.54 -38.18 -28.96
C TRP E 184 -6.15 -39.56 -29.14
N ALA E 185 -7.47 -39.66 -28.97
CA ALA E 185 -8.16 -40.93 -29.14
C ALA E 185 -7.98 -41.44 -30.56
N TYR E 186 -7.89 -40.50 -31.49
CA TYR E 186 -7.77 -40.76 -32.91
C TYR E 186 -6.49 -41.50 -33.28
N ARG E 187 -5.43 -41.29 -32.50
CA ARG E 187 -4.16 -41.96 -32.78
C ARG E 187 -3.90 -43.11 -31.82
N LEU E 188 -4.90 -43.46 -31.02
CA LEU E 188 -4.70 -44.52 -30.04
C LEU E 188 -4.38 -45.88 -30.71
N SER E 189 -4.92 -46.11 -31.90
CA SER E 189 -4.66 -47.36 -32.65
C SER E 189 -3.18 -47.55 -32.97
N ARG E 190 -2.42 -46.46 -33.04
CA ARG E 190 -0.98 -46.60 -33.33
C ARG E 190 -0.19 -47.31 -32.22
N LEU E 191 -0.73 -47.29 -31.00
CA LEU E 191 -0.13 -47.96 -29.86
C LEU E 191 -0.70 -49.36 -29.71
N GLU E 192 -1.47 -49.77 -30.71
CA GLU E 192 -2.22 -51.04 -30.69
C GLU E 192 -3.16 -51.24 -29.49
N ILE E 193 -3.69 -50.13 -28.99
CA ILE E 193 -4.73 -50.15 -27.98
C ILE E 193 -6.06 -49.87 -28.70
N ASP E 194 -6.99 -50.82 -28.63
CA ASP E 194 -8.29 -50.64 -29.29
C ASP E 194 -9.26 -49.87 -28.39
N ILE E 195 -9.74 -48.72 -28.87
CA ILE E 195 -10.60 -47.89 -28.04
C ILE E 195 -11.93 -48.61 -27.72
N ASN E 196 -12.32 -49.53 -28.58
CA ASN E 196 -13.56 -50.29 -28.38
C ASN E 196 -13.57 -51.20 -27.14
N GLN E 197 -12.41 -51.43 -26.52
CA GLN E 197 -12.36 -52.20 -25.27
C GLN E 197 -13.04 -51.41 -24.15
N TRP E 198 -13.12 -50.10 -24.31
CA TRP E 198 -13.95 -49.27 -23.44
C TRP E 198 -15.27 -48.93 -24.15
N PRO E 199 -16.33 -49.70 -23.86
CA PRO E 199 -17.57 -49.65 -24.65
C PRO E 199 -18.18 -48.25 -24.78
N LEU E 200 -18.22 -47.49 -23.70
CA LEU E 200 -18.78 -46.14 -23.73
C LEU E 200 -17.93 -45.18 -24.58
N LEU E 201 -16.62 -45.25 -24.40
CA LEU E 201 -15.69 -44.46 -25.20
C LEU E 201 -15.81 -44.77 -26.69
N GLY E 202 -15.91 -46.05 -27.02
CA GLY E 202 -16.07 -46.49 -28.40
C GLY E 202 -17.29 -45.90 -29.07
N LYS E 203 -18.41 -45.90 -28.37
CA LYS E 203 -19.63 -45.26 -28.85
C LYS E 203 -19.43 -43.75 -29.00
N TRP E 204 -18.86 -43.14 -27.96
CA TRP E 204 -18.58 -41.70 -27.94
C TRP E 204 -17.71 -41.32 -29.14
N TYR E 205 -16.69 -42.15 -29.39
CA TYR E 205 -15.76 -41.92 -30.50
C TYR E 205 -16.43 -42.06 -31.87
N ASP E 206 -17.17 -43.15 -32.07
CA ASP E 206 -17.89 -43.38 -33.32
C ASP E 206 -18.86 -42.24 -33.64
N SER E 207 -19.53 -41.73 -32.60
CA SER E 207 -20.45 -40.61 -32.77
C SER E 207 -19.74 -39.38 -33.31
N LEU E 208 -18.60 -39.03 -32.70
CA LEU E 208 -17.85 -37.84 -33.10
C LEU E 208 -17.33 -37.92 -34.52
N LEU E 209 -16.79 -39.09 -34.89
CA LEU E 209 -16.22 -39.31 -36.23
C LEU E 209 -17.25 -39.20 -37.36
N LYS E 210 -18.52 -39.42 -37.05
CA LYS E 210 -19.57 -39.20 -38.02
C LYS E 210 -19.78 -37.71 -38.39
N LEU E 211 -19.39 -36.80 -37.51
CA LEU E 211 -19.63 -35.37 -37.75
C LEU E 211 -18.72 -34.76 -38.82
N PRO E 212 -19.32 -34.05 -39.78
CA PRO E 212 -18.59 -33.31 -40.82
C PRO E 212 -17.48 -32.41 -40.27
N ALA E 213 -17.75 -31.66 -39.20
CA ALA E 213 -16.77 -30.72 -38.66
C ALA E 213 -15.56 -31.48 -38.12
N VAL E 214 -15.84 -32.60 -37.46
CA VAL E 214 -14.78 -33.43 -36.92
C VAL E 214 -13.93 -34.02 -38.05
N GLN E 215 -14.57 -34.49 -39.11
CA GLN E 215 -13.85 -35.12 -40.22
C GLN E 215 -12.94 -34.12 -40.93
N LYS E 216 -13.48 -32.92 -41.16
CA LYS E 216 -12.71 -31.83 -41.72
C LYS E 216 -11.47 -31.49 -40.87
N GLY E 217 -11.65 -31.45 -39.55
CA GLY E 217 -10.61 -31.03 -38.64
C GLY E 217 -9.45 -32.02 -38.61
N PHE E 218 -9.77 -33.32 -38.72
CA PHE E 218 -8.76 -34.36 -38.80
C PHE E 218 -8.01 -34.32 -40.13
N GLU E 219 -8.50 -33.50 -41.07
CA GLU E 219 -7.81 -33.30 -42.34
C GLU E 219 -6.86 -32.10 -42.34
N VAL E 220 -6.88 -31.29 -41.28
CA VAL E 220 -6.16 -30.01 -41.27
C VAL E 220 -5.08 -29.98 -40.20
N PRO E 221 -3.81 -29.82 -40.61
CA PRO E 221 -3.31 -29.80 -41.99
C PRO E 221 -3.23 -31.22 -42.53
N PRO E 222 -3.00 -31.39 -43.85
CA PRO E 222 -2.88 -32.77 -44.37
C PRO E 222 -1.59 -33.46 -43.89
N LYS E 223 -1.63 -34.78 -43.76
CA LYS E 223 -0.49 -35.55 -43.31
C LYS E 223 0.04 -36.43 -44.43
N ASN E 224 1.32 -36.26 -44.80
CA ASN E 224 1.97 -37.14 -45.78
C ASN E 224 2.48 -38.41 -45.11
N ALA E 225 2.59 -39.49 -45.88
CA ALA E 225 3.11 -40.76 -45.39
C ALA E 225 4.56 -40.59 -44.85
N GLU E 226 5.31 -39.77 -45.58
CA GLU E 226 6.65 -39.34 -45.21
C GLU E 226 6.74 -38.88 -43.74
N ASN E 227 5.64 -38.34 -43.21
CA ASN E 227 5.63 -37.85 -41.84
C ASN E 227 5.64 -38.96 -40.78
N LEU E 228 5.60 -40.21 -41.25
CA LEU E 228 5.61 -41.35 -40.33
C LEU E 228 7.01 -41.84 -40.02
N TYR E 229 8.00 -41.34 -40.75
CA TYR E 229 9.39 -41.76 -40.55
C TYR E 229 10.09 -40.99 -39.43
N PHE E 230 10.65 -41.71 -38.47
CA PHE E 230 11.41 -41.08 -37.39
C PHE E 230 12.91 -41.39 -37.55
N LEU F 5 6.84 2.36 6.85
CA LEU F 5 5.75 2.25 7.81
C LEU F 5 4.64 3.29 7.64
N LYS F 6 3.42 2.90 7.99
CA LYS F 6 2.28 3.83 8.04
C LYS F 6 2.32 4.66 9.32
N PRO F 7 1.74 5.87 9.28
CA PRO F 7 1.68 6.72 10.48
C PRO F 7 0.85 6.05 11.59
N ILE F 8 1.36 6.14 12.82
CA ILE F 8 0.64 5.68 14.01
C ILE F 8 -0.29 6.80 14.45
N LYS F 9 -1.55 6.48 14.71
CA LYS F 9 -2.49 7.52 15.13
C LYS F 9 -2.48 7.62 16.65
N LEU F 10 -2.23 8.84 17.14
CA LEU F 10 -2.17 9.10 18.58
C LEU F 10 -3.34 9.97 19.02
N TYR F 11 -4.20 9.40 19.87
CA TYR F 11 -5.29 10.15 20.49
C TYR F 11 -4.75 10.67 21.81
N THR F 12 -4.65 11.98 21.94
CA THR F 12 -3.95 12.54 23.08
C THR F 12 -4.41 13.94 23.44
N ALA F 13 -3.77 14.49 24.47
CA ALA F 13 -4.01 15.84 24.96
C ALA F 13 -2.72 16.29 25.64
N PRO F 14 -2.51 17.61 25.77
CA PRO F 14 -1.26 18.08 26.37
C PRO F 14 -1.22 17.84 27.89
N THR F 15 -0.78 16.65 28.28
CA THR F 15 -0.89 16.15 29.65
C THR F 15 0.29 15.22 29.88
N PRO F 16 0.67 14.98 31.16
CA PRO F 16 1.84 14.13 31.48
C PRO F 16 1.75 12.78 30.80
N ASN F 17 0.53 12.25 30.74
CA ASN F 17 0.33 10.93 30.15
C ASN F 17 0.48 10.93 28.64
N GLY F 18 -0.11 11.93 27.99
CA GLY F 18 0.08 12.15 26.57
C GLY F 18 1.55 12.30 26.19
N TYR F 19 2.28 13.07 26.99
CA TYR F 19 3.68 13.34 26.73
C TYR F 19 4.55 12.08 26.78
N LYS F 20 4.21 11.13 27.64
CA LYS F 20 4.94 9.86 27.70
C LYS F 20 5.01 9.24 26.33
N ILE F 21 3.87 9.22 25.65
CA ILE F 21 3.77 8.55 24.37
C ILE F 21 4.36 9.40 23.25
N SER F 22 4.09 10.70 23.26
CA SER F 22 4.61 11.55 22.19
C SER F 22 6.14 11.65 22.26
N ILE F 23 6.67 11.75 23.48
CA ILE F 23 8.12 11.68 23.66
C ILE F 23 8.71 10.34 23.18
N PHE F 24 8.10 9.22 23.56
CA PHE F 24 8.68 7.94 23.15
C PHE F 24 8.64 7.74 21.64
N LEU F 25 7.52 8.14 21.02
CA LEU F 25 7.41 8.07 19.56
C LEU F 25 8.52 8.89 18.89
N GLU F 26 8.79 10.08 19.42
CA GLU F 26 9.82 10.94 18.85
C GLU F 26 11.22 10.32 19.03
N VAL F 27 11.46 9.75 20.21
CA VAL F 27 12.72 9.07 20.49
C VAL F 27 12.93 7.92 19.52
N LEU F 28 11.87 7.16 19.22
CA LEU F 28 11.98 6.01 18.35
C LEU F 28 12.01 6.37 16.86
N GLY F 29 11.82 7.66 16.55
CA GLY F 29 11.85 8.12 15.16
C GLY F 29 10.69 7.65 14.31
N LEU F 30 9.52 7.50 14.91
CA LEU F 30 8.34 6.97 14.22
C LEU F 30 7.39 8.04 13.72
N ASP F 31 6.87 7.85 12.50
CA ASP F 31 5.87 8.74 11.95
C ASP F 31 4.58 8.52 12.69
N TYR F 32 3.92 9.62 13.05
CA TYR F 32 2.63 9.53 13.69
C TYR F 32 1.79 10.77 13.46
N GLU F 33 0.48 10.62 13.61
CA GLU F 33 -0.43 11.74 13.46
C GLU F 33 -1.28 11.89 14.72
N VAL F 34 -1.56 13.14 15.09
CA VAL F 34 -2.16 13.42 16.37
C VAL F 34 -3.60 13.89 16.22
N GLN F 35 -4.47 13.41 17.10
CA GLN F 35 -5.80 13.97 17.23
C GLN F 35 -6.00 14.36 18.67
N LYS F 36 -6.19 15.65 18.92
CA LYS F 36 -6.26 16.14 20.29
C LYS F 36 -7.66 16.13 20.89
N PHE F 37 -7.72 16.03 22.22
CA PHE F 37 -8.99 16.08 22.94
C PHE F 37 -8.99 17.27 23.88
N ASP F 38 -10.13 17.94 23.94
CA ASP F 38 -10.42 18.97 24.94
C ASP F 38 -11.07 18.34 26.17
N LEU F 39 -10.28 18.14 27.21
CA LEU F 39 -10.76 17.47 28.42
C LEU F 39 -11.80 18.32 29.19
N SER F 40 -11.73 19.64 29.06
CA SER F 40 -12.70 20.50 29.74
C SER F 40 -14.09 20.35 29.13
N LYS F 41 -14.16 19.64 28.00
CA LYS F 41 -15.42 19.42 27.31
C LYS F 41 -15.81 17.95 27.37
N ASN F 42 -15.10 17.20 28.19
CA ASN F 42 -15.39 15.78 28.37
C ASN F 42 -15.38 14.97 27.08
N GLU F 43 -14.46 15.31 26.19
CA GLU F 43 -14.38 14.68 24.86
C GLU F 43 -13.94 13.20 24.89
N THR F 44 -13.21 12.78 25.92
CA THR F 44 -12.78 11.38 25.99
C THR F 44 -13.92 10.44 26.43
N LYS F 45 -15.07 11.03 26.74
CA LYS F 45 -16.23 10.23 27.14
C LYS F 45 -17.28 10.10 26.03
N GLU F 46 -16.97 10.63 24.84
CA GLU F 46 -17.87 10.52 23.70
C GLU F 46 -17.99 9.06 23.26
N ASP F 47 -19.18 8.68 22.79
CA ASP F 47 -19.49 7.28 22.47
C ASP F 47 -18.47 6.63 21.53
N TRP F 48 -18.11 7.34 20.47
CA TRP F 48 -17.21 6.81 19.46
C TRP F 48 -15.84 6.43 20.04
N PHE F 49 -15.36 7.16 21.05
CA PHE F 49 -14.02 6.92 21.59
C PHE F 49 -14.01 5.82 22.64
N VAL F 50 -15.09 5.75 23.42
CA VAL F 50 -15.28 4.72 24.41
C VAL F 50 -15.39 3.34 23.76
N LYS F 51 -15.86 3.28 22.51
CA LYS F 51 -15.85 2.02 21.77
C LYS F 51 -14.42 1.56 21.50
N LEU F 52 -13.52 2.51 21.25
CA LEU F 52 -12.12 2.19 21.02
C LEU F 52 -11.42 1.90 22.33
N ASN F 53 -11.75 2.69 23.33
CA ASN F 53 -11.17 2.58 24.65
C ASN F 53 -12.24 2.71 25.72
N PRO F 54 -12.70 1.57 26.26
CA PRO F 54 -13.77 1.47 27.26
C PRO F 54 -13.54 2.39 28.47
N ASN F 55 -12.28 2.62 28.81
CA ASN F 55 -11.96 3.46 29.96
C ASN F 55 -12.27 4.96 29.72
N GLY F 56 -12.33 5.35 28.46
CA GLY F 56 -12.67 6.73 28.11
C GLY F 56 -11.65 7.75 28.58
N ARG F 57 -10.37 7.44 28.38
CA ARG F 57 -9.29 8.38 28.69
C ARG F 57 -8.22 8.33 27.60
N ILE F 58 -7.42 9.38 27.52
CA ILE F 58 -6.29 9.39 26.60
C ILE F 58 -5.06 9.07 27.45
N PRO F 59 -3.96 8.63 26.82
CA PRO F 59 -3.82 8.42 25.38
C PRO F 59 -4.24 7.04 24.93
N THR F 60 -4.41 6.92 23.62
CA THR F 60 -4.76 5.66 22.99
C THR F 60 -4.07 5.76 21.64
N ILE F 61 -3.54 4.64 21.15
CA ILE F 61 -2.96 4.63 19.82
C ILE F 61 -3.69 3.66 18.89
N ASN F 62 -3.53 3.88 17.58
CA ASN F 62 -3.92 2.90 16.59
C ASN F 62 -2.74 2.72 15.65
N ASP F 63 -2.21 1.50 15.65
CA ASP F 63 -1.10 1.16 14.78
C ASP F 63 -1.62 0.38 13.59
N PRO F 64 -1.68 1.03 12.42
CA PRO F 64 -2.15 0.33 11.21
C PRO F 64 -1.10 -0.65 10.71
N ASN F 65 0.10 -0.60 11.30
CA ASN F 65 1.18 -1.50 10.91
C ASN F 65 1.04 -2.88 11.54
N PHE F 66 0.22 -3.01 12.59
CA PHE F 66 -0.03 -4.32 13.21
C PHE F 66 -0.90 -5.18 12.30
N LYS F 67 -0.30 -6.22 11.73
CA LYS F 67 -0.97 -6.99 10.67
C LYS F 67 -2.03 -8.01 11.13
N GLY F 68 -1.95 -8.44 12.39
CA GLY F 68 -2.97 -9.31 12.93
C GLY F 68 -4.39 -8.75 12.95
N VAL F 69 -4.52 -7.42 13.07
CA VAL F 69 -5.82 -6.79 13.32
C VAL F 69 -6.36 -5.96 12.14
N ASP F 70 -7.62 -6.20 11.78
CA ASP F 70 -8.32 -5.41 10.78
C ASP F 70 -8.53 -3.99 11.27
N GLY F 71 -7.98 -3.01 10.55
CA GLY F 71 -8.06 -1.62 10.95
C GLY F 71 -6.93 -1.21 11.87
N GLY F 72 -6.05 -2.17 12.18
CA GLY F 72 -4.89 -1.90 13.00
C GLY F 72 -5.13 -2.17 14.47
N LEU F 73 -4.04 -2.20 15.23
CA LEU F 73 -4.13 -2.46 16.66
C LEU F 73 -4.49 -1.19 17.43
N VAL F 74 -5.53 -1.29 18.24
CA VAL F 74 -5.92 -0.19 19.10
C VAL F 74 -5.51 -0.54 20.51
N LEU F 75 -4.77 0.36 21.15
CA LEU F 75 -4.16 0.08 22.44
C LEU F 75 -4.22 1.30 23.34
N SER F 76 -4.68 1.08 24.58
CA SER F 76 -4.71 2.12 25.59
C SER F 76 -3.83 1.75 26.79
N GLN F 77 -3.74 2.68 27.75
CA GLN F 77 -2.85 2.65 28.91
C GLN F 77 -1.40 2.93 28.55
N THR F 78 -0.88 4.06 29.00
CA THR F 78 0.51 4.44 28.70
C THR F 78 1.50 3.33 28.96
N GLY F 79 1.27 2.55 30.00
CA GLY F 79 2.16 1.45 30.34
C GLY F 79 2.18 0.36 29.29
N ALA F 80 1.01 0.02 28.79
CA ALA F 80 0.91 -1.00 27.75
C ALA F 80 1.43 -0.45 26.42
N ILE F 81 1.10 0.81 26.14
CA ILE F 81 1.49 1.45 24.89
C ILE F 81 3.00 1.56 24.80
N LEU F 82 3.62 1.94 25.91
CA LEU F 82 5.08 2.05 25.96
C LEU F 82 5.74 0.70 25.71
N GLN F 83 5.27 -0.34 26.41
CA GLN F 83 5.81 -1.69 26.28
C GLN F 83 5.66 -2.17 24.84
N TYR F 84 4.49 -1.90 24.26
CA TYR F 84 4.21 -2.26 22.87
C TYR F 84 5.19 -1.63 21.89
N LEU F 85 5.37 -0.31 21.98
CA LEU F 85 6.29 0.43 21.10
C LEU F 85 7.74 -0.05 21.23
N ALA F 86 8.15 -0.34 22.45
CA ALA F 86 9.50 -0.77 22.69
C ALA F 86 9.70 -2.17 22.09
N ASP F 87 8.77 -3.09 22.37
CA ASP F 87 8.82 -4.44 21.78
C ASP F 87 8.88 -4.39 20.26
N THR F 88 8.05 -3.54 19.66
CA THR F 88 7.83 -3.55 18.22
C THR F 88 8.86 -2.74 17.44
N TYR F 89 9.22 -1.57 17.96
CA TYR F 89 10.03 -0.61 17.20
C TYR F 89 11.43 -0.33 17.75
N ASP F 90 11.82 -1.04 18.80
CA ASP F 90 13.19 -0.94 19.30
C ASP F 90 13.85 -2.32 19.42
N LYS F 91 13.87 -3.05 18.31
CA LYS F 91 14.47 -4.38 18.32
C LYS F 91 15.99 -4.29 18.42
N GLU F 92 16.52 -3.09 18.17
CA GLU F 92 17.95 -2.81 18.28
C GLU F 92 18.34 -2.54 19.74
N HIS F 93 17.35 -2.44 20.62
CA HIS F 93 17.62 -2.32 22.05
C HIS F 93 18.41 -1.06 22.42
N LYS F 94 18.12 0.04 21.73
CA LYS F 94 18.74 1.33 22.02
C LYS F 94 18.09 1.98 23.25
N PHE F 95 16.88 1.54 23.57
CA PHE F 95 16.12 2.12 24.66
C PHE F 95 15.35 1.03 25.39
N SER F 96 15.89 -0.18 25.36
CA SER F 96 15.22 -1.33 25.96
C SER F 96 16.21 -2.47 26.06
N TYR F 97 15.86 -3.48 26.83
CA TYR F 97 16.72 -4.63 27.02
C TYR F 97 16.09 -5.86 26.38
N PRO F 98 16.91 -6.85 26.02
CA PRO F 98 16.37 -8.06 25.40
C PRO F 98 15.35 -8.73 26.31
N ALA F 99 14.26 -9.21 25.71
CA ALA F 99 13.19 -9.87 26.44
C ALA F 99 13.73 -11.07 27.23
N GLY F 100 13.26 -11.24 28.46
CA GLY F 100 13.71 -12.34 29.31
C GLY F 100 14.86 -12.04 30.25
N THR F 101 15.55 -10.92 30.06
CA THR F 101 16.71 -10.59 30.90
C THR F 101 16.32 -9.87 32.18
N ALA F 102 17.20 -9.94 33.18
CA ALA F 102 16.96 -9.27 34.46
C ALA F 102 16.68 -7.78 34.25
N GLU F 103 17.45 -7.14 33.38
CA GLU F 103 17.26 -5.73 33.09
C GLU F 103 15.90 -5.46 32.42
N TYR F 104 15.45 -6.37 31.57
CA TYR F 104 14.13 -6.25 30.96
C TYR F 104 13.04 -6.18 32.03
N TYR F 105 13.11 -7.11 32.98
CA TYR F 105 12.18 -7.13 34.09
C TYR F 105 12.28 -5.97 35.09
N LYS F 106 13.49 -5.51 35.41
CA LYS F 106 13.61 -4.33 36.26
C LYS F 106 12.98 -3.11 35.56
N THR F 107 13.15 -3.00 34.25
CA THR F 107 12.53 -1.93 33.47
C THR F 107 11.03 -1.97 33.66
N LEU F 108 10.51 -3.19 33.58
CA LEU F 108 9.09 -3.44 33.74
C LEU F 108 8.63 -3.08 35.17
N GLU F 109 9.40 -3.47 36.16
CA GLU F 109 9.08 -3.13 37.54
C GLU F 109 9.00 -1.61 37.77
N TYR F 110 9.91 -0.85 37.18
CA TYR F 110 9.93 0.58 37.43
C TYR F 110 8.90 1.32 36.56
N LEU F 111 8.68 0.82 35.35
CA LEU F 111 7.58 1.30 34.53
C LEU F 111 6.25 1.13 35.26
N ILE F 112 5.98 -0.07 35.77
CA ILE F 112 4.71 -0.32 36.47
C ILE F 112 4.60 0.55 37.71
N PHE F 113 5.70 0.67 38.47
CA PHE F 113 5.78 1.56 39.62
C PHE F 113 5.37 2.99 39.25
N GLN F 114 5.86 3.48 38.12
CA GLN F 114 5.46 4.80 37.64
C GLN F 114 3.95 4.86 37.35
N VAL F 115 3.42 3.95 36.52
CA VAL F 115 2.00 4.03 36.16
C VAL F 115 1.07 3.64 37.32
N ALA F 116 1.59 2.88 38.28
CA ALA F 116 0.76 2.39 39.38
C ALA F 116 0.79 3.26 40.63
N GLU F 117 1.84 4.05 40.81
CA GLU F 117 1.91 4.89 42.00
C GLU F 117 2.25 6.34 41.70
N ASN F 118 3.24 6.59 40.88
CA ASN F 118 3.61 7.95 40.55
C ASN F 118 2.45 8.75 39.92
N GLY F 119 2.02 8.35 38.72
CA GLY F 119 0.89 8.98 38.06
C GLY F 119 -0.37 9.09 38.89
N PRO F 120 -0.91 7.96 39.37
CA PRO F 120 -2.12 8.03 40.19
C PRO F 120 -2.00 8.96 41.39
N ILE F 121 -0.89 8.90 42.13
CA ILE F 121 -0.76 9.73 43.33
C ILE F 121 -0.56 11.22 43.02
N GLN F 122 0.32 11.52 42.07
CA GLN F 122 0.57 12.91 41.70
C GLN F 122 -0.68 13.50 41.02
N GLY F 123 -1.47 12.64 40.38
CA GLY F 123 -2.71 13.06 39.77
C GLY F 123 -3.73 13.44 40.80
N GLN F 124 -3.73 12.75 41.95
CA GLN F 124 -4.66 13.08 43.02
C GLN F 124 -4.31 14.42 43.63
N ALA F 125 -3.01 14.63 43.83
CA ALA F 125 -2.52 15.90 44.34
C ALA F 125 -2.94 17.03 43.40
N ASN F 126 -2.77 16.82 42.12
CA ASN F 126 -3.16 17.80 41.12
C ASN F 126 -4.65 18.06 41.22
N HIS F 127 -5.43 17.01 41.42
CA HIS F 127 -6.86 17.19 41.57
C HIS F 127 -7.20 18.07 42.79
N PHE F 128 -6.59 17.78 43.93
CA PHE F 128 -6.95 18.49 45.16
C PHE F 128 -6.50 19.95 45.18
N VAL F 129 -5.53 20.25 44.34
CA VAL F 129 -4.98 21.59 44.28
C VAL F 129 -5.66 22.44 43.21
N PHE F 130 -5.88 21.85 42.04
CA PHE F 130 -6.33 22.62 40.87
C PHE F 130 -7.79 22.41 40.46
N ALA F 131 -8.35 21.24 40.76
CA ALA F 131 -9.64 20.83 40.18
C ALA F 131 -10.79 20.70 41.17
N ALA F 132 -10.51 20.34 42.42
CA ALA F 132 -11.57 20.19 43.41
C ALA F 132 -12.37 21.50 43.60
N LYS F 133 -13.68 21.36 43.78
CA LYS F 133 -14.59 22.48 43.90
C LYS F 133 -14.55 23.08 45.29
N GLU F 134 -13.99 22.33 46.24
CA GLU F 134 -13.78 22.86 47.57
C GLU F 134 -12.34 22.60 48.00
N LYS F 135 -11.88 23.32 49.01
CA LYS F 135 -10.56 23.11 49.54
C LYS F 135 -10.62 21.96 50.54
N VAL F 136 -9.93 20.88 50.24
CA VAL F 136 -9.87 19.75 51.17
C VAL F 136 -8.41 19.55 51.61
N PRO F 137 -8.01 20.21 52.70
CA PRO F 137 -6.62 20.18 53.17
C PRO F 137 -6.09 18.76 53.42
N TYR F 138 -6.92 17.87 53.96
CA TYR F 138 -6.51 16.49 54.20
C TYR F 138 -6.03 15.88 52.90
N GLY F 139 -6.74 16.17 51.82
CA GLY F 139 -6.41 15.63 50.52
C GLY F 139 -5.13 16.23 49.96
N ILE F 140 -5.06 17.55 49.98
CA ILE F 140 -3.89 18.27 49.51
C ILE F 140 -2.63 17.74 50.20
N ASN F 141 -2.68 17.65 51.53
CA ASN F 141 -1.52 17.21 52.30
C ASN F 141 -1.18 15.75 52.03
N ARG F 142 -2.19 14.90 51.98
CA ARG F 142 -1.97 13.46 51.78
C ARG F 142 -1.20 13.17 50.49
N TYR F 143 -1.64 13.79 49.39
CA TYR F 143 -1.08 13.49 48.07
C TYR F 143 0.22 14.24 47.72
N ILE F 144 0.35 15.46 48.19
CA ILE F 144 1.62 16.14 48.08
C ILE F 144 2.72 15.33 48.82
N THR F 145 2.41 14.88 50.03
CA THR F 145 3.35 14.13 50.86
C THR F 145 3.71 12.78 50.23
N ASP F 146 2.70 12.08 49.71
CA ASP F 146 2.97 10.81 49.08
C ASP F 146 3.68 11.00 47.74
N THR F 147 3.40 12.09 47.05
CA THR F 147 4.14 12.39 45.82
C THR F 147 5.63 12.53 46.09
N LYS F 148 5.97 13.22 47.19
CA LYS F 148 7.35 13.40 47.59
C LYS F 148 7.98 12.06 47.99
N ARG F 149 7.17 11.19 48.61
CA ARG F 149 7.65 9.87 48.96
C ARG F 149 8.14 9.13 47.72
N ILE F 150 7.34 9.17 46.66
CA ILE F 150 7.59 8.42 45.44
C ILE F 150 8.82 8.90 44.66
N TYR F 151 9.05 10.20 44.62
CA TYR F 151 10.23 10.74 44.00
C TYR F 151 11.48 10.41 44.81
N GLY F 152 11.30 10.32 46.12
CA GLY F 152 12.37 9.86 47.00
C GLY F 152 12.77 8.43 46.66
N VAL F 153 11.80 7.61 46.30
CA VAL F 153 12.08 6.23 45.93
C VAL F 153 12.83 6.19 44.61
N PHE F 154 12.33 6.93 43.63
CA PHE F 154 13.04 7.07 42.36
C PHE F 154 14.48 7.62 42.53
N GLU F 155 14.69 8.46 43.55
CA GLU F 155 16.03 8.96 43.87
C GLU F 155 16.89 7.82 44.39
N ASP F 156 16.31 7.00 45.26
CA ASP F 156 17.00 5.81 45.75
C ASP F 156 17.35 4.86 44.59
N ILE F 157 16.41 4.64 43.68
CA ILE F 157 16.61 3.77 42.53
C ILE F 157 17.81 4.24 41.71
N LEU F 158 17.84 5.54 41.41
CA LEU F 158 18.96 6.13 40.68
C LEU F 158 20.28 5.94 41.41
N SER F 159 20.24 6.02 42.75
CA SER F 159 21.44 5.91 43.57
C SER F 159 22.04 4.49 43.52
N ARG F 160 21.19 3.51 43.22
CA ARG F 160 21.63 2.14 43.12
C ARG F 160 22.27 1.83 41.76
N ASN F 161 22.23 2.78 40.84
CA ASN F 161 22.84 2.59 39.52
C ASN F 161 24.17 3.34 39.44
N LYS F 162 25.02 3.11 40.45
CA LYS F 162 26.31 3.79 40.56
C LYS F 162 27.24 3.46 39.39
N ALA F 163 27.20 2.22 38.92
CA ALA F 163 28.09 1.81 37.82
C ALA F 163 27.86 2.63 36.55
N ASN F 164 26.68 3.24 36.44
CA ASN F 164 26.39 4.13 35.33
C ASN F 164 26.16 5.59 35.74
N ASP F 165 26.90 6.05 36.75
CA ASP F 165 26.82 7.42 37.27
C ASP F 165 25.38 7.86 37.59
N SER F 166 24.52 6.89 37.91
CA SER F 166 23.15 7.17 38.29
C SER F 166 22.40 8.00 37.26
N LYS F 167 22.69 7.76 35.98
CA LYS F 167 22.09 8.54 34.91
C LYS F 167 20.80 7.91 34.41
N TYR F 168 20.63 6.62 34.65
CA TYR F 168 19.48 5.87 34.14
C TYR F 168 18.82 5.06 35.25
N LEU F 169 17.50 4.89 35.16
CA LEU F 169 16.82 4.02 36.10
C LEU F 169 17.29 2.57 36.00
N VAL F 170 17.55 2.11 34.78
CA VAL F 170 18.04 0.74 34.59
C VAL F 170 19.25 0.68 33.67
N GLY F 171 20.36 0.18 34.22
CA GLY F 171 21.57 -0.07 33.45
C GLY F 171 22.21 1.14 32.77
N ASP F 172 22.54 0.96 31.49
CA ASP F 172 23.28 1.96 30.73
C ASP F 172 22.45 2.64 29.64
N ARG F 173 21.14 2.62 29.76
CA ARG F 173 20.34 3.25 28.74
C ARG F 173 19.02 3.76 29.29
N TYR F 174 18.48 4.80 28.66
CA TYR F 174 17.10 5.19 28.95
C TYR F 174 16.17 4.09 28.48
N THR F 175 15.16 3.80 29.27
CA THR F 175 14.14 2.85 28.90
C THR F 175 12.77 3.52 29.00
N VAL F 176 11.70 2.73 28.77
CA VAL F 176 10.35 3.27 28.87
C VAL F 176 10.07 3.72 30.30
N ALA F 177 10.78 3.15 31.27
CA ALA F 177 10.56 3.53 32.66
C ALA F 177 10.97 4.99 32.87
N ASP F 178 12.10 5.39 32.30
CA ASP F 178 12.53 6.79 32.39
C ASP F 178 11.55 7.70 31.65
N PHE F 179 11.14 7.31 30.46
CA PHE F 179 10.26 8.17 29.69
C PHE F 179 8.89 8.31 30.34
N ALA F 180 8.42 7.25 30.98
CA ALA F 180 7.19 7.30 31.77
C ALA F 180 7.28 8.30 32.91
N LEU F 181 8.34 8.22 33.69
CA LEU F 181 8.52 9.11 34.83
C LEU F 181 8.61 10.58 34.36
N LEU F 182 9.29 10.77 33.24
CA LEU F 182 9.57 12.09 32.69
C LEU F 182 8.31 12.92 32.42
N GLY F 183 7.26 12.27 31.93
CA GLY F 183 6.02 12.97 31.63
C GLY F 183 5.48 13.67 32.86
N TRP F 184 5.54 13.00 34.01
CA TRP F 184 4.99 13.50 35.27
C TRP F 184 5.96 14.38 36.05
N ALA F 185 7.25 14.12 35.90
CA ALA F 185 8.28 14.96 36.52
C ALA F 185 8.15 16.38 35.98
N TYR F 186 7.78 16.47 34.72
CA TYR F 186 7.56 17.73 34.05
C TYR F 186 6.48 18.56 34.75
N ARG F 187 5.57 17.90 35.47
CA ARG F 187 4.44 18.57 36.10
C ARG F 187 4.68 19.00 37.55
N LEU F 188 5.85 18.65 38.11
CA LEU F 188 6.18 18.99 39.50
C LEU F 188 6.22 20.49 39.73
N SER F 189 6.62 21.24 38.71
CA SER F 189 6.74 22.68 38.84
C SER F 189 5.40 23.35 39.16
N ARG F 190 4.29 22.79 38.66
CA ARG F 190 2.97 23.35 38.95
C ARG F 190 2.63 23.31 40.43
N LEU F 191 3.14 22.28 41.12
CA LEU F 191 2.94 22.15 42.56
C LEU F 191 4.04 22.86 43.35
N GLU F 192 4.89 23.62 42.67
CA GLU F 192 6.04 24.26 43.30
C GLU F 192 6.96 23.26 44.01
N ILE F 193 6.99 22.04 43.50
CA ILE F 193 7.95 21.06 43.97
C ILE F 193 9.19 21.09 43.07
N ASP F 194 10.30 21.54 43.63
CA ASP F 194 11.53 21.62 42.88
C ASP F 194 12.14 20.22 42.86
N ILE F 195 12.30 19.65 41.66
CA ILE F 195 12.84 18.30 41.55
C ILE F 195 14.34 18.28 41.89
N ASN F 196 14.96 19.45 41.99
CA ASN F 196 16.38 19.53 42.28
C ASN F 196 16.71 19.17 43.72
N GLN F 197 15.70 19.16 44.58
CA GLN F 197 15.90 18.70 45.95
C GLN F 197 16.33 17.23 46.00
N TRP F 198 16.02 16.48 44.96
CA TRP F 198 16.56 15.13 44.77
C TRP F 198 17.64 15.24 43.70
N PRO F 199 18.91 15.35 44.12
CA PRO F 199 19.97 15.81 43.21
C PRO F 199 20.23 14.86 42.04
N LEU F 200 20.14 13.55 42.26
CA LEU F 200 20.28 12.60 41.16
C LEU F 200 19.14 12.75 40.14
N LEU F 201 17.90 12.84 40.61
CA LEU F 201 16.78 13.10 39.71
C LEU F 201 16.96 14.40 38.93
N GLY F 202 17.41 15.45 39.63
CA GLY F 202 17.70 16.73 39.02
C GLY F 202 18.63 16.64 37.82
N LYS F 203 19.69 15.84 37.93
CA LYS F 203 20.63 15.67 36.82
C LYS F 203 20.03 14.84 35.70
N TRP F 204 19.35 13.76 36.10
CA TRP F 204 18.64 12.88 35.18
C TRP F 204 17.60 13.70 34.40
N TYR F 205 16.82 14.49 35.12
CA TYR F 205 15.83 15.36 34.49
C TYR F 205 16.46 16.36 33.52
N ASP F 206 17.50 17.06 33.97
CA ASP F 206 18.17 18.05 33.14
C ASP F 206 18.76 17.41 31.88
N SER F 207 19.29 16.20 32.03
CA SER F 207 19.86 15.47 30.90
C SER F 207 18.81 15.14 29.83
N LEU F 208 17.64 14.68 30.26
CA LEU F 208 16.57 14.35 29.33
C LEU F 208 16.03 15.55 28.55
N LEU F 209 15.91 16.70 29.21
CA LEU F 209 15.35 17.88 28.55
C LEU F 209 16.31 18.45 27.52
N LYS F 210 17.55 17.97 27.53
CA LYS F 210 18.54 18.43 26.56
C LYS F 210 18.35 17.71 25.24
N LEU F 211 17.66 16.57 25.28
CA LEU F 211 17.42 15.78 24.08
C LEU F 211 16.36 16.44 23.21
N PRO F 212 16.69 16.66 21.93
CA PRO F 212 15.75 17.25 20.97
C PRO F 212 14.43 16.47 20.86
N ALA F 213 14.47 15.14 20.87
CA ALA F 213 13.25 14.33 20.81
C ALA F 213 12.35 14.54 22.04
N VAL F 214 12.95 14.84 23.17
CA VAL F 214 12.14 15.08 24.37
C VAL F 214 11.44 16.43 24.26
N GLN F 215 12.22 17.45 23.91
CA GLN F 215 11.70 18.79 23.74
C GLN F 215 10.54 18.80 22.75
N LYS F 216 10.64 17.99 21.70
CA LYS F 216 9.61 17.92 20.67
C LYS F 216 8.34 17.25 21.21
N GLY F 217 8.50 16.10 21.86
CA GLY F 217 7.39 15.40 22.47
C GLY F 217 6.61 16.25 23.47
N PHE F 218 7.32 17.12 24.17
CA PHE F 218 6.66 18.03 25.11
C PHE F 218 5.87 19.14 24.40
N GLU F 219 6.12 19.33 23.11
CA GLU F 219 5.36 20.30 22.32
C GLU F 219 4.23 19.62 21.52
N VAL F 220 3.89 18.39 21.91
CA VAL F 220 2.90 17.59 21.20
C VAL F 220 1.80 17.09 22.13
N PRO F 221 0.57 17.63 21.98
CA PRO F 221 0.23 18.76 21.12
C PRO F 221 0.75 20.08 21.70
N PRO F 222 0.84 21.14 20.86
CA PRO F 222 1.48 22.41 21.24
C PRO F 222 0.90 23.05 22.48
N LYS F 223 1.77 23.65 23.28
CA LYS F 223 1.32 24.53 24.35
C LYS F 223 0.78 25.81 23.70
N ASN F 224 -0.33 26.30 24.23
CA ASN F 224 -0.89 27.58 23.76
C ASN F 224 -1.78 28.19 24.84
N ALA F 225 -2.32 29.37 24.56
CA ALA F 225 -3.18 30.07 25.52
C ALA F 225 -4.50 29.33 25.77
N GLU F 226 -4.80 28.32 24.97
CA GLU F 226 -6.04 27.55 25.16
C GLU F 226 -5.86 26.38 26.12
N ASN F 227 -4.61 25.95 26.32
CA ASN F 227 -4.32 24.85 27.25
C ASN F 227 -3.39 25.21 28.41
N LEU F 228 -2.84 26.42 28.42
CA LEU F 228 -2.01 26.86 29.54
C LEU F 228 -2.90 27.50 30.61
N TYR F 229 -3.66 26.64 31.29
CA TYR F 229 -4.60 27.08 32.30
C TYR F 229 -4.70 25.94 33.27
N PHE F 230 -4.47 26.20 34.57
CA PHE F 230 -4.30 25.11 35.54
C PHE F 230 -5.61 24.55 36.11
N GLN F 231 -6.63 25.41 36.24
CA GLN F 231 -7.89 24.97 36.80
C GLN F 231 -8.77 24.22 35.79
N LEU G 5 2.69 0.97 -19.69
CA LEU G 5 1.39 1.64 -19.58
C LEU G 5 1.26 2.79 -20.57
N LYS G 6 0.23 2.71 -21.41
CA LYS G 6 -0.07 3.75 -22.39
C LYS G 6 -0.90 4.87 -21.74
N PRO G 7 -0.84 6.08 -22.31
CA PRO G 7 -1.62 7.21 -21.76
C PRO G 7 -3.12 6.93 -21.87
N ILE G 8 -3.88 7.20 -20.81
CA ILE G 8 -5.32 7.12 -20.90
C ILE G 8 -5.84 8.34 -21.67
N LYS G 9 -6.74 8.15 -22.62
CA LYS G 9 -7.30 9.31 -23.33
C LYS G 9 -8.46 9.91 -22.53
N LEU G 10 -8.38 11.22 -22.28
CA LEU G 10 -9.44 11.90 -21.53
C LEU G 10 -10.15 12.94 -22.39
N TYR G 11 -11.38 12.63 -22.76
CA TYR G 11 -12.25 13.59 -23.45
C TYR G 11 -12.94 14.46 -22.40
N THR G 12 -12.69 15.77 -22.43
CA THR G 12 -13.09 16.60 -21.32
C THR G 12 -13.27 18.10 -21.68
N ALA G 13 -13.55 18.90 -20.67
CA ALA G 13 -13.76 20.33 -20.82
C ALA G 13 -13.51 20.95 -19.45
N PRO G 14 -13.28 22.27 -19.37
CA PRO G 14 -12.98 22.86 -18.05
C PRO G 14 -14.22 23.08 -17.16
N THR G 15 -14.69 22.02 -16.52
CA THR G 15 -15.93 22.04 -15.75
C THR G 15 -15.78 21.14 -14.53
N PRO G 16 -16.66 21.29 -13.53
CA PRO G 16 -16.59 20.44 -12.33
C PRO G 16 -16.48 18.94 -12.63
N ASN G 17 -17.25 18.45 -13.59
CA ASN G 17 -17.24 17.03 -13.90
C ASN G 17 -15.93 16.59 -14.54
N GLY G 18 -15.36 17.44 -15.37
CA GLY G 18 -14.09 17.17 -16.01
C GLY G 18 -12.96 17.23 -15.00
N TYR G 19 -13.07 18.15 -14.04
CA TYR G 19 -12.04 18.33 -13.02
C TYR G 19 -11.91 17.09 -12.12
N LYS G 20 -13.03 16.41 -11.88
CA LYS G 20 -13.04 15.21 -11.05
C LYS G 20 -12.05 14.21 -11.58
N ILE G 21 -12.07 14.03 -12.90
CA ILE G 21 -11.29 12.97 -13.53
C ILE G 21 -9.82 13.37 -13.71
N SER G 22 -9.58 14.61 -14.14
CA SER G 22 -8.20 15.09 -14.32
C SER G 22 -7.46 15.14 -12.98
N ILE G 23 -8.17 15.55 -11.93
CA ILE G 23 -7.59 15.54 -10.60
C ILE G 23 -7.26 14.12 -10.16
N PHE G 24 -8.22 13.21 -10.31
CA PHE G 24 -7.96 11.84 -9.87
C PHE G 24 -6.84 11.14 -10.67
N LEU G 25 -6.74 11.40 -11.97
CA LEU G 25 -5.60 10.95 -12.78
C LEU G 25 -4.26 11.47 -12.24
N GLU G 26 -4.20 12.77 -11.93
CA GLU G 26 -3.01 13.36 -11.32
C GLU G 26 -2.68 12.68 -10.00
N VAL G 27 -3.67 12.51 -9.14
CA VAL G 27 -3.47 11.95 -7.82
C VAL G 27 -2.89 10.52 -7.87
N LEU G 28 -3.41 9.71 -8.78
CA LEU G 28 -2.89 8.36 -8.97
C LEU G 28 -1.55 8.32 -9.72
N GLY G 29 -1.08 9.47 -10.22
CA GLY G 29 0.14 9.51 -11.00
C GLY G 29 0.07 8.80 -12.34
N LEU G 30 -1.08 8.88 -12.99
CA LEU G 30 -1.27 8.23 -14.29
C LEU G 30 -0.97 9.18 -15.47
N ASP G 31 -0.22 8.67 -16.43
CA ASP G 31 -0.04 9.38 -17.70
C ASP G 31 -1.38 9.45 -18.45
N TYR G 32 -1.75 10.63 -18.94
CA TYR G 32 -2.96 10.78 -19.74
C TYR G 32 -2.84 11.86 -20.80
N GLU G 33 -3.65 11.74 -21.84
CA GLU G 33 -3.72 12.75 -22.89
C GLU G 33 -5.14 13.33 -22.95
N VAL G 34 -5.22 14.62 -23.19
CA VAL G 34 -6.49 15.34 -23.15
C VAL G 34 -6.97 15.80 -24.53
N GLN G 35 -8.25 15.51 -24.83
CA GLN G 35 -8.96 16.17 -25.93
C GLN G 35 -10.03 17.10 -25.37
N LYS G 36 -9.94 18.37 -25.75
CA LYS G 36 -10.78 19.41 -25.17
C LYS G 36 -12.04 19.67 -26.02
N PHE G 37 -13.17 19.88 -25.36
CA PHE G 37 -14.42 20.19 -26.06
C PHE G 37 -14.88 21.62 -25.76
N ASP G 38 -15.23 22.35 -26.81
CA ASP G 38 -15.87 23.65 -26.66
C ASP G 38 -17.37 23.38 -26.53
N LEU G 39 -17.87 23.47 -25.30
CA LEU G 39 -19.26 23.15 -25.02
C LEU G 39 -20.20 24.17 -25.63
N SER G 40 -19.68 25.37 -25.92
CA SER G 40 -20.49 26.45 -26.46
C SER G 40 -20.77 26.28 -27.97
N LYS G 41 -20.11 25.32 -28.60
CA LYS G 41 -20.35 25.04 -30.01
C LYS G 41 -21.01 23.67 -30.17
N ASN G 42 -21.41 23.08 -29.04
CA ASN G 42 -22.06 21.77 -29.02
C ASN G 42 -21.21 20.61 -29.51
N GLU G 43 -19.92 20.65 -29.17
CA GLU G 43 -19.01 19.65 -29.71
C GLU G 43 -19.26 18.23 -29.17
N THR G 44 -19.89 18.12 -28.01
CA THR G 44 -20.14 16.80 -27.44
C THR G 44 -21.31 16.08 -28.11
N LYS G 45 -22.04 16.78 -28.97
CA LYS G 45 -23.13 16.18 -29.73
C LYS G 45 -22.73 15.78 -31.16
N GLU G 46 -21.47 16.01 -31.52
CA GLU G 46 -20.97 15.56 -32.82
C GLU G 46 -20.96 14.03 -32.93
N ASP G 47 -21.23 13.52 -34.12
CA ASP G 47 -21.49 12.10 -34.33
C ASP G 47 -20.35 11.15 -33.92
N TRP G 48 -19.11 11.53 -34.22
CA TRP G 48 -17.96 10.68 -33.89
C TRP G 48 -17.84 10.41 -32.39
N PHE G 49 -18.27 11.38 -31.58
CA PHE G 49 -18.13 11.24 -30.13
C PHE G 49 -19.33 10.53 -29.51
N VAL G 50 -20.51 10.74 -30.08
CA VAL G 50 -21.69 9.99 -29.66
C VAL G 50 -21.53 8.49 -29.95
N LYS G 51 -20.72 8.14 -30.96
CA LYS G 51 -20.30 6.75 -31.13
C LYS G 51 -19.70 6.22 -29.84
N LEU G 52 -18.77 7.00 -29.27
CA LEU G 52 -18.08 6.64 -28.03
C LEU G 52 -19.01 6.75 -26.83
N ASN G 53 -19.73 7.87 -26.74
CA ASN G 53 -20.60 8.14 -25.61
C ASN G 53 -22.00 8.51 -26.09
N PRO G 54 -22.93 7.54 -26.02
CA PRO G 54 -24.31 7.71 -26.51
C PRO G 54 -24.98 8.96 -25.92
N ASN G 55 -24.62 9.30 -24.68
CA ASN G 55 -25.14 10.45 -23.96
C ASN G 55 -24.69 11.80 -24.53
N GLY G 56 -23.62 11.78 -25.30
CA GLY G 56 -23.10 12.99 -25.90
C GLY G 56 -22.67 14.03 -24.88
N ARG G 57 -21.88 13.60 -23.87
CA ARG G 57 -21.40 14.52 -22.81
C ARG G 57 -19.99 14.15 -22.31
N ILE G 58 -19.26 15.13 -21.79
CA ILE G 58 -17.95 14.85 -21.20
C ILE G 58 -18.12 14.70 -19.68
N PRO G 59 -17.19 13.99 -19.02
CA PRO G 59 -15.99 13.39 -19.61
C PRO G 59 -16.17 11.94 -19.99
N THR G 60 -15.32 11.49 -20.90
CA THR G 60 -15.25 10.10 -21.28
C THR G 60 -13.78 9.72 -21.25
N ILE G 61 -13.46 8.48 -20.90
CA ILE G 61 -12.11 8.02 -21.12
C ILE G 61 -12.06 6.84 -22.07
N ASN G 62 -10.88 6.62 -22.61
CA ASN G 62 -10.59 5.42 -23.35
C ASN G 62 -9.28 4.91 -22.76
N ASP G 63 -9.32 3.79 -22.06
CA ASP G 63 -8.12 3.21 -21.48
C ASP G 63 -7.61 2.03 -22.30
N PRO G 64 -6.58 2.28 -23.11
CA PRO G 64 -5.98 1.29 -24.02
C PRO G 64 -5.17 0.24 -23.26
N ASN G 65 -5.07 0.39 -21.94
CA ASN G 65 -4.37 -0.58 -21.13
C ASN G 65 -5.30 -1.73 -20.76
N PHE G 66 -6.59 -1.47 -20.84
CA PHE G 66 -7.57 -2.53 -20.71
C PHE G 66 -7.54 -3.33 -22.01
N LYS G 67 -7.14 -4.57 -21.93
CA LYS G 67 -6.90 -5.35 -23.15
C LYS G 67 -8.01 -6.38 -23.36
N GLY G 68 -9.15 -5.91 -23.86
CA GLY G 68 -10.29 -6.79 -24.11
C GLY G 68 -10.49 -7.09 -25.58
N VAL G 69 -11.38 -8.02 -25.88
CA VAL G 69 -11.69 -8.38 -27.27
C VAL G 69 -12.11 -7.17 -28.15
N ASP G 70 -12.74 -6.17 -27.54
CA ASP G 70 -13.16 -4.98 -28.29
C ASP G 70 -12.17 -3.83 -28.18
N GLY G 71 -11.01 -4.07 -27.60
CA GLY G 71 -9.98 -3.06 -27.50
C GLY G 71 -9.94 -2.50 -26.10
N GLY G 72 -9.53 -1.23 -25.99
CA GLY G 72 -9.44 -0.56 -24.72
C GLY G 72 -10.81 -0.19 -24.18
N LEU G 73 -10.86 0.24 -22.93
CA LEU G 73 -12.14 0.46 -22.29
C LEU G 73 -12.61 1.89 -22.53
N VAL G 74 -13.74 2.03 -23.20
CA VAL G 74 -14.35 3.34 -23.39
C VAL G 74 -15.42 3.50 -22.32
N LEU G 75 -15.28 4.53 -21.49
CA LEU G 75 -16.12 4.63 -20.32
C LEU G 75 -16.58 6.07 -20.06
N SER G 76 -17.90 6.24 -19.82
CA SER G 76 -18.43 7.55 -19.50
C SER G 76 -19.06 7.52 -18.12
N GLN G 77 -19.55 8.69 -17.66
CA GLN G 77 -20.08 8.94 -16.30
C GLN G 77 -18.97 9.03 -15.26
N THR G 78 -18.78 10.24 -14.71
CA THR G 78 -17.76 10.47 -13.69
C THR G 78 -17.77 9.42 -12.57
N GLY G 79 -18.96 9.00 -12.15
CA GLY G 79 -19.09 7.98 -11.11
C GLY G 79 -18.43 6.65 -11.51
N ALA G 80 -18.67 6.24 -12.74
CA ALA G 80 -18.13 4.99 -13.28
C ALA G 80 -16.64 5.08 -13.57
N ILE G 81 -16.21 6.18 -14.17
CA ILE G 81 -14.80 6.42 -14.43
C ILE G 81 -13.97 6.39 -13.14
N LEU G 82 -14.42 7.16 -12.15
CA LEU G 82 -13.72 7.24 -10.85
C LEU G 82 -13.57 5.86 -10.22
N GLN G 83 -14.67 5.12 -10.20
CA GLN G 83 -14.70 3.78 -9.64
C GLN G 83 -13.76 2.82 -10.39
N TYR G 84 -13.82 2.85 -11.72
CA TYR G 84 -12.90 2.07 -12.53
C TYR G 84 -11.46 2.43 -12.25
N LEU G 85 -11.16 3.73 -12.19
CA LEU G 85 -9.79 4.18 -11.93
C LEU G 85 -9.27 3.69 -10.60
N ALA G 86 -10.10 3.77 -9.54
CA ALA G 86 -9.69 3.32 -8.21
C ALA G 86 -9.56 1.80 -8.11
N ASP G 87 -10.44 1.08 -8.79
CA ASP G 87 -10.37 -0.39 -8.83
C ASP G 87 -9.09 -0.86 -9.47
N THR G 88 -8.74 -0.18 -10.56
CA THR G 88 -7.68 -0.61 -11.47
C THR G 88 -6.29 -0.09 -11.08
N TYR G 89 -6.18 1.18 -10.70
CA TYR G 89 -4.86 1.80 -10.47
C TYR G 89 -4.54 2.18 -9.03
N ASP G 90 -5.33 1.71 -8.08
CA ASP G 90 -5.09 2.00 -6.68
C ASP G 90 -5.21 0.71 -5.85
N LYS G 91 -4.58 -0.35 -6.34
CA LYS G 91 -4.64 -1.61 -5.63
C LYS G 91 -3.84 -1.56 -4.30
N GLU G 92 -3.01 -0.54 -4.15
CA GLU G 92 -2.34 -0.28 -2.87
C GLU G 92 -3.30 0.34 -1.84
N HIS G 93 -4.49 0.74 -2.30
CA HIS G 93 -5.51 1.34 -1.44
C HIS G 93 -5.06 2.62 -0.73
N LYS G 94 -4.36 3.49 -1.45
CA LYS G 94 -4.04 4.80 -0.93
C LYS G 94 -5.27 5.71 -0.88
N PHE G 95 -6.23 5.46 -1.78
CA PHE G 95 -7.35 6.36 -2.00
C PHE G 95 -8.64 5.56 -2.18
N SER G 96 -8.64 4.36 -1.62
CA SER G 96 -9.77 3.46 -1.74
C SER G 96 -9.67 2.37 -0.68
N TYR G 97 -10.77 1.63 -0.53
CA TYR G 97 -10.86 0.55 0.45
C TYR G 97 -11.01 -0.79 -0.25
N PRO G 98 -10.59 -1.87 0.42
CA PRO G 98 -10.68 -3.19 -0.21
C PRO G 98 -12.11 -3.51 -0.62
N ALA G 99 -12.27 -4.10 -1.79
CA ALA G 99 -13.59 -4.44 -2.30
C ALA G 99 -14.31 -5.32 -1.30
N GLY G 100 -15.61 -5.08 -1.14
CA GLY G 100 -16.43 -5.93 -0.29
C GLY G 100 -16.53 -5.45 1.14
N THR G 101 -15.65 -4.54 1.53
CA THR G 101 -15.65 -4.05 2.90
C THR G 101 -16.70 -2.96 3.10
N ALA G 102 -17.10 -2.75 4.35
CA ALA G 102 -18.03 -1.68 4.70
C ALA G 102 -17.62 -0.33 4.14
N GLU G 103 -16.37 0.09 4.42
CA GLU G 103 -15.89 1.38 3.95
C GLU G 103 -15.90 1.51 2.42
N TYR G 104 -15.71 0.40 1.73
CA TYR G 104 -15.83 0.38 0.27
C TYR G 104 -17.25 0.78 -0.18
N TYR G 105 -18.25 0.26 0.52
CA TYR G 105 -19.63 0.55 0.16
C TYR G 105 -20.12 1.91 0.65
N LYS G 106 -19.57 2.39 1.76
CA LYS G 106 -19.86 3.76 2.17
C LYS G 106 -19.24 4.74 1.17
N THR G 107 -18.04 4.40 0.67
CA THR G 107 -17.42 5.21 -0.36
C THR G 107 -18.35 5.26 -1.57
N LEU G 108 -18.85 4.09 -1.96
CA LEU G 108 -19.74 3.97 -3.10
C LEU G 108 -21.00 4.82 -2.87
N GLU G 109 -21.56 4.71 -1.67
CA GLU G 109 -22.75 5.47 -1.30
C GLU G 109 -22.55 6.97 -1.40
N TYR G 110 -21.41 7.47 -0.91
CA TYR G 110 -21.15 8.90 -0.94
C TYR G 110 -20.79 9.41 -2.33
N LEU G 111 -20.13 8.57 -3.13
CA LEU G 111 -19.86 8.89 -4.53
C LEU G 111 -21.15 9.01 -5.34
N ILE G 112 -22.06 8.05 -5.15
CA ILE G 112 -23.34 8.05 -5.88
C ILE G 112 -24.18 9.23 -5.38
N PHE G 113 -24.11 9.52 -4.09
CA PHE G 113 -24.76 10.71 -3.53
C PHE G 113 -24.25 11.97 -4.25
N GLN G 114 -22.95 12.04 -4.49
CA GLN G 114 -22.40 13.17 -5.23
C GLN G 114 -22.96 13.25 -6.66
N VAL G 115 -22.83 12.17 -7.43
CA VAL G 115 -23.20 12.21 -8.85
C VAL G 115 -24.70 12.24 -9.07
N ALA G 116 -25.47 11.76 -8.11
CA ALA G 116 -26.92 11.65 -8.23
C ALA G 116 -27.66 12.86 -7.70
N GLU G 117 -27.05 13.59 -6.78
CA GLU G 117 -27.73 14.74 -6.17
C GLU G 117 -26.91 16.03 -6.20
N ASN G 118 -25.71 16.02 -5.62
CA ASN G 118 -24.85 17.22 -5.61
C ASN G 118 -24.61 17.79 -7.01
N GLY G 119 -24.02 16.99 -7.88
CA GLY G 119 -23.80 17.42 -9.25
C GLY G 119 -25.03 17.86 -10.03
N PRO G 120 -26.07 17.01 -10.08
CA PRO G 120 -27.28 17.42 -10.82
C PRO G 120 -27.98 18.67 -10.27
N ILE G 121 -28.07 18.81 -8.95
CA ILE G 121 -28.77 19.94 -8.33
C ILE G 121 -27.98 21.24 -8.43
N GLN G 122 -26.68 21.18 -8.15
CA GLN G 122 -25.82 22.35 -8.22
C GLN G 122 -25.73 22.81 -9.68
N GLY G 123 -25.78 21.86 -10.60
CA GLY G 123 -25.86 22.18 -12.01
C GLY G 123 -27.15 22.90 -12.41
N GLN G 124 -28.26 22.55 -11.78
CA GLN G 124 -29.52 23.24 -12.09
C GLN G 124 -29.48 24.66 -11.55
N ALA G 125 -28.84 24.83 -10.39
CA ALA G 125 -28.66 26.15 -9.79
C ALA G 125 -27.81 27.02 -10.70
N ASN G 126 -26.67 26.49 -11.12
CA ASN G 126 -25.83 27.14 -12.13
C ASN G 126 -26.65 27.57 -13.34
N HIS G 127 -27.50 26.68 -13.86
CA HIS G 127 -28.34 27.00 -15.01
C HIS G 127 -29.22 28.21 -14.76
N PHE G 128 -30.02 28.15 -13.71
CA PHE G 128 -30.97 29.21 -13.42
C PHE G 128 -30.30 30.51 -12.98
N VAL G 129 -29.21 30.42 -12.24
CA VAL G 129 -28.57 31.63 -11.76
C VAL G 129 -27.84 32.39 -12.88
N PHE G 130 -27.15 31.67 -13.76
CA PHE G 130 -26.37 32.39 -14.78
C PHE G 130 -26.36 31.86 -16.22
N ALA G 131 -27.00 30.73 -16.50
CA ALA G 131 -27.09 30.26 -17.88
C ALA G 131 -28.44 30.61 -18.54
N ALA G 132 -29.51 30.57 -17.75
CA ALA G 132 -30.87 30.82 -18.25
C ALA G 132 -31.01 32.21 -18.88
N LYS G 133 -31.73 32.27 -20.00
CA LYS G 133 -31.88 33.52 -20.74
C LYS G 133 -33.00 34.38 -20.17
N GLU G 134 -33.77 33.84 -19.22
CA GLU G 134 -34.71 34.65 -18.45
C GLU G 134 -34.60 34.29 -16.97
N LYS G 135 -35.03 35.22 -16.11
CA LYS G 135 -35.00 34.99 -14.67
C LYS G 135 -36.23 34.22 -14.22
N VAL G 136 -36.01 33.07 -13.62
CA VAL G 136 -37.09 32.23 -13.14
C VAL G 136 -36.91 32.05 -11.64
N PRO G 137 -37.43 33.00 -10.85
CA PRO G 137 -37.13 33.01 -9.40
C PRO G 137 -37.47 31.69 -8.71
N TYR G 138 -38.48 30.98 -9.20
CA TYR G 138 -38.85 29.70 -8.60
C TYR G 138 -37.74 28.66 -8.76
N GLY G 139 -37.03 28.71 -9.89
CA GLY G 139 -35.93 27.78 -10.15
C GLY G 139 -34.69 28.16 -9.36
N ILE G 140 -34.43 29.46 -9.26
CA ILE G 140 -33.34 29.96 -8.43
C ILE G 140 -33.51 29.49 -7.00
N ASN G 141 -34.63 29.85 -6.39
CA ASN G 141 -34.89 29.48 -5.00
C ASN G 141 -34.77 27.98 -4.75
N ARG G 142 -35.47 27.19 -5.56
CA ARG G 142 -35.51 25.74 -5.35
C ARG G 142 -34.11 25.11 -5.33
N TYR G 143 -33.27 25.46 -6.29
CA TYR G 143 -31.98 24.78 -6.42
C TYR G 143 -30.84 25.43 -5.64
N ILE G 144 -30.99 26.72 -5.31
CA ILE G 144 -30.02 27.33 -4.41
C ILE G 144 -30.28 26.77 -3.03
N THR G 145 -31.55 26.63 -2.68
CA THR G 145 -31.95 26.03 -1.41
C THR G 145 -31.54 24.57 -1.32
N ASP G 146 -31.75 23.81 -2.40
CA ASP G 146 -31.44 22.40 -2.34
C ASP G 146 -29.93 22.12 -2.31
N THR G 147 -29.15 22.96 -2.98
CA THR G 147 -27.70 22.84 -2.98
C THR G 147 -27.13 23.03 -1.58
N LYS G 148 -27.65 24.03 -0.87
CA LYS G 148 -27.25 24.24 0.52
C LYS G 148 -27.63 23.04 1.38
N ARG G 149 -28.76 22.42 1.06
CA ARG G 149 -29.19 21.21 1.78
C ARG G 149 -28.15 20.09 1.62
N ILE G 150 -27.73 19.86 0.38
CA ILE G 150 -26.79 18.79 0.08
C ILE G 150 -25.44 19.00 0.77
N TYR G 151 -24.87 20.20 0.66
CA TYR G 151 -23.61 20.50 1.35
C TYR G 151 -23.75 20.37 2.87
N GLY G 152 -24.94 20.71 3.36
CA GLY G 152 -25.33 20.45 4.74
C GLY G 152 -25.22 18.97 5.09
N VAL G 153 -25.66 18.11 4.17
CA VAL G 153 -25.54 16.67 4.38
C VAL G 153 -24.08 16.22 4.41
N PHE G 154 -23.27 16.75 3.48
CA PHE G 154 -21.85 16.40 3.41
C PHE G 154 -21.11 16.82 4.67
N GLU G 155 -21.49 17.97 5.21
CA GLU G 155 -20.95 18.46 6.48
C GLU G 155 -21.31 17.52 7.62
N ASP G 156 -22.55 17.04 7.61
CA ASP G 156 -22.97 16.03 8.58
C ASP G 156 -22.10 14.77 8.44
N ILE G 157 -21.90 14.31 7.21
CA ILE G 157 -21.10 13.12 6.95
C ILE G 157 -19.69 13.24 7.54
N LEU G 158 -19.04 14.40 7.32
CA LEU G 158 -17.71 14.63 7.90
C LEU G 158 -17.76 14.54 9.41
N SER G 159 -18.82 15.09 10.02
CA SER G 159 -18.92 15.14 11.47
C SER G 159 -19.09 13.75 12.07
N ARG G 160 -19.37 12.77 11.23
CA ARG G 160 -19.49 11.38 11.67
C ARG G 160 -18.15 10.64 11.69
N ASN G 161 -17.21 11.06 10.86
CA ASN G 161 -15.86 10.51 10.87
C ASN G 161 -15.01 11.06 12.03
N LYS G 162 -15.51 10.87 13.25
CA LYS G 162 -14.88 11.44 14.45
C LYS G 162 -13.50 10.85 14.75
N ALA G 163 -13.28 9.57 14.43
CA ALA G 163 -12.00 8.92 14.71
C ALA G 163 -10.89 9.46 13.81
N ASN G 164 -11.27 10.23 12.81
CA ASN G 164 -10.30 10.78 11.87
C ASN G 164 -10.38 12.29 11.79
N ASP G 165 -10.86 12.91 12.87
CA ASP G 165 -10.91 14.37 12.99
C ASP G 165 -11.77 15.04 11.92
N SER G 166 -12.74 14.31 11.39
CA SER G 166 -13.59 14.81 10.30
C SER G 166 -12.78 15.29 9.09
N LYS G 167 -11.70 14.58 8.77
CA LYS G 167 -10.81 14.99 7.68
C LYS G 167 -11.21 14.43 6.33
N TYR G 168 -11.97 13.34 6.33
CA TYR G 168 -12.35 12.64 5.09
C TYR G 168 -13.80 12.17 5.19
N LEU G 169 -14.44 11.95 4.05
CA LEU G 169 -15.81 11.42 4.05
C LEU G 169 -15.90 10.01 4.63
N VAL G 170 -14.89 9.18 4.33
CA VAL G 170 -14.88 7.80 4.80
C VAL G 170 -13.50 7.41 5.38
N GLY G 171 -13.48 6.98 6.65
CA GLY G 171 -12.27 6.55 7.32
C GLY G 171 -11.09 7.51 7.22
N ASP G 172 -9.93 6.98 6.88
CA ASP G 172 -8.67 7.70 7.10
C ASP G 172 -7.91 8.04 5.82
N ARG G 173 -8.61 8.12 4.70
CA ARG G 173 -7.96 8.49 3.46
C ARG G 173 -8.97 9.21 2.60
N TYR G 174 -8.50 10.02 1.66
CA TYR G 174 -9.39 10.54 0.64
C TYR G 174 -9.79 9.37 -0.25
N THR G 175 -11.02 9.43 -0.76
CA THR G 175 -11.54 8.44 -1.70
C THR G 175 -12.15 9.16 -2.91
N VAL G 176 -12.65 8.40 -3.89
CA VAL G 176 -13.27 8.99 -5.07
C VAL G 176 -14.46 9.88 -4.71
N ALA G 177 -15.12 9.58 -3.58
CA ALA G 177 -16.24 10.41 -3.11
C ALA G 177 -15.81 11.84 -2.74
N ASP G 178 -14.61 11.96 -2.18
CA ASP G 178 -14.02 13.25 -1.83
C ASP G 178 -13.66 14.01 -3.10
N PHE G 179 -13.06 13.32 -4.06
CA PHE G 179 -12.64 13.96 -5.30
C PHE G 179 -13.81 14.32 -6.20
N ALA G 180 -14.87 13.51 -6.15
CA ALA G 180 -16.09 13.84 -6.87
C ALA G 180 -16.67 15.17 -6.38
N LEU G 181 -16.87 15.29 -5.07
CA LEU G 181 -17.36 16.52 -4.46
C LEU G 181 -16.47 17.74 -4.74
N LEU G 182 -15.16 17.53 -4.67
CA LEU G 182 -14.16 18.58 -4.85
C LEU G 182 -14.30 19.33 -6.18
N GLY G 183 -14.63 18.60 -7.25
CA GLY G 183 -14.85 19.21 -8.54
C GLY G 183 -15.96 20.26 -8.53
N TRP G 184 -17.02 20.01 -7.75
CA TRP G 184 -18.17 20.93 -7.71
C TRP G 184 -18.05 22.01 -6.62
N ALA G 185 -17.50 21.64 -5.47
CA ALA G 185 -17.25 22.60 -4.39
C ALA G 185 -16.41 23.75 -4.93
N TYR G 186 -15.51 23.45 -5.85
CA TYR G 186 -14.59 24.42 -6.44
C TYR G 186 -15.31 25.59 -7.12
N ARG G 187 -16.52 25.35 -7.59
CA ARG G 187 -17.30 26.36 -8.29
C ARG G 187 -18.49 26.86 -7.48
N LEU G 188 -18.62 26.37 -6.25
CA LEU G 188 -19.74 26.74 -5.40
C LEU G 188 -19.82 28.26 -5.20
N SER G 189 -18.66 28.90 -5.05
CA SER G 189 -18.62 30.34 -4.82
C SER G 189 -19.31 31.12 -5.94
N ARG G 190 -19.34 30.56 -7.14
CA ARG G 190 -20.05 31.20 -8.24
C ARG G 190 -21.52 31.40 -7.95
N LEU G 191 -22.09 30.54 -7.11
CA LEU G 191 -23.48 30.69 -6.71
C LEU G 191 -23.61 31.61 -5.50
N GLU G 192 -22.50 32.26 -5.17
CA GLU G 192 -22.38 33.13 -3.98
C GLU G 192 -22.71 32.37 -2.69
N ILE G 193 -22.37 31.09 -2.69
CA ILE G 193 -22.49 30.24 -1.51
C ILE G 193 -21.11 29.96 -0.96
N ASP G 194 -20.86 30.42 0.25
CA ASP G 194 -19.53 30.31 0.87
C ASP G 194 -19.37 28.94 1.54
N ILE G 195 -18.44 28.12 1.04
CA ILE G 195 -18.25 26.79 1.61
C ILE G 195 -17.92 26.84 3.11
N ASN G 196 -17.32 27.95 3.56
CA ASN G 196 -16.89 28.07 4.96
C ASN G 196 -18.00 28.18 6.01
N GLN G 197 -19.24 28.38 5.57
CA GLN G 197 -20.37 28.37 6.49
C GLN G 197 -20.54 26.97 7.11
N TRP G 198 -20.01 25.95 6.42
CA TRP G 198 -19.90 24.60 6.98
C TRP G 198 -18.43 24.38 7.35
N PRO G 199 -18.10 24.55 8.64
CA PRO G 199 -16.69 24.62 9.07
C PRO G 199 -15.87 23.38 8.73
N LEU G 200 -16.40 22.20 9.00
CA LEU G 200 -15.72 20.96 8.65
C LEU G 200 -15.41 20.87 7.16
N LEU G 201 -16.37 21.26 6.33
CA LEU G 201 -16.18 21.28 4.88
C LEU G 201 -15.12 22.29 4.46
N GLY G 202 -15.13 23.45 5.08
CA GLY G 202 -14.11 24.46 4.85
C GLY G 202 -12.69 23.94 5.06
N LYS G 203 -12.46 23.29 6.20
CA LYS G 203 -11.17 22.65 6.51
C LYS G 203 -10.82 21.59 5.48
N TRP G 204 -11.79 20.75 5.15
CA TRP G 204 -11.64 19.67 4.19
C TRP G 204 -11.21 20.24 2.84
N TYR G 205 -11.94 21.27 2.40
CA TYR G 205 -11.65 21.96 1.15
C TYR G 205 -10.26 22.64 1.15
N ASP G 206 -9.94 23.37 2.22
CA ASP G 206 -8.63 24.01 2.34
C ASP G 206 -7.52 22.98 2.19
N SER G 207 -7.66 21.86 2.88
CA SER G 207 -6.67 20.78 2.82
C SER G 207 -6.40 20.32 1.39
N LEU G 208 -7.45 20.05 0.64
CA LEU G 208 -7.31 19.55 -0.72
C LEU G 208 -6.72 20.57 -1.68
N LEU G 209 -7.13 21.82 -1.51
CA LEU G 209 -6.65 22.89 -2.39
C LEU G 209 -5.15 23.18 -2.27
N LYS G 210 -4.52 22.76 -1.17
CA LYS G 210 -3.08 22.94 -0.99
C LYS G 210 -2.25 21.91 -1.75
N LEU G 211 -2.89 20.85 -2.24
CA LEU G 211 -2.18 19.73 -2.83
C LEU G 211 -1.91 19.92 -4.33
N PRO G 212 -0.64 19.77 -4.73
CA PRO G 212 -0.16 19.94 -6.10
C PRO G 212 -1.00 19.22 -7.17
N ALA G 213 -1.40 17.98 -6.92
CA ALA G 213 -2.11 17.21 -7.94
C ALA G 213 -3.54 17.72 -8.08
N VAL G 214 -4.09 18.23 -6.96
CA VAL G 214 -5.38 18.87 -6.99
C VAL G 214 -5.27 20.16 -7.78
N GLN G 215 -4.23 20.95 -7.50
CA GLN G 215 -4.00 22.21 -8.20
C GLN G 215 -3.82 22.00 -9.71
N LYS G 216 -3.01 21.02 -10.07
CA LYS G 216 -2.78 20.69 -11.47
C LYS G 216 -4.06 20.21 -12.18
N GLY G 217 -4.84 19.38 -11.51
CA GLY G 217 -6.07 18.84 -12.08
C GLY G 217 -7.06 19.93 -12.44
N PHE G 218 -7.14 20.97 -11.62
CA PHE G 218 -8.01 22.11 -11.88
C PHE G 218 -7.49 22.97 -13.05
N GLU G 219 -6.25 22.74 -13.46
CA GLU G 219 -5.72 23.45 -14.63
C GLU G 219 -5.99 22.72 -15.95
N VAL G 220 -6.66 21.57 -15.88
CA VAL G 220 -6.79 20.71 -17.05
C VAL G 220 -8.24 20.42 -17.43
N PRO G 221 -8.67 20.87 -18.63
CA PRO G 221 -7.89 21.68 -19.56
C PRO G 221 -7.93 23.15 -19.09
N PRO G 222 -7.18 24.06 -19.74
CA PRO G 222 -7.26 25.47 -19.33
C PRO G 222 -8.63 26.11 -19.61
N LYS G 223 -9.07 26.99 -18.71
CA LYS G 223 -10.30 27.77 -18.89
C LYS G 223 -9.96 29.25 -19.05
N ASN G 224 -10.41 29.87 -20.14
CA ASN G 224 -10.20 31.31 -20.27
C ASN G 224 -11.46 32.14 -20.01
N ALA G 225 -11.28 33.45 -19.88
CA ALA G 225 -12.36 34.35 -19.48
C ALA G 225 -13.59 34.22 -20.39
N GLU G 226 -13.32 34.10 -21.69
CA GLU G 226 -14.38 33.98 -22.70
C GLU G 226 -15.33 32.80 -22.42
N ASN G 227 -14.82 31.77 -21.76
CA ASN G 227 -15.63 30.60 -21.40
C ASN G 227 -16.73 30.90 -20.37
N LEU G 228 -16.74 32.12 -19.84
CA LEU G 228 -17.69 32.53 -18.81
C LEU G 228 -19.00 33.06 -19.40
N TYR G 229 -18.98 33.38 -20.68
CA TYR G 229 -20.15 33.97 -21.33
C TYR G 229 -21.22 32.91 -21.62
N PHE G 230 -22.44 33.15 -21.15
CA PHE G 230 -23.59 32.34 -21.56
C PHE G 230 -24.53 33.20 -22.38
N LEU H 5 -18.48 -17.58 5.15
CA LEU H 5 -17.92 -18.67 4.35
C LEU H 5 -17.60 -19.89 5.18
N LYS H 6 -17.93 -21.07 4.65
CA LYS H 6 -17.61 -22.33 5.31
C LYS H 6 -16.21 -22.76 4.91
N PRO H 7 -15.55 -23.60 5.73
CA PRO H 7 -14.20 -24.04 5.36
C PRO H 7 -14.24 -24.83 4.05
N ILE H 8 -13.23 -24.64 3.22
CA ILE H 8 -13.07 -25.47 2.05
C ILE H 8 -12.35 -26.75 2.46
N LYS H 9 -12.86 -27.90 2.02
CA LYS H 9 -12.26 -29.19 2.35
C LYS H 9 -11.17 -29.51 1.35
N LEU H 10 -9.93 -29.62 1.83
CA LEU H 10 -8.81 -29.95 0.96
C LEU H 10 -8.37 -31.41 1.18
N TYR H 11 -8.42 -32.21 0.12
CA TYR H 11 -7.92 -33.58 0.16
C TYR H 11 -6.54 -33.56 -0.49
N THR H 12 -5.49 -33.85 0.28
CA THR H 12 -4.14 -33.54 -0.19
C THR H 12 -3.04 -34.40 0.44
N ALA H 13 -1.79 -34.05 0.13
CA ALA H 13 -0.61 -34.75 0.62
C ALA H 13 0.58 -33.80 0.51
N PRO H 14 1.68 -34.10 1.23
CA PRO H 14 2.85 -33.22 1.12
C PRO H 14 3.60 -33.48 -0.18
N THR H 15 3.09 -32.93 -1.27
CA THR H 15 3.60 -33.14 -2.62
C THR H 15 3.62 -31.80 -3.36
N PRO H 16 4.33 -31.70 -4.50
CA PRO H 16 4.35 -30.42 -5.22
C PRO H 16 2.94 -29.99 -5.67
N ASN H 17 2.06 -30.93 -5.99
CA ASN H 17 0.71 -30.59 -6.43
C ASN H 17 -0.19 -30.16 -5.25
N GLY H 18 0.00 -30.75 -4.09
CA GLY H 18 -0.74 -30.36 -2.90
C GLY H 18 -0.39 -28.95 -2.43
N TYR H 19 0.90 -28.65 -2.47
CA TYR H 19 1.42 -27.35 -2.07
C TYR H 19 0.89 -26.20 -2.93
N LYS H 20 0.70 -26.45 -4.22
CA LYS H 20 0.03 -25.46 -5.09
C LYS H 20 -1.27 -24.93 -4.46
N ILE H 21 -2.05 -25.83 -3.88
CA ILE H 21 -3.38 -25.50 -3.42
C ILE H 21 -3.41 -24.96 -1.98
N SER H 22 -2.60 -25.53 -1.09
CA SER H 22 -2.50 -24.99 0.26
C SER H 22 -1.89 -23.59 0.25
N ILE H 23 -0.90 -23.37 -0.62
CA ILE H 23 -0.34 -22.04 -0.79
C ILE H 23 -1.37 -21.03 -1.32
N PHE H 24 -2.10 -21.39 -2.36
CA PHE H 24 -3.03 -20.42 -2.93
C PHE H 24 -4.16 -20.11 -1.96
N LEU H 25 -4.66 -21.13 -1.26
CA LEU H 25 -5.69 -20.93 -0.24
C LEU H 25 -5.23 -19.96 0.85
N GLU H 26 -4.01 -20.16 1.35
CA GLU H 26 -3.43 -19.28 2.38
C GLU H 26 -3.25 -17.87 1.85
N VAL H 27 -2.85 -17.78 0.60
CA VAL H 27 -2.62 -16.50 -0.06
C VAL H 27 -3.92 -15.69 -0.16
N LEU H 28 -5.05 -16.39 -0.37
CA LEU H 28 -6.36 -15.76 -0.53
C LEU H 28 -7.03 -15.54 0.82
N GLY H 29 -6.36 -15.97 1.89
CA GLY H 29 -6.88 -15.82 3.24
C GLY H 29 -8.10 -16.67 3.53
N LEU H 30 -8.27 -17.77 2.80
CA LEU H 30 -9.44 -18.62 2.94
C LEU H 30 -9.31 -19.64 4.07
N ASP H 31 -10.40 -19.86 4.80
CA ASP H 31 -10.47 -20.91 5.79
C ASP H 31 -10.62 -22.27 5.13
N TYR H 32 -9.83 -23.26 5.57
CA TYR H 32 -9.95 -24.58 5.00
C TYR H 32 -9.51 -25.67 5.98
N GLU H 33 -10.05 -26.86 5.79
CA GLU H 33 -9.66 -28.02 6.58
C GLU H 33 -9.04 -29.09 5.69
N VAL H 34 -8.06 -29.81 6.23
CA VAL H 34 -7.26 -30.74 5.43
C VAL H 34 -7.56 -32.19 5.77
N GLN H 35 -7.77 -33.01 4.74
CA GLN H 35 -7.71 -34.46 4.93
C GLN H 35 -6.47 -35.00 4.23
N LYS H 36 -5.61 -35.64 5.01
CA LYS H 36 -4.29 -36.06 4.55
C LYS H 36 -4.35 -37.49 3.99
N PHE H 37 -3.57 -37.74 2.95
CA PHE H 37 -3.50 -39.07 2.34
C PHE H 37 -2.08 -39.63 2.42
N ASP H 38 -1.97 -40.94 2.61
CA ASP H 38 -0.68 -41.61 2.56
C ASP H 38 -0.57 -42.27 1.19
N LEU H 39 0.33 -41.77 0.38
CA LEU H 39 0.47 -42.29 -0.97
C LEU H 39 1.14 -43.67 -0.97
N SER H 40 1.87 -43.99 0.10
CA SER H 40 2.58 -45.26 0.19
C SER H 40 1.61 -46.40 0.52
N LYS H 41 0.45 -46.03 1.06
CA LYS H 41 -0.60 -47.00 1.36
C LYS H 41 -1.71 -46.96 0.31
N ASN H 42 -1.44 -46.31 -0.83
CA ASN H 42 -2.39 -46.23 -1.95
C ASN H 42 -3.77 -45.67 -1.62
N GLU H 43 -3.82 -44.73 -0.68
CA GLU H 43 -5.08 -44.22 -0.15
C GLU H 43 -5.92 -43.45 -1.17
N THR H 44 -5.28 -42.86 -2.18
CA THR H 44 -6.03 -42.11 -3.18
C THR H 44 -6.79 -43.00 -4.16
N LYS H 45 -6.55 -44.32 -4.08
CA LYS H 45 -7.25 -45.28 -4.91
C LYS H 45 -8.41 -45.98 -4.19
N GLU H 46 -8.68 -45.58 -2.94
CA GLU H 46 -9.81 -46.12 -2.19
C GLU H 46 -11.16 -45.75 -2.81
N ASP H 47 -12.14 -46.63 -2.64
CA ASP H 47 -13.43 -46.50 -3.32
C ASP H 47 -14.17 -45.20 -3.00
N TRP H 48 -14.19 -44.82 -1.73
CA TRP H 48 -14.90 -43.61 -1.30
C TRP H 48 -14.36 -42.37 -2.01
N PHE H 49 -13.04 -42.32 -2.17
CA PHE H 49 -12.41 -41.15 -2.78
C PHE H 49 -12.49 -41.18 -4.30
N VAL H 50 -12.31 -42.36 -4.90
CA VAL H 50 -12.48 -42.48 -6.35
C VAL H 50 -13.89 -42.04 -6.77
N LYS H 51 -14.86 -42.25 -5.89
CA LYS H 51 -16.21 -41.76 -6.12
C LYS H 51 -16.24 -40.23 -6.27
N LEU H 52 -15.43 -39.53 -5.47
CA LEU H 52 -15.28 -38.09 -5.57
C LEU H 52 -14.42 -37.68 -6.77
N ASN H 53 -13.31 -38.38 -6.96
CA ASN H 53 -12.35 -38.08 -8.03
C ASN H 53 -12.05 -39.32 -8.85
N PRO H 54 -12.66 -39.44 -10.04
CA PRO H 54 -12.51 -40.62 -10.90
C PRO H 54 -11.05 -40.96 -11.15
N ASN H 55 -10.19 -39.95 -11.18
CA ASN H 55 -8.79 -40.13 -11.48
C ASN H 55 -8.05 -40.81 -10.31
N GLY H 56 -8.60 -40.66 -9.12
CA GLY H 56 -8.03 -41.29 -7.94
C GLY H 56 -6.67 -40.74 -7.57
N ARG H 57 -6.52 -39.42 -7.62
CA ARG H 57 -5.29 -38.75 -7.19
C ARG H 57 -5.58 -37.47 -6.42
N ILE H 58 -4.61 -36.99 -5.63
CA ILE H 58 -4.78 -35.72 -4.94
C ILE H 58 -4.07 -34.62 -5.73
N PRO H 59 -4.46 -33.35 -5.52
CA PRO H 59 -5.49 -32.83 -4.61
C PRO H 59 -6.88 -32.70 -5.22
N THR H 60 -7.87 -32.60 -4.32
CA THR H 60 -9.26 -32.43 -4.69
C THR H 60 -9.85 -31.52 -3.63
N ILE H 61 -10.81 -30.68 -4.00
CA ILE H 61 -11.52 -29.88 -3.00
C ILE H 61 -13.03 -30.10 -3.01
N ASN H 62 -13.65 -29.83 -1.87
CA ASN H 62 -15.08 -29.70 -1.79
C ASN H 62 -15.35 -28.30 -1.28
N ASP H 63 -16.03 -27.48 -2.06
CA ASP H 63 -16.38 -26.14 -1.62
C ASP H 63 -17.84 -26.14 -1.27
N PRO H 64 -18.14 -26.14 0.03
CA PRO H 64 -19.52 -26.17 0.52
C PRO H 64 -20.24 -24.83 0.27
N ASN H 65 -19.48 -23.77 -0.03
CA ASN H 65 -20.06 -22.47 -0.28
C ASN H 65 -20.59 -22.31 -1.71
N PHE H 66 -20.32 -23.29 -2.56
CA PHE H 66 -20.86 -23.26 -3.92
C PHE H 66 -22.31 -23.72 -3.89
N LYS H 67 -23.23 -22.80 -4.15
CA LYS H 67 -24.63 -23.02 -3.84
C LYS H 67 -25.39 -23.91 -4.83
N GLY H 68 -24.93 -23.99 -6.08
CA GLY H 68 -25.62 -24.81 -7.06
C GLY H 68 -25.68 -26.30 -6.73
N VAL H 69 -24.59 -26.83 -6.19
CA VAL H 69 -24.47 -28.27 -5.97
C VAL H 69 -24.78 -28.69 -4.54
N ASP H 70 -25.68 -29.65 -4.40
CA ASP H 70 -25.99 -30.23 -3.09
C ASP H 70 -24.78 -30.95 -2.52
N GLY H 71 -24.31 -30.49 -1.37
CA GLY H 71 -23.12 -31.04 -0.76
C GLY H 71 -21.85 -30.25 -1.08
N GLY H 72 -21.96 -29.29 -1.98
CA GLY H 72 -20.83 -28.48 -2.40
C GLY H 72 -20.20 -28.93 -3.72
N LEU H 73 -19.42 -28.04 -4.32
CA LEU H 73 -18.74 -28.36 -5.57
C LEU H 73 -17.49 -29.20 -5.30
N VAL H 74 -17.42 -30.35 -5.94
CA VAL H 74 -16.26 -31.22 -5.80
C VAL H 74 -15.44 -31.07 -7.07
N LEU H 75 -14.15 -30.78 -6.91
CA LEU H 75 -13.31 -30.38 -8.02
C LEU H 75 -11.90 -30.90 -7.85
N SER H 76 -11.40 -31.62 -8.86
CA SER H 76 -10.01 -32.09 -8.91
C SER H 76 -9.22 -31.43 -10.04
N GLN H 77 -7.94 -31.81 -10.18
CA GLN H 77 -6.96 -31.15 -11.07
C GLN H 77 -6.49 -29.80 -10.51
N THR H 78 -5.19 -29.69 -10.23
CA THR H 78 -4.63 -28.46 -9.66
C THR H 78 -4.93 -27.26 -10.55
N GLY H 79 -4.79 -27.46 -11.86
CA GLY H 79 -5.04 -26.39 -12.81
C GLY H 79 -6.46 -25.86 -12.72
N ALA H 80 -7.43 -26.75 -12.53
CA ALA H 80 -8.84 -26.36 -12.45
C ALA H 80 -9.21 -25.82 -11.06
N ILE H 81 -8.69 -26.44 -10.02
CA ILE H 81 -8.91 -25.94 -8.66
C ILE H 81 -8.38 -24.51 -8.51
N LEU H 82 -7.19 -24.25 -9.04
CA LEU H 82 -6.59 -22.92 -9.01
C LEU H 82 -7.40 -21.87 -9.79
N GLN H 83 -7.85 -22.22 -10.98
CA GLN H 83 -8.63 -21.28 -11.78
C GLN H 83 -9.93 -20.96 -11.05
N TYR H 84 -10.55 -22.00 -10.48
CA TYR H 84 -11.78 -21.84 -9.72
C TYR H 84 -11.63 -20.91 -8.51
N LEU H 85 -10.60 -21.18 -7.70
CA LEU H 85 -10.41 -20.43 -6.46
C LEU H 85 -10.14 -18.96 -6.76
N ALA H 86 -9.43 -18.71 -7.84
CA ALA H 86 -9.17 -17.35 -8.25
C ALA H 86 -10.42 -16.65 -8.81
N ASP H 87 -11.28 -17.37 -9.55
CA ASP H 87 -12.51 -16.76 -10.08
C ASP H 87 -13.45 -16.40 -8.93
N THR H 88 -13.46 -17.24 -7.92
CA THR H 88 -14.48 -17.18 -6.89
C THR H 88 -14.08 -16.30 -5.70
N TYR H 89 -12.80 -16.26 -5.39
CA TYR H 89 -12.32 -15.66 -4.14
C TYR H 89 -11.26 -14.57 -4.27
N ASP H 90 -10.86 -14.23 -5.50
CA ASP H 90 -9.96 -13.11 -5.73
C ASP H 90 -10.67 -11.99 -6.53
N LYS H 91 -11.77 -11.48 -6.00
CA LYS H 91 -12.56 -10.55 -6.78
C LYS H 91 -11.95 -9.15 -6.86
N GLU H 92 -11.01 -8.86 -5.95
CA GLU H 92 -10.22 -7.63 -6.02
C GLU H 92 -9.11 -7.72 -7.07
N HIS H 93 -8.92 -8.90 -7.64
CA HIS H 93 -7.86 -9.13 -8.61
C HIS H 93 -6.49 -8.79 -8.07
N LYS H 94 -6.22 -9.22 -6.83
CA LYS H 94 -4.88 -9.15 -6.27
C LYS H 94 -3.94 -10.17 -6.91
N PHE H 95 -4.47 -11.35 -7.18
CA PHE H 95 -3.67 -12.46 -7.71
C PHE H 95 -4.26 -13.03 -8.99
N SER H 96 -4.98 -12.19 -9.72
CA SER H 96 -5.65 -12.60 -10.95
C SER H 96 -6.04 -11.39 -11.79
N TYR H 97 -6.38 -11.64 -13.05
CA TYR H 97 -6.84 -10.59 -13.94
C TYR H 97 -8.28 -10.89 -14.29
N PRO H 98 -9.06 -9.85 -14.62
CA PRO H 98 -10.48 -10.01 -14.96
C PRO H 98 -10.67 -10.89 -16.16
N ALA H 99 -11.73 -11.69 -16.15
CA ALA H 99 -12.06 -12.58 -17.25
C ALA H 99 -12.16 -11.80 -18.56
N GLY H 100 -11.53 -12.33 -19.60
CA GLY H 100 -11.69 -11.79 -20.94
C GLY H 100 -10.57 -10.89 -21.40
N THR H 101 -9.67 -10.54 -20.49
CA THR H 101 -8.55 -9.69 -20.84
C THR H 101 -7.38 -10.54 -21.29
N ALA H 102 -6.47 -9.96 -22.05
CA ALA H 102 -5.28 -10.68 -22.52
C ALA H 102 -4.47 -11.27 -21.36
N GLU H 103 -4.35 -10.54 -20.24
CA GLU H 103 -3.50 -11.02 -19.15
C GLU H 103 -4.16 -12.23 -18.52
N TYR H 104 -5.48 -12.25 -18.58
CA TYR H 104 -6.24 -13.39 -18.11
C TYR H 104 -5.94 -14.64 -18.92
N TYR H 105 -5.85 -14.48 -20.24
CA TYR H 105 -5.63 -15.63 -21.10
C TYR H 105 -4.15 -16.04 -21.08
N LYS H 106 -3.25 -15.07 -20.94
CA LYS H 106 -1.84 -15.38 -20.71
C LYS H 106 -1.62 -16.14 -19.39
N THR H 107 -2.30 -15.72 -18.34
CA THR H 107 -2.24 -16.44 -17.07
C THR H 107 -2.63 -17.88 -17.32
N LEU H 108 -3.75 -18.05 -18.03
CA LEU H 108 -4.24 -19.36 -18.41
C LEU H 108 -3.20 -20.18 -19.17
N GLU H 109 -2.56 -19.56 -20.15
CA GLU H 109 -1.58 -20.26 -20.97
C GLU H 109 -0.40 -20.81 -20.13
N TYR H 110 0.13 -19.97 -19.23
CA TYR H 110 1.25 -20.36 -18.40
C TYR H 110 0.83 -21.32 -17.30
N LEU H 111 -0.38 -21.17 -16.78
CA LEU H 111 -0.90 -22.16 -15.86
C LEU H 111 -0.96 -23.54 -16.55
N ILE H 112 -1.49 -23.57 -17.77
CA ILE H 112 -1.64 -24.82 -18.49
C ILE H 112 -0.27 -25.38 -18.83
N PHE H 113 0.65 -24.48 -19.17
CA PHE H 113 2.02 -24.88 -19.50
C PHE H 113 2.58 -25.65 -18.33
N GLN H 114 2.34 -25.14 -17.13
CA GLN H 114 2.75 -25.79 -15.91
C GLN H 114 2.10 -27.16 -15.69
N VAL H 115 0.77 -27.25 -15.73
CA VAL H 115 0.14 -28.53 -15.42
C VAL H 115 0.32 -29.58 -16.52
N ALA H 116 0.60 -29.14 -17.75
CA ALA H 116 0.70 -30.07 -18.88
C ALA H 116 2.13 -30.50 -19.17
N GLU H 117 3.10 -29.67 -18.80
CA GLU H 117 4.48 -29.92 -19.18
C GLU H 117 5.44 -29.98 -17.99
N ASN H 118 5.54 -28.88 -17.23
CA ASN H 118 6.43 -28.85 -16.09
C ASN H 118 6.14 -29.99 -15.11
N GLY H 119 4.91 -30.04 -14.60
CA GLY H 119 4.53 -31.07 -13.63
C GLY H 119 4.72 -32.53 -14.07
N PRO H 120 4.13 -32.91 -15.21
CA PRO H 120 4.27 -34.27 -15.75
C PRO H 120 5.72 -34.68 -16.02
N ILE H 121 6.49 -33.79 -16.62
CA ILE H 121 7.86 -34.09 -17.02
C ILE H 121 8.81 -34.15 -15.81
N GLN H 122 8.67 -33.20 -14.89
CA GLN H 122 9.49 -33.24 -13.67
C GLN H 122 9.08 -34.44 -12.80
N GLY H 123 7.81 -34.81 -12.89
CA GLY H 123 7.33 -36.04 -12.29
C GLY H 123 8.03 -37.27 -12.85
N GLN H 124 8.17 -37.35 -14.18
CA GLN H 124 8.87 -38.47 -14.82
C GLN H 124 10.33 -38.52 -14.40
N ALA H 125 10.98 -37.36 -14.39
CA ALA H 125 12.35 -37.23 -13.91
C ALA H 125 12.45 -37.81 -12.50
N ASN H 126 11.54 -37.39 -11.63
CA ASN H 126 11.54 -37.88 -10.26
C ASN H 126 11.39 -39.38 -10.24
N HIS H 127 10.48 -39.89 -11.06
CA HIS H 127 10.25 -41.32 -11.10
C HIS H 127 11.51 -42.11 -11.49
N PHE H 128 12.21 -41.66 -12.53
CA PHE H 128 13.33 -42.43 -13.05
C PHE H 128 14.56 -42.32 -12.17
N VAL H 129 14.65 -41.20 -11.45
CA VAL H 129 15.77 -40.95 -10.56
C VAL H 129 15.61 -41.58 -9.19
N PHE H 130 14.42 -41.52 -8.58
CA PHE H 130 14.29 -42.13 -7.24
C PHE H 130 13.32 -43.30 -7.14
N ALA H 131 12.25 -43.29 -7.92
CA ALA H 131 11.16 -44.24 -7.69
C ALA H 131 11.28 -45.57 -8.45
N ALA H 132 11.85 -45.55 -9.65
CA ALA H 132 11.95 -46.77 -10.45
C ALA H 132 12.76 -47.84 -9.71
N LYS H 133 12.32 -49.09 -9.80
CA LYS H 133 13.02 -50.19 -9.15
C LYS H 133 14.03 -50.83 -10.10
N GLU H 134 14.35 -50.12 -11.17
CA GLU H 134 15.51 -50.41 -12.00
C GLU H 134 16.03 -49.10 -12.62
N LYS H 135 17.32 -49.10 -12.97
CA LYS H 135 17.91 -47.89 -13.51
C LYS H 135 17.75 -47.87 -15.03
N VAL H 136 17.11 -46.81 -15.53
CA VAL H 136 16.91 -46.66 -16.96
C VAL H 136 17.54 -45.35 -17.39
N PRO H 137 18.84 -45.40 -17.72
CA PRO H 137 19.64 -44.22 -18.07
C PRO H 137 19.00 -43.42 -19.21
N TYR H 138 18.43 -44.13 -20.17
CA TYR H 138 17.70 -43.47 -21.24
C TYR H 138 16.64 -42.51 -20.68
N GLY H 139 15.84 -43.00 -19.73
CA GLY H 139 14.77 -42.21 -19.14
C GLY H 139 15.25 -41.08 -18.24
N ILE H 140 16.32 -41.35 -17.49
CA ILE H 140 16.95 -40.33 -16.67
C ILE H 140 17.42 -39.17 -17.56
N ASN H 141 18.20 -39.48 -18.58
CA ASN H 141 18.68 -38.46 -19.50
C ASN H 141 17.53 -37.68 -20.16
N ARG H 142 16.56 -38.42 -20.69
CA ARG H 142 15.40 -37.80 -21.35
C ARG H 142 14.64 -36.81 -20.46
N TYR H 143 14.29 -37.23 -19.25
CA TYR H 143 13.42 -36.38 -18.45
C TYR H 143 14.13 -35.29 -17.63
N ILE H 144 15.40 -35.51 -17.26
CA ILE H 144 16.20 -34.43 -16.66
C ILE H 144 16.45 -33.30 -17.67
N THR H 145 16.83 -33.68 -18.88
CA THR H 145 17.05 -32.73 -19.97
C THR H 145 15.77 -31.94 -20.30
N ASP H 146 14.63 -32.63 -20.31
CA ASP H 146 13.38 -31.98 -20.68
C ASP H 146 12.89 -31.03 -19.59
N THR H 147 13.15 -31.42 -18.34
CA THR H 147 12.82 -30.58 -17.20
C THR H 147 13.61 -29.28 -17.26
N LYS H 148 14.88 -29.36 -17.65
CA LYS H 148 15.73 -28.18 -17.73
C LYS H 148 15.25 -27.27 -18.86
N ARG H 149 14.87 -27.88 -19.98
CA ARG H 149 14.24 -27.16 -21.09
C ARG H 149 13.06 -26.32 -20.60
N ILE H 150 12.22 -26.91 -19.77
CA ILE H 150 10.99 -26.25 -19.31
C ILE H 150 11.28 -25.06 -18.39
N TYR H 151 12.20 -25.23 -17.45
CA TYR H 151 12.57 -24.11 -16.60
C TYR H 151 13.18 -22.99 -17.43
N GLY H 152 13.95 -23.38 -18.44
CA GLY H 152 14.49 -22.43 -19.39
C GLY H 152 13.40 -21.61 -20.08
N VAL H 153 12.26 -22.25 -20.38
CA VAL H 153 11.16 -21.52 -21.01
C VAL H 153 10.52 -20.52 -20.03
N PHE H 154 10.32 -20.98 -18.80
CA PHE H 154 9.81 -20.15 -17.73
C PHE H 154 10.73 -18.97 -17.42
N GLU H 155 12.03 -19.17 -17.60
CA GLU H 155 13.01 -18.09 -17.42
C GLU H 155 12.88 -17.08 -18.57
N ASP H 156 12.69 -17.58 -19.79
CA ASP H 156 12.42 -16.71 -20.94
C ASP H 156 11.11 -15.92 -20.73
N ILE H 157 10.09 -16.59 -20.21
CA ILE H 157 8.82 -15.92 -19.88
C ILE H 157 9.00 -14.77 -18.86
N LEU H 158 9.84 -14.98 -17.85
CA LEU H 158 10.12 -13.90 -16.90
C LEU H 158 10.83 -12.74 -17.60
N SER H 159 11.76 -13.05 -18.50
CA SER H 159 12.55 -12.02 -19.17
C SER H 159 11.72 -11.18 -20.14
N ARG H 160 10.55 -11.65 -20.52
CA ARG H 160 9.70 -10.87 -21.41
C ARG H 160 8.89 -9.84 -20.60
N ASN H 161 8.88 -10.01 -19.29
CA ASN H 161 8.13 -9.11 -18.42
C ASN H 161 9.07 -8.08 -17.77
N LYS H 162 9.81 -7.34 -18.59
CA LYS H 162 10.77 -6.38 -18.07
C LYS H 162 10.12 -5.11 -17.53
N ALA H 163 8.90 -4.82 -17.97
CA ALA H 163 8.15 -3.68 -17.46
C ALA H 163 7.91 -3.83 -15.97
N ASN H 164 7.83 -5.08 -15.52
CA ASN H 164 7.67 -5.34 -14.10
C ASN H 164 8.91 -6.00 -13.50
N ASP H 165 10.06 -5.68 -14.09
CA ASP H 165 11.36 -6.14 -13.58
C ASP H 165 11.46 -7.67 -13.45
N SER H 166 10.77 -8.38 -14.35
CA SER H 166 10.79 -9.83 -14.42
C SER H 166 10.44 -10.55 -13.11
N LYS H 167 9.50 -10.00 -12.36
CA LYS H 167 9.15 -10.52 -11.05
C LYS H 167 7.98 -11.46 -11.08
N TYR H 168 7.24 -11.45 -12.18
CA TYR H 168 5.99 -12.18 -12.28
C TYR H 168 5.85 -12.78 -13.67
N LEU H 169 5.20 -13.93 -13.76
CA LEU H 169 5.01 -14.54 -15.06
C LEU H 169 4.13 -13.65 -15.97
N VAL H 170 3.16 -12.98 -15.35
CA VAL H 170 2.19 -12.16 -16.09
C VAL H 170 1.97 -10.81 -15.42
N GLY H 171 2.37 -9.74 -16.08
CA GLY H 171 2.07 -8.39 -15.60
C GLY H 171 2.61 -8.05 -14.22
N ASP H 172 1.82 -7.33 -13.43
CA ASP H 172 2.30 -6.74 -12.17
C ASP H 172 1.85 -7.44 -10.90
N ARG H 173 1.49 -8.71 -11.00
CA ARG H 173 1.04 -9.46 -9.82
C ARG H 173 1.34 -10.95 -9.98
N TYR H 174 1.45 -11.65 -8.86
CA TYR H 174 1.50 -13.10 -8.91
C TYR H 174 0.13 -13.58 -9.32
N THR H 175 0.09 -14.62 -10.15
CA THR H 175 -1.16 -15.28 -10.51
C THR H 175 -1.06 -16.79 -10.22
N VAL H 176 -2.12 -17.53 -10.52
CA VAL H 176 -2.14 -18.97 -10.26
C VAL H 176 -1.06 -19.72 -11.05
N ALA H 177 -0.59 -19.11 -12.13
CA ALA H 177 0.53 -19.65 -12.89
C ALA H 177 1.81 -19.67 -12.06
N ASP H 178 2.10 -18.56 -11.38
CA ASP H 178 3.29 -18.48 -10.52
C ASP H 178 3.20 -19.52 -9.42
N PHE H 179 2.06 -19.56 -8.74
CA PHE H 179 1.88 -20.50 -7.63
C PHE H 179 1.88 -21.98 -8.08
N ALA H 180 1.41 -22.26 -9.30
CA ALA H 180 1.50 -23.61 -9.82
C ALA H 180 2.96 -24.04 -10.03
N LEU H 181 3.74 -23.19 -10.67
CA LEU H 181 5.15 -23.47 -10.90
C LEU H 181 5.91 -23.56 -9.57
N LEU H 182 5.53 -22.72 -8.63
CA LEU H 182 6.19 -22.66 -7.35
C LEU H 182 6.20 -24.02 -6.63
N GLY H 183 5.12 -24.77 -6.74
CA GLY H 183 4.99 -26.04 -6.03
C GLY H 183 6.06 -27.04 -6.43
N TRP H 184 6.40 -27.05 -7.72
CA TRP H 184 7.38 -27.96 -8.28
C TRP H 184 8.81 -27.42 -8.18
N ALA H 185 8.95 -26.11 -8.31
CA ALA H 185 10.26 -25.46 -8.19
C ALA H 185 10.88 -25.80 -6.84
N TYR H 186 10.03 -25.91 -5.84
CA TYR H 186 10.42 -26.30 -4.49
C TYR H 186 11.07 -27.68 -4.47
N ARG H 187 10.67 -28.55 -5.39
CA ARG H 187 11.17 -29.92 -5.39
C ARG H 187 12.35 -30.11 -6.31
N LEU H 188 12.73 -29.04 -7.00
CA LEU H 188 13.76 -29.13 -8.02
C LEU H 188 15.15 -29.51 -7.47
N SER H 189 15.48 -29.06 -6.26
CA SER H 189 16.79 -29.40 -5.69
C SER H 189 16.95 -30.89 -5.39
N ARG H 190 15.84 -31.61 -5.30
CA ARG H 190 15.92 -33.05 -5.08
C ARG H 190 16.52 -33.79 -6.29
N LEU H 191 16.47 -33.16 -7.47
CA LEU H 191 17.10 -33.72 -8.66
C LEU H 191 18.49 -33.16 -8.85
N GLU H 192 18.98 -32.45 -7.84
CA GLU H 192 20.31 -31.85 -7.83
C GLU H 192 20.47 -30.84 -8.94
N ILE H 193 19.42 -30.05 -9.16
CA ILE H 193 19.45 -28.98 -10.13
C ILE H 193 19.22 -27.68 -9.35
N ASP H 194 20.20 -26.77 -9.41
CA ASP H 194 20.11 -25.49 -8.73
C ASP H 194 19.29 -24.50 -9.56
N ILE H 195 18.09 -24.16 -9.09
CA ILE H 195 17.21 -23.18 -9.76
C ILE H 195 17.91 -21.84 -10.05
N ASN H 196 18.93 -21.50 -9.25
CA ASN H 196 19.66 -20.25 -9.40
C ASN H 196 20.47 -20.11 -10.69
N GLN H 197 20.66 -21.22 -11.41
CA GLN H 197 21.28 -21.14 -12.73
C GLN H 197 20.42 -20.32 -13.73
N TRP H 198 19.11 -20.22 -13.46
CA TRP H 198 18.22 -19.30 -14.19
C TRP H 198 18.01 -18.10 -13.26
N PRO H 199 18.82 -17.03 -13.44
CA PRO H 199 18.86 -15.93 -12.45
C PRO H 199 17.50 -15.27 -12.19
N LEU H 200 16.69 -15.05 -13.24
CA LEU H 200 15.36 -14.44 -13.02
C LEU H 200 14.50 -15.35 -12.17
N LEU H 201 14.49 -16.63 -12.51
CA LEU H 201 13.76 -17.64 -11.74
C LEU H 201 14.24 -17.72 -10.30
N GLY H 202 15.56 -17.60 -10.11
CA GLY H 202 16.14 -17.56 -8.77
C GLY H 202 15.59 -16.42 -7.93
N LYS H 203 15.63 -15.20 -8.45
CA LYS H 203 15.03 -14.04 -7.76
C LYS H 203 13.55 -14.24 -7.49
N TRP H 204 12.85 -14.80 -8.48
CA TRP H 204 11.39 -14.99 -8.41
C TRP H 204 11.07 -15.99 -7.29
N TYR H 205 11.86 -17.05 -7.21
CA TYR H 205 11.66 -18.08 -6.21
C TYR H 205 12.01 -17.54 -4.82
N ASP H 206 13.13 -16.86 -4.71
CA ASP H 206 13.52 -16.23 -3.44
C ASP H 206 12.46 -15.26 -2.96
N SER H 207 11.85 -14.51 -3.88
CA SER H 207 10.84 -13.52 -3.49
C SER H 207 9.62 -14.22 -2.90
N LEU H 208 9.20 -15.30 -3.55
CA LEU H 208 8.02 -16.03 -3.12
C LEU H 208 8.23 -16.72 -1.76
N LEU H 209 9.44 -17.25 -1.53
CA LEU H 209 9.72 -17.95 -0.28
C LEU H 209 9.66 -17.03 0.93
N LYS H 210 9.75 -15.73 0.69
CA LYS H 210 9.72 -14.77 1.79
C LYS H 210 8.28 -14.52 2.27
N LEU H 211 7.31 -14.75 1.40
CA LEU H 211 5.91 -14.52 1.74
C LEU H 211 5.40 -15.50 2.80
N PRO H 212 4.87 -14.97 3.90
CA PRO H 212 4.32 -15.80 5.00
C PRO H 212 3.28 -16.82 4.54
N ALA H 213 2.39 -16.45 3.63
CA ALA H 213 1.39 -17.40 3.14
C ALA H 213 2.02 -18.58 2.39
N VAL H 214 3.05 -18.30 1.59
CA VAL H 214 3.80 -19.33 0.91
C VAL H 214 4.44 -20.27 1.95
N GLN H 215 5.07 -19.68 2.96
CA GLN H 215 5.66 -20.47 4.03
C GLN H 215 4.67 -21.41 4.70
N LYS H 216 3.50 -20.90 5.10
CA LYS H 216 2.46 -21.74 5.71
C LYS H 216 1.98 -22.85 4.77
N GLY H 217 1.77 -22.49 3.51
CA GLY H 217 1.30 -23.45 2.52
C GLY H 217 2.23 -24.64 2.39
N PHE H 218 3.52 -24.38 2.44
CA PHE H 218 4.53 -25.44 2.33
C PHE H 218 4.57 -26.32 3.58
N GLU H 219 3.87 -25.90 4.63
CA GLU H 219 3.82 -26.69 5.85
C GLU H 219 2.53 -27.51 5.94
N VAL H 220 1.77 -27.53 4.85
CA VAL H 220 0.45 -28.16 4.84
C VAL H 220 0.25 -29.15 3.69
N PRO H 221 0.15 -30.45 4.02
CA PRO H 221 0.26 -31.01 5.38
C PRO H 221 1.72 -31.22 5.76
N PRO H 222 2.01 -31.41 7.06
CA PRO H 222 3.37 -31.60 7.58
C PRO H 222 4.22 -32.62 6.79
#